data_2E71
#
_entry.id   2E71
#
_entity_poly.entity_id   1
_entity_poly.type   'polypeptide(L)'
_entity_poly.pdbx_seq_one_letter_code
;GSSGSSGERREKKNKIMQAKEDFKKMMEEAKFNPRATFSEFAAKHAKDSRFKAIEKMKDREALFNEFVAAARKKEKESGP
SSG
;
_entity_poly.pdbx_strand_id   A
#
# COMPACT_ATOMS: atom_id res chain seq x y z
N GLY A 1 3.07 2.58 17.91
CA GLY A 1 2.23 1.39 18.00
C GLY A 1 1.92 0.80 16.63
N SER A 2 1.33 -0.39 16.63
CA SER A 2 0.98 -1.06 15.39
C SER A 2 -0.47 -0.82 15.02
N SER A 3 -0.78 -0.90 13.72
CA SER A 3 -2.12 -0.68 13.23
C SER A 3 -2.38 -1.48 11.96
N GLY A 4 -3.64 -1.54 11.55
CA GLY A 4 -4.00 -2.28 10.36
C GLY A 4 -5.40 -2.85 10.42
N SER A 5 -5.76 -3.66 9.43
CA SER A 5 -7.09 -4.27 9.38
C SER A 5 -6.99 -5.78 9.45
N SER A 6 -8.11 -6.43 9.75
CA SER A 6 -8.15 -7.89 9.85
C SER A 6 -9.48 -8.42 9.35
N GLY A 7 -9.45 -9.10 8.20
CA GLY A 7 -10.66 -9.66 7.63
C GLY A 7 -11.56 -8.59 7.02
N GLU A 8 -11.41 -8.38 5.71
CA GLU A 8 -12.21 -7.39 5.02
C GLU A 8 -13.39 -8.04 4.30
N ARG A 9 -14.24 -7.22 3.70
CA ARG A 9 -15.41 -7.71 2.98
C ARG A 9 -15.31 -7.39 1.49
N ARG A 10 -14.87 -8.37 0.71
CA ARG A 10 -14.73 -8.19 -0.73
C ARG A 10 -16.06 -8.46 -1.44
N GLU A 11 -16.22 -7.86 -2.62
CA GLU A 11 -17.44 -8.02 -3.41
C GLU A 11 -17.26 -9.10 -4.46
N LYS A 12 -18.36 -9.52 -5.08
CA LYS A 12 -18.32 -10.54 -6.12
C LYS A 12 -17.91 -9.94 -7.45
N LYS A 13 -16.90 -9.08 -7.43
CA LYS A 13 -16.40 -8.44 -8.64
C LYS A 13 -14.88 -8.36 -8.62
N ASN A 14 -14.29 -8.16 -9.80
CA ASN A 14 -12.84 -8.07 -9.92
C ASN A 14 -12.38 -6.62 -9.85
N LYS A 15 -12.96 -5.87 -8.92
CA LYS A 15 -12.61 -4.47 -8.73
C LYS A 15 -11.42 -4.31 -7.79
N ILE A 16 -11.52 -4.93 -6.62
CA ILE A 16 -10.46 -4.87 -5.63
C ILE A 16 -9.12 -5.30 -6.23
N MET A 17 -9.06 -6.55 -6.68
CA MET A 17 -7.85 -7.09 -7.28
C MET A 17 -7.21 -6.07 -8.22
N GLN A 18 -7.95 -5.69 -9.26
CA GLN A 18 -7.45 -4.72 -10.23
C GLN A 18 -6.79 -3.54 -9.54
N ALA A 19 -7.55 -2.82 -8.72
CA ALA A 19 -7.03 -1.67 -8.00
C ALA A 19 -5.79 -2.04 -7.19
N LYS A 20 -5.95 -2.94 -6.23
CA LYS A 20 -4.85 -3.38 -5.40
C LYS A 20 -3.59 -3.59 -6.23
N GLU A 21 -3.76 -4.15 -7.42
CA GLU A 21 -2.63 -4.40 -8.32
C GLU A 21 -1.97 -3.09 -8.74
N ASP A 22 -2.76 -2.20 -9.33
CA ASP A 22 -2.26 -0.92 -9.79
C ASP A 22 -1.61 -0.15 -8.64
N PHE A 23 -2.17 -0.30 -7.44
CA PHE A 23 -1.64 0.38 -6.26
C PHE A 23 -0.31 -0.22 -5.84
N LYS A 24 -0.34 -1.47 -5.41
CA LYS A 24 0.88 -2.16 -4.98
C LYS A 24 1.98 -2.04 -6.03
N LYS A 25 1.59 -2.15 -7.30
CA LYS A 25 2.54 -2.06 -8.40
C LYS A 25 2.99 -0.61 -8.60
N MET A 26 2.04 0.31 -8.57
CA MET A 26 2.34 1.73 -8.74
C MET A 26 3.39 2.19 -7.75
N MET A 27 3.26 1.76 -6.50
CA MET A 27 4.20 2.13 -5.46
C MET A 27 5.55 1.46 -5.68
N GLU A 28 5.53 0.16 -5.96
CA GLU A 28 6.75 -0.60 -6.20
C GLU A 28 7.63 0.11 -7.22
N GLU A 29 7.01 0.73 -8.23
CA GLU A 29 7.73 1.45 -9.26
C GLU A 29 8.26 2.79 -8.74
N ALA A 30 7.39 3.51 -8.02
CA ALA A 30 7.77 4.80 -7.47
C ALA A 30 9.03 4.69 -6.61
N LYS A 31 9.12 3.61 -5.85
CA LYS A 31 10.27 3.38 -4.98
C LYS A 31 10.54 4.61 -4.12
N PHE A 32 9.50 5.18 -3.53
CA PHE A 32 9.62 6.35 -2.69
C PHE A 32 10.37 6.01 -1.40
N ASN A 33 10.66 7.04 -0.61
CA ASN A 33 11.37 6.85 0.66
C ASN A 33 10.37 6.63 1.80
N PRO A 34 10.75 5.76 2.76
CA PRO A 34 9.92 5.45 3.92
C PRO A 34 9.82 6.63 4.89
N ARG A 35 10.77 7.55 4.80
CA ARG A 35 10.79 8.72 5.68
C ARG A 35 9.53 9.56 5.48
N ALA A 36 9.08 9.66 4.23
CA ALA A 36 7.88 10.43 3.92
C ALA A 36 6.66 9.88 4.65
N THR A 37 5.63 10.71 4.77
CA THR A 37 4.40 10.31 5.44
C THR A 37 3.33 9.89 4.44
N PHE A 38 2.41 9.02 4.88
CA PHE A 38 1.34 8.55 4.02
C PHE A 38 0.60 9.72 3.38
N SER A 39 0.30 10.74 4.19
CA SER A 39 -0.42 11.91 3.71
C SER A 39 0.26 12.48 2.47
N GLU A 40 1.55 12.75 2.59
CA GLU A 40 2.31 13.31 1.47
C GLU A 40 2.25 12.39 0.26
N PHE A 41 2.57 11.12 0.46
CA PHE A 41 2.55 10.14 -0.62
C PHE A 41 1.20 10.16 -1.35
N ALA A 42 0.13 10.10 -0.58
CA ALA A 42 -1.22 10.11 -1.14
C ALA A 42 -1.40 11.28 -2.11
N ALA A 43 -1.17 12.48 -1.61
CA ALA A 43 -1.31 13.69 -2.42
C ALA A 43 -0.36 13.65 -3.61
N LYS A 44 0.87 13.21 -3.36
CA LYS A 44 1.89 13.13 -4.41
C LYS A 44 1.39 12.28 -5.58
N HIS A 45 0.73 11.18 -5.26
CA HIS A 45 0.21 10.28 -6.29
C HIS A 45 -1.32 10.24 -6.25
N ALA A 46 -1.92 11.36 -5.85
CA ALA A 46 -3.38 11.46 -5.77
C ALA A 46 -3.99 11.64 -7.16
N LYS A 47 -3.36 12.46 -7.97
CA LYS A 47 -3.84 12.72 -9.33
C LYS A 47 -3.92 11.42 -10.14
N ASP A 48 -3.10 10.44 -9.75
CA ASP A 48 -3.09 9.16 -10.45
C ASP A 48 -4.45 8.47 -10.34
N SER A 49 -5.22 8.52 -11.42
CA SER A 49 -6.53 7.91 -11.45
C SER A 49 -6.56 6.63 -10.61
N ARG A 50 -5.71 5.67 -10.97
CA ARG A 50 -5.64 4.41 -10.26
C ARG A 50 -5.60 4.64 -8.75
N PHE A 51 -4.68 5.49 -8.31
CA PHE A 51 -4.54 5.79 -6.89
C PHE A 51 -5.88 6.20 -6.28
N LYS A 52 -6.64 7.01 -7.01
CA LYS A 52 -7.94 7.47 -6.55
C LYS A 52 -8.85 6.28 -6.22
N ALA A 53 -8.70 5.20 -6.98
CA ALA A 53 -9.50 4.00 -6.76
C ALA A 53 -9.54 3.62 -5.29
N ILE A 54 -8.39 3.76 -4.63
CA ILE A 54 -8.30 3.43 -3.20
C ILE A 54 -8.69 4.61 -2.34
N GLU A 55 -9.96 4.64 -1.94
CA GLU A 55 -10.46 5.73 -1.10
C GLU A 55 -10.45 5.33 0.38
N LYS A 56 -10.91 4.11 0.65
CA LYS A 56 -10.97 3.60 2.02
C LYS A 56 -9.68 3.94 2.77
N MET A 57 -9.73 4.98 3.60
CA MET A 57 -8.58 5.40 4.37
C MET A 57 -7.84 4.20 4.93
N LYS A 58 -8.56 3.34 5.64
CA LYS A 58 -7.96 2.15 6.23
C LYS A 58 -7.17 1.37 5.20
N ASP A 59 -7.74 1.20 4.02
CA ASP A 59 -7.09 0.47 2.94
C ASP A 59 -5.76 1.14 2.57
N ARG A 60 -5.78 2.46 2.46
CA ARG A 60 -4.58 3.21 2.10
C ARG A 60 -3.52 3.09 3.20
N GLU A 61 -3.91 3.37 4.44
CA GLU A 61 -3.00 3.29 5.56
C GLU A 61 -2.44 1.88 5.72
N ALA A 62 -3.28 0.89 5.44
CA ALA A 62 -2.87 -0.51 5.53
C ALA A 62 -1.87 -0.88 4.43
N LEU A 63 -2.31 -0.74 3.19
CA LEU A 63 -1.45 -1.06 2.05
C LEU A 63 -0.13 -0.29 2.13
N PHE A 64 -0.21 0.96 2.54
CA PHE A 64 0.98 1.80 2.67
C PHE A 64 1.85 1.35 3.83
N ASN A 65 1.25 1.23 5.00
CA ASN A 65 1.97 0.79 6.19
C ASN A 65 2.83 -0.43 5.89
N GLU A 66 2.21 -1.44 5.28
CA GLU A 66 2.92 -2.67 4.94
C GLU A 66 4.04 -2.40 3.93
N PHE A 67 3.73 -1.61 2.92
CA PHE A 67 4.70 -1.27 1.88
C PHE A 67 5.95 -0.65 2.51
N VAL A 68 5.76 0.41 3.28
CA VAL A 68 6.86 1.10 3.94
C VAL A 68 7.51 0.20 5.00
N ALA A 69 6.70 -0.55 5.72
CA ALA A 69 7.20 -1.45 6.75
C ALA A 69 8.26 -2.39 6.19
N ALA A 70 8.06 -2.83 4.95
CA ALA A 70 9.00 -3.74 4.31
C ALA A 70 10.09 -2.97 3.57
N ALA A 71 9.70 -1.85 2.96
CA ALA A 71 10.65 -1.01 2.22
C ALA A 71 11.86 -0.66 3.08
N ARG A 72 11.59 -0.22 4.31
CA ARG A 72 12.66 0.15 5.24
C ARG A 72 13.54 -1.06 5.58
N LYS A 73 12.89 -2.14 6.00
CA LYS A 73 13.61 -3.36 6.36
C LYS A 73 12.80 -4.60 5.98
N LYS A 74 13.50 -5.63 5.50
CA LYS A 74 12.86 -6.86 5.10
C LYS A 74 13.07 -7.96 6.15
N GLU A 75 14.27 -8.00 6.72
CA GLU A 75 14.61 -8.99 7.73
C GLU A 75 14.12 -8.56 9.10
N LYS A 76 12.84 -8.23 9.19
CA LYS A 76 12.24 -7.80 10.45
C LYS A 76 11.23 -8.82 10.96
N GLU A 77 10.84 -8.70 12.22
CA GLU A 77 9.88 -9.61 12.82
C GLU A 77 8.51 -9.44 12.17
N SER A 78 8.26 -10.19 11.10
CA SER A 78 6.99 -10.12 10.39
C SER A 78 6.67 -11.46 9.72
N GLY A 79 5.42 -11.89 9.86
CA GLY A 79 5.01 -13.14 9.26
C GLY A 79 3.50 -13.34 9.31
N PRO A 80 2.77 -12.47 8.60
CA PRO A 80 1.30 -12.52 8.54
C PRO A 80 0.81 -13.73 7.75
N SER A 81 1.44 -14.00 6.62
CA SER A 81 1.06 -15.13 5.78
C SER A 81 2.23 -16.09 5.58
N SER A 82 1.92 -17.37 5.47
CA SER A 82 2.95 -18.40 5.28
C SER A 82 3.30 -18.54 3.81
N GLY A 83 2.29 -18.78 2.99
CA GLY A 83 2.50 -18.94 1.56
C GLY A 83 2.84 -20.37 1.18
N GLY A 1 5.25 -12.22 -5.22
CA GLY A 1 5.51 -11.45 -4.02
C GLY A 1 4.26 -10.79 -3.48
N SER A 2 3.43 -11.57 -2.78
CA SER A 2 2.19 -11.05 -2.21
C SER A 2 2.12 -11.33 -0.72
N SER A 3 1.29 -10.58 -0.02
CA SER A 3 1.12 -10.75 1.42
C SER A 3 -0.24 -10.23 1.88
N GLY A 4 -0.63 -10.61 3.10
CA GLY A 4 -1.90 -10.17 3.64
C GLY A 4 -1.75 -9.41 4.94
N SER A 5 -2.88 -9.07 5.56
CA SER A 5 -2.87 -8.34 6.82
C SER A 5 -3.98 -8.83 7.74
N SER A 6 -3.78 -8.68 9.04
CA SER A 6 -4.76 -9.10 10.03
C SER A 6 -6.08 -8.34 9.85
N GLY A 7 -7.10 -9.03 9.35
CA GLY A 7 -8.39 -8.40 9.14
C GLY A 7 -9.11 -8.95 7.93
N GLU A 8 -10.44 -8.97 7.99
CA GLU A 8 -11.24 -9.48 6.88
C GLU A 8 -11.79 -8.33 6.04
N ARG A 9 -11.80 -8.52 4.72
CA ARG A 9 -12.31 -7.51 3.81
C ARG A 9 -13.12 -8.14 2.69
N ARG A 10 -14.15 -7.42 2.23
CA ARG A 10 -15.00 -7.91 1.16
C ARG A 10 -14.18 -8.53 0.03
N GLU A 11 -14.71 -9.59 -0.56
CA GLU A 11 -14.01 -10.27 -1.65
C GLU A 11 -14.88 -10.29 -2.91
N LYS A 12 -16.19 -10.33 -2.73
CA LYS A 12 -17.13 -10.35 -3.84
C LYS A 12 -16.80 -9.25 -4.84
N LYS A 13 -16.52 -8.06 -4.32
CA LYS A 13 -16.19 -6.92 -5.17
C LYS A 13 -14.84 -7.11 -5.85
N ASN A 14 -14.86 -7.43 -7.14
CA ASN A 14 -13.62 -7.64 -7.89
C ASN A 14 -12.77 -6.38 -7.91
N LYS A 15 -13.42 -5.23 -8.05
CA LYS A 15 -12.73 -3.95 -8.08
C LYS A 15 -11.56 -3.95 -7.10
N ILE A 16 -11.79 -4.51 -5.92
CA ILE A 16 -10.75 -4.57 -4.89
C ILE A 16 -9.45 -5.12 -5.46
N MET A 17 -9.51 -6.32 -6.01
CA MET A 17 -8.33 -6.95 -6.60
C MET A 17 -7.68 -6.04 -7.63
N GLN A 18 -8.41 -5.75 -8.70
CA GLN A 18 -7.90 -4.88 -9.76
C GLN A 18 -7.19 -3.67 -9.17
N ALA A 19 -7.93 -2.86 -8.42
CA ALA A 19 -7.36 -1.66 -7.80
C ALA A 19 -6.10 -1.99 -7.02
N LYS A 20 -6.24 -2.86 -6.02
CA LYS A 20 -5.10 -3.26 -5.20
C LYS A 20 -3.88 -3.59 -6.07
N GLU A 21 -4.13 -4.21 -7.22
CA GLU A 21 -3.06 -4.57 -8.13
C GLU A 21 -2.33 -3.33 -8.63
N ASP A 22 -3.09 -2.35 -9.13
CA ASP A 22 -2.52 -1.11 -9.64
C ASP A 22 -1.83 -0.34 -8.51
N PHE A 23 -2.32 -0.50 -7.29
CA PHE A 23 -1.75 0.18 -6.14
C PHE A 23 -0.41 -0.43 -5.74
N LYS A 24 -0.45 -1.71 -5.38
CA LYS A 24 0.76 -2.43 -4.98
C LYS A 24 1.87 -2.24 -6.00
N LYS A 25 1.52 -2.38 -7.28
CA LYS A 25 2.49 -2.22 -8.36
C LYS A 25 2.88 -0.76 -8.54
N MET A 26 1.90 0.13 -8.36
CA MET A 26 2.15 1.56 -8.50
C MET A 26 3.15 2.05 -7.46
N MET A 27 3.13 1.42 -6.29
CA MET A 27 4.04 1.79 -5.21
C MET A 27 5.43 1.20 -5.45
N GLU A 28 5.47 -0.06 -5.87
CA GLU A 28 6.74 -0.73 -6.13
C GLU A 28 7.50 -0.03 -7.26
N GLU A 29 6.76 0.52 -8.22
CA GLU A 29 7.37 1.21 -9.34
C GLU A 29 7.85 2.60 -8.94
N ALA A 30 6.98 3.35 -8.27
CA ALA A 30 7.31 4.69 -7.82
C ALA A 30 8.59 4.70 -7.00
N LYS A 31 8.84 3.60 -6.30
CA LYS A 31 10.04 3.47 -5.48
C LYS A 31 10.22 4.71 -4.60
N PHE A 32 9.15 5.12 -3.94
CA PHE A 32 9.19 6.28 -3.06
C PHE A 32 10.04 6.00 -1.82
N ASN A 33 10.17 7.01 -0.97
CA ASN A 33 10.96 6.87 0.26
C ASN A 33 10.05 6.68 1.47
N PRO A 34 10.51 5.85 2.43
CA PRO A 34 9.76 5.56 3.65
C PRO A 34 9.69 6.76 4.58
N ARG A 35 10.54 7.75 4.33
CA ARG A 35 10.57 8.96 5.16
C ARG A 35 9.29 9.77 4.98
N ALA A 36 8.64 9.59 3.83
CA ALA A 36 7.40 10.32 3.54
C ALA A 36 6.25 9.78 4.38
N THR A 37 5.32 10.66 4.74
CA THR A 37 4.17 10.28 5.54
C THR A 37 2.94 10.06 4.67
N PHE A 38 2.09 9.11 5.07
CA PHE A 38 0.88 8.80 4.32
C PHE A 38 0.20 10.07 3.83
N SER A 39 0.21 11.10 4.66
CA SER A 39 -0.40 12.37 4.32
C SER A 39 0.16 12.91 2.99
N GLU A 40 1.48 13.03 2.93
CA GLU A 40 2.14 13.52 1.72
C GLU A 40 2.03 12.51 0.59
N PHE A 41 2.42 11.27 0.87
CA PHE A 41 2.37 10.21 -0.13
C PHE A 41 1.01 10.18 -0.83
N ALA A 42 -0.04 10.39 -0.05
CA ALA A 42 -1.39 10.39 -0.58
C ALA A 42 -1.66 11.63 -1.44
N ALA A 43 -1.42 12.80 -0.85
CA ALA A 43 -1.63 14.06 -1.56
C ALA A 43 -0.85 14.09 -2.87
N LYS A 44 0.26 13.37 -2.90
CA LYS A 44 1.10 13.30 -4.10
C LYS A 44 0.60 12.22 -5.06
N HIS A 45 0.61 10.98 -4.60
CA HIS A 45 0.16 9.86 -5.42
C HIS A 45 -1.32 10.01 -5.78
N ALA A 46 -1.98 10.98 -5.15
CA ALA A 46 -3.39 11.23 -5.40
C ALA A 46 -3.64 11.55 -6.87
N LYS A 47 -2.92 12.54 -7.38
CA LYS A 47 -3.05 12.95 -8.77
C LYS A 47 -2.99 11.74 -9.71
N ASP A 48 -2.40 10.65 -9.22
CA ASP A 48 -2.29 9.43 -10.00
C ASP A 48 -3.62 8.68 -10.05
N SER A 49 -4.33 8.80 -11.17
CA SER A 49 -5.61 8.13 -11.33
C SER A 49 -5.62 6.79 -10.62
N ARG A 50 -4.75 5.88 -11.06
CA ARG A 50 -4.66 4.56 -10.48
C ARG A 50 -4.82 4.62 -8.96
N PHE A 51 -4.05 5.48 -8.32
CA PHE A 51 -4.11 5.63 -6.87
C PHE A 51 -5.53 5.94 -6.42
N LYS A 52 -6.16 6.92 -7.07
CA LYS A 52 -7.52 7.31 -6.73
C LYS A 52 -8.41 6.08 -6.59
N ALA A 53 -8.08 5.01 -7.31
CA ALA A 53 -8.85 3.78 -7.27
C ALA A 53 -9.19 3.41 -5.83
N ILE A 54 -8.19 3.39 -4.97
CA ILE A 54 -8.39 3.05 -3.56
C ILE A 54 -8.86 4.26 -2.77
N GLU A 55 -10.17 4.38 -2.61
CA GLU A 55 -10.76 5.48 -1.87
C GLU A 55 -10.74 5.21 -0.36
N LYS A 56 -10.82 3.93 -0.01
CA LYS A 56 -10.81 3.52 1.39
C LYS A 56 -9.54 4.00 2.09
N MET A 57 -9.66 5.11 2.82
CA MET A 57 -8.52 5.67 3.54
C MET A 57 -7.83 4.61 4.37
N LYS A 58 -8.62 3.75 5.02
CA LYS A 58 -8.08 2.69 5.85
C LYS A 58 -7.16 1.77 5.04
N ASP A 59 -7.64 1.36 3.87
CA ASP A 59 -6.86 0.48 2.99
C ASP A 59 -5.54 1.13 2.62
N ARG A 60 -5.59 2.37 2.17
CA ARG A 60 -4.40 3.11 1.79
C ARG A 60 -3.32 3.01 2.86
N GLU A 61 -3.70 3.37 4.09
CA GLU A 61 -2.77 3.32 5.21
C GLU A 61 -2.21 1.91 5.40
N ALA A 62 -3.06 0.91 5.20
CA ALA A 62 -2.65 -0.48 5.35
C ALA A 62 -1.62 -0.86 4.29
N LEU A 63 -2.02 -0.81 3.02
CA LEU A 63 -1.13 -1.15 1.92
C LEU A 63 0.16 -0.33 1.98
N PHE A 64 0.02 0.97 2.22
CA PHE A 64 1.17 1.86 2.31
C PHE A 64 2.05 1.49 3.50
N ASN A 65 1.41 1.21 4.64
CA ASN A 65 2.13 0.84 5.85
C ASN A 65 3.03 -0.37 5.60
N GLU A 66 2.42 -1.46 5.13
CA GLU A 66 3.17 -2.69 4.87
C GLU A 66 4.33 -2.42 3.91
N PHE A 67 4.06 -1.65 2.86
CA PHE A 67 5.08 -1.31 1.87
C PHE A 67 6.29 -0.66 2.53
N VAL A 68 6.03 0.42 3.26
CA VAL A 68 7.10 1.14 3.95
C VAL A 68 7.74 0.28 5.02
N ALA A 69 6.94 -0.58 5.65
CA ALA A 69 7.44 -1.47 6.68
C ALA A 69 8.58 -2.34 6.17
N ALA A 70 8.38 -2.94 5.00
CA ALA A 70 9.40 -3.80 4.40
C ALA A 70 10.45 -2.97 3.68
N ALA A 71 10.02 -1.90 3.02
CA ALA A 71 10.94 -1.03 2.29
C ALA A 71 12.14 -0.65 3.16
N ARG A 72 11.86 -0.17 4.37
CA ARG A 72 12.91 0.23 5.29
C ARG A 72 13.75 -0.96 5.71
N LYS A 73 13.08 -2.03 6.14
CA LYS A 73 13.76 -3.24 6.58
C LYS A 73 14.50 -3.89 5.42
N LYS A 74 15.32 -4.89 5.73
CA LYS A 74 16.09 -5.61 4.71
C LYS A 74 15.93 -7.11 4.86
N GLU A 75 15.96 -7.58 6.11
CA GLU A 75 15.82 -9.01 6.39
C GLU A 75 14.35 -9.40 6.51
N LYS A 76 13.55 -8.95 5.54
CA LYS A 76 12.12 -9.25 5.54
C LYS A 76 11.75 -10.09 4.32
N GLU A 77 11.77 -11.40 4.48
CA GLU A 77 11.44 -12.32 3.39
C GLU A 77 9.94 -12.55 3.32
N SER A 78 9.38 -12.40 2.12
CA SER A 78 7.95 -12.59 1.92
C SER A 78 7.62 -14.05 1.64
N GLY A 79 7.04 -14.71 2.64
CA GLY A 79 6.69 -16.12 2.49
C GLY A 79 5.59 -16.54 3.44
N PRO A 80 4.76 -17.50 3.00
CA PRO A 80 3.64 -18.01 3.80
C PRO A 80 4.12 -18.84 5.00
N SER A 81 3.38 -18.77 6.10
CA SER A 81 3.72 -19.51 7.30
C SER A 81 2.52 -19.64 8.22
N SER A 82 2.08 -20.88 8.44
CA SER A 82 0.94 -21.15 9.30
C SER A 82 1.05 -20.38 10.61
N GLY A 83 0.06 -19.54 10.88
CA GLY A 83 0.06 -18.75 12.09
C GLY A 83 -1.26 -18.82 12.84
N GLY A 1 8.47 -7.50 15.57
CA GLY A 1 7.74 -7.59 14.32
C GLY A 1 6.24 -7.63 14.52
N SER A 2 5.55 -6.57 14.11
CA SER A 2 4.11 -6.48 14.24
C SER A 2 3.41 -6.77 12.92
N SER A 3 2.18 -7.26 13.00
CA SER A 3 1.41 -7.58 11.81
C SER A 3 -0.05 -7.17 11.98
N GLY A 4 -0.73 -6.95 10.85
CA GLY A 4 -2.12 -6.54 10.90
C GLY A 4 -3.04 -7.65 11.40
N SER A 5 -4.26 -7.68 10.88
CA SER A 5 -5.23 -8.69 11.28
C SER A 5 -5.51 -9.66 10.14
N SER A 6 -6.07 -10.81 10.47
CA SER A 6 -6.38 -11.83 9.47
C SER A 6 -7.88 -12.13 9.45
N GLY A 7 -8.37 -12.54 8.29
CA GLY A 7 -9.78 -12.84 8.15
C GLY A 7 -10.06 -13.82 7.01
N GLU A 8 -10.83 -13.36 6.02
CA GLU A 8 -11.18 -14.20 4.88
C GLU A 8 -10.78 -13.51 3.58
N ARG A 9 -10.69 -14.29 2.51
CA ARG A 9 -10.32 -13.76 1.20
C ARG A 9 -11.50 -13.05 0.55
N ARG A 10 -11.20 -12.08 -0.31
CA ARG A 10 -12.23 -11.32 -1.00
C ARG A 10 -11.99 -11.29 -2.51
N GLU A 11 -11.59 -12.43 -3.05
CA GLU A 11 -11.31 -12.54 -4.48
C GLU A 11 -12.54 -12.17 -5.31
N LYS A 12 -13.68 -12.73 -4.91
CA LYS A 12 -14.93 -12.47 -5.62
C LYS A 12 -15.00 -11.03 -6.11
N LYS A 13 -14.96 -10.09 -5.17
CA LYS A 13 -15.01 -8.67 -5.50
C LYS A 13 -13.78 -8.26 -6.30
N ASN A 14 -13.88 -8.39 -7.63
CA ASN A 14 -12.78 -8.03 -8.51
C ASN A 14 -12.31 -6.61 -8.24
N LYS A 15 -13.26 -5.69 -8.05
CA LYS A 15 -12.94 -4.30 -7.78
C LYS A 15 -11.78 -4.18 -6.80
N ILE A 16 -11.85 -4.95 -5.71
CA ILE A 16 -10.79 -4.93 -4.71
C ILE A 16 -9.46 -5.35 -5.30
N MET A 17 -9.44 -6.53 -5.93
CA MET A 17 -8.23 -7.05 -6.55
C MET A 17 -7.64 -6.05 -7.53
N GLN A 18 -8.34 -5.85 -8.65
CA GLN A 18 -7.88 -4.92 -9.67
C GLN A 18 -7.28 -3.66 -9.04
N ALA A 19 -8.10 -2.95 -8.27
CA ALA A 19 -7.65 -1.73 -7.62
C ALA A 19 -6.34 -1.96 -6.87
N LYS A 20 -6.32 -2.97 -6.01
CA LYS A 20 -5.13 -3.29 -5.24
C LYS A 20 -3.94 -3.56 -6.16
N GLU A 21 -4.21 -4.14 -7.32
CA GLU A 21 -3.16 -4.45 -8.28
C GLU A 21 -2.45 -3.18 -8.73
N ASP A 22 -3.22 -2.23 -9.27
CA ASP A 22 -2.67 -0.98 -9.73
C ASP A 22 -1.93 -0.25 -8.61
N PHE A 23 -2.41 -0.44 -7.39
CA PHE A 23 -1.79 0.19 -6.22
C PHE A 23 -0.45 -0.44 -5.90
N LYS A 24 -0.48 -1.70 -5.47
CA LYS A 24 0.74 -2.43 -5.13
C LYS A 24 1.81 -2.21 -6.19
N LYS A 25 1.40 -2.26 -7.45
CA LYS A 25 2.33 -2.08 -8.57
C LYS A 25 2.73 -0.61 -8.70
N MET A 26 1.78 0.28 -8.51
CA MET A 26 2.04 1.71 -8.60
C MET A 26 3.09 2.14 -7.57
N MET A 27 2.95 1.65 -6.34
CA MET A 27 3.89 1.98 -5.28
C MET A 27 5.26 1.37 -5.56
N GLU A 28 5.27 0.11 -5.97
CA GLU A 28 6.51 -0.58 -6.27
C GLU A 28 7.37 0.22 -7.24
N GLU A 29 6.73 0.79 -8.25
CA GLU A 29 7.43 1.58 -9.25
C GLU A 29 7.95 2.88 -8.65
N ALA A 30 7.06 3.62 -7.98
CA ALA A 30 7.43 4.88 -7.35
C ALA A 30 8.62 4.69 -6.41
N LYS A 31 8.75 3.50 -5.86
CA LYS A 31 9.84 3.19 -4.95
C LYS A 31 10.16 4.39 -4.07
N PHE A 32 9.12 5.14 -3.68
CA PHE A 32 9.29 6.30 -2.83
C PHE A 32 10.09 5.97 -1.58
N ASN A 33 10.28 6.96 -0.71
CA ASN A 33 11.05 6.77 0.51
C ASN A 33 10.11 6.43 1.68
N PRO A 34 10.58 5.56 2.57
CA PRO A 34 9.81 5.13 3.74
C PRO A 34 9.65 6.25 4.76
N ARG A 35 10.63 7.13 4.84
CA ARG A 35 10.60 8.24 5.79
C ARG A 35 9.34 9.08 5.58
N ALA A 36 8.91 9.21 4.33
CA ALA A 36 7.72 9.98 3.99
C ALA A 36 6.54 9.57 4.88
N THR A 37 5.40 10.22 4.67
CA THR A 37 4.21 9.94 5.45
C THR A 37 3.00 9.71 4.54
N PHE A 38 2.09 8.85 4.98
CA PHE A 38 0.89 8.54 4.21
C PHE A 38 0.34 9.80 3.53
N SER A 39 0.17 10.86 4.31
CA SER A 39 -0.35 12.12 3.79
C SER A 39 0.41 12.53 2.53
N GLU A 40 1.73 12.66 2.65
CA GLU A 40 2.57 13.04 1.53
C GLU A 40 2.34 12.14 0.33
N PHE A 41 2.49 10.82 0.56
CA PHE A 41 2.30 9.85 -0.51
C PHE A 41 0.96 10.06 -1.22
N ALA A 42 -0.10 10.25 -0.44
CA ALA A 42 -1.42 10.47 -0.99
C ALA A 42 -1.44 11.69 -1.91
N ALA A 43 -0.83 12.77 -1.46
CA ALA A 43 -0.77 14.01 -2.23
C ALA A 43 0.11 13.83 -3.46
N LYS A 44 1.16 13.01 -3.33
CA LYS A 44 2.08 12.76 -4.42
C LYS A 44 1.35 12.15 -5.62
N HIS A 45 0.53 11.14 -5.35
CA HIS A 45 -0.23 10.46 -6.39
C HIS A 45 -1.71 10.75 -6.27
N ALA A 46 -2.05 11.78 -5.49
CA ALA A 46 -3.45 12.17 -5.29
C ALA A 46 -4.14 12.43 -6.62
N LYS A 47 -3.38 12.92 -7.59
CA LYS A 47 -3.92 13.22 -8.92
C LYS A 47 -3.68 12.06 -9.88
N ASP A 48 -3.25 10.93 -9.33
CA ASP A 48 -2.98 9.74 -10.14
C ASP A 48 -4.20 8.84 -10.22
N SER A 49 -4.83 8.80 -11.40
CA SER A 49 -6.01 7.98 -11.60
C SER A 49 -5.90 6.67 -10.84
N ARG A 50 -4.84 5.92 -11.11
CA ARG A 50 -4.62 4.63 -10.45
C ARG A 50 -4.74 4.78 -8.93
N PHE A 51 -4.02 5.76 -8.38
CA PHE A 51 -4.04 6.00 -6.94
C PHE A 51 -5.47 6.18 -6.44
N LYS A 52 -6.30 6.81 -7.26
CA LYS A 52 -7.70 7.04 -6.90
C LYS A 52 -8.43 5.73 -6.66
N ALA A 53 -7.99 4.68 -7.36
CA ALA A 53 -8.60 3.36 -7.22
C ALA A 53 -8.61 2.91 -5.76
N ILE A 54 -7.78 3.55 -4.95
CA ILE A 54 -7.69 3.22 -3.53
C ILE A 54 -8.16 4.37 -2.66
N GLU A 55 -9.45 4.41 -2.37
CA GLU A 55 -10.02 5.46 -1.55
C GLU A 55 -10.11 5.03 -0.08
N LYS A 56 -10.48 3.76 0.12
CA LYS A 56 -10.61 3.22 1.47
C LYS A 56 -9.44 3.63 2.34
N MET A 57 -9.65 4.66 3.16
CA MET A 57 -8.61 5.15 4.05
C MET A 57 -7.87 4.01 4.72
N LYS A 58 -8.63 2.99 5.13
CA LYS A 58 -8.05 1.82 5.79
C LYS A 58 -7.07 1.09 4.86
N ASP A 59 -7.52 0.82 3.64
CA ASP A 59 -6.70 0.14 2.66
C ASP A 59 -5.46 0.96 2.32
N ARG A 60 -5.65 2.27 2.20
CA ARG A 60 -4.54 3.17 1.88
C ARG A 60 -3.51 3.19 3.01
N GLU A 61 -3.98 3.37 4.24
CA GLU A 61 -3.11 3.41 5.40
C GLU A 61 -2.43 2.06 5.62
N ALA A 62 -3.17 0.99 5.34
CA ALA A 62 -2.65 -0.36 5.52
C ALA A 62 -1.62 -0.69 4.43
N LEU A 63 -2.10 -0.81 3.20
CA LEU A 63 -1.22 -1.13 2.07
C LEU A 63 0.05 -0.28 2.11
N PHE A 64 -0.11 0.98 2.49
CA PHE A 64 1.01 1.91 2.56
C PHE A 64 1.89 1.60 3.78
N ASN A 65 1.26 1.59 4.95
CA ASN A 65 1.97 1.32 6.20
C ASN A 65 2.90 0.11 6.04
N GLU A 66 2.37 -0.95 5.44
CA GLU A 66 3.14 -2.17 5.23
C GLU A 66 4.28 -1.93 4.24
N PHE A 67 3.93 -1.42 3.06
CA PHE A 67 4.92 -1.15 2.02
C PHE A 67 6.14 -0.46 2.61
N VAL A 68 5.93 0.64 3.31
CA VAL A 68 7.02 1.39 3.93
C VAL A 68 7.71 0.56 5.01
N ALA A 69 6.92 -0.24 5.72
CA ALA A 69 7.44 -1.08 6.79
C ALA A 69 8.54 -2.02 6.27
N ALA A 70 8.41 -2.42 5.00
CA ALA A 70 9.38 -3.31 4.39
C ALA A 70 10.44 -2.52 3.62
N ALA A 71 9.99 -1.52 2.87
CA ALA A 71 10.90 -0.69 2.09
C ALA A 71 12.05 -0.17 2.96
N ARG A 72 11.76 0.05 4.24
CA ARG A 72 12.77 0.56 5.16
C ARG A 72 14.14 -0.02 4.84
N LYS A 73 14.29 -1.34 4.99
CA LYS A 73 15.54 -2.02 4.70
C LYS A 73 15.85 -1.99 3.21
N LYS A 74 17.11 -2.18 2.87
CA LYS A 74 17.54 -2.19 1.47
C LYS A 74 17.93 -3.60 1.02
N GLU A 75 18.64 -4.31 1.89
CA GLU A 75 19.07 -5.67 1.58
C GLU A 75 17.92 -6.50 1.03
N LYS A 76 16.84 -6.59 1.80
CA LYS A 76 15.66 -7.35 1.38
C LYS A 76 14.55 -6.41 0.92
N GLU A 77 14.20 -6.51 -0.36
CA GLU A 77 13.15 -5.67 -0.93
C GLU A 77 11.95 -6.52 -1.35
N SER A 78 12.22 -7.61 -2.04
CA SER A 78 11.16 -8.50 -2.51
C SER A 78 10.59 -9.32 -1.35
N GLY A 79 9.26 -9.29 -1.22
CA GLY A 79 8.61 -10.03 -0.15
C GLY A 79 7.49 -10.91 -0.66
N PRO A 80 6.35 -10.30 -1.01
CA PRO A 80 5.18 -11.03 -1.51
C PRO A 80 5.41 -11.59 -2.91
N SER A 81 6.02 -10.79 -3.78
CA SER A 81 6.30 -11.20 -5.14
C SER A 81 5.10 -11.94 -5.74
N SER A 82 3.90 -11.43 -5.47
CA SER A 82 2.68 -12.04 -5.97
C SER A 82 1.99 -11.13 -6.98
N GLY A 83 1.56 -11.71 -8.10
CA GLY A 83 0.88 -10.94 -9.12
C GLY A 83 1.79 -10.65 -10.31
N GLY A 1 -2.25 0.25 17.51
CA GLY A 1 -1.95 -0.34 16.21
C GLY A 1 -2.78 -1.57 15.94
N SER A 2 -4.08 -1.39 15.74
CA SER A 2 -4.98 -2.51 15.46
C SER A 2 -4.31 -3.56 14.60
N SER A 3 -4.07 -4.73 15.17
CA SER A 3 -3.43 -5.82 14.45
C SER A 3 -4.03 -5.99 13.06
N GLY A 4 -3.17 -6.25 12.08
CA GLY A 4 -3.63 -6.42 10.72
C GLY A 4 -3.78 -7.88 10.33
N SER A 5 -4.74 -8.55 10.94
CA SER A 5 -4.98 -9.97 10.67
C SER A 5 -6.38 -10.18 10.09
N SER A 6 -6.44 -10.91 8.98
CA SER A 6 -7.71 -11.19 8.32
C SER A 6 -7.59 -12.37 7.37
N GLY A 7 -8.68 -13.12 7.21
CA GLY A 7 -8.67 -14.27 6.33
C GLY A 7 -10.01 -14.52 5.69
N GLU A 8 -10.37 -13.67 4.72
CA GLU A 8 -11.64 -13.80 4.03
C GLU A 8 -11.45 -13.72 2.51
N ARG A 9 -11.77 -14.81 1.81
CA ARG A 9 -11.62 -14.86 0.36
C ARG A 9 -12.44 -13.76 -0.30
N ARG A 10 -11.79 -12.98 -1.17
CA ARG A 10 -12.44 -11.89 -1.87
C ARG A 10 -12.22 -12.00 -3.37
N GLU A 11 -11.90 -13.21 -3.83
CA GLU A 11 -11.66 -13.45 -5.25
C GLU A 11 -12.92 -13.16 -6.08
N LYS A 12 -14.07 -13.52 -5.53
CA LYS A 12 -15.34 -13.30 -6.20
C LYS A 12 -15.36 -11.95 -6.89
N LYS A 13 -14.96 -10.91 -6.17
CA LYS A 13 -14.93 -9.55 -6.71
C LYS A 13 -13.58 -9.26 -7.37
N ASN A 14 -13.64 -8.65 -8.55
CA ASN A 14 -12.42 -8.30 -9.29
C ASN A 14 -11.93 -6.91 -8.93
N LYS A 15 -12.88 -5.96 -8.84
CA LYS A 15 -12.54 -4.58 -8.50
C LYS A 15 -11.46 -4.53 -7.43
N ILE A 16 -11.72 -5.16 -6.29
CA ILE A 16 -10.77 -5.18 -5.20
C ILE A 16 -9.38 -5.56 -5.69
N MET A 17 -9.25 -6.75 -6.28
CA MET A 17 -7.98 -7.22 -6.79
C MET A 17 -7.39 -6.21 -7.77
N GLN A 18 -8.11 -5.96 -8.86
CA GLN A 18 -7.65 -5.02 -9.88
C GLN A 18 -7.07 -3.77 -9.24
N ALA A 19 -7.89 -3.07 -8.47
CA ALA A 19 -7.46 -1.84 -7.80
C ALA A 19 -6.16 -2.08 -7.02
N LYS A 20 -6.23 -2.98 -6.05
CA LYS A 20 -5.06 -3.31 -5.23
C LYS A 20 -3.82 -3.48 -6.09
N GLU A 21 -3.98 -4.12 -7.24
CA GLU A 21 -2.87 -4.35 -8.15
C GLU A 21 -2.23 -3.05 -8.57
N ASP A 22 -3.02 -2.18 -9.18
CA ASP A 22 -2.53 -0.87 -9.63
C ASP A 22 -1.78 -0.16 -8.51
N PHE A 23 -2.24 -0.36 -7.28
CA PHE A 23 -1.60 0.26 -6.12
C PHE A 23 -0.27 -0.39 -5.81
N LYS A 24 -0.31 -1.66 -5.41
CA LYS A 24 0.90 -2.41 -5.08
C LYS A 24 1.98 -2.18 -6.14
N LYS A 25 1.58 -2.20 -7.40
CA LYS A 25 2.52 -2.00 -8.50
C LYS A 25 2.92 -0.54 -8.62
N MET A 26 1.94 0.35 -8.41
CA MET A 26 2.19 1.79 -8.49
C MET A 26 3.25 2.21 -7.47
N MET A 27 3.11 1.73 -6.24
CA MET A 27 4.04 2.05 -5.17
C MET A 27 5.40 1.42 -5.43
N GLU A 28 5.38 0.16 -5.88
CA GLU A 28 6.62 -0.56 -6.17
C GLU A 28 7.52 0.23 -7.10
N GLU A 29 6.92 0.81 -8.14
CA GLU A 29 7.67 1.60 -9.12
C GLU A 29 8.14 2.91 -8.50
N ALA A 30 7.23 3.57 -7.77
CA ALA A 30 7.56 4.84 -7.12
C ALA A 30 8.88 4.75 -6.36
N LYS A 31 9.15 3.59 -5.80
CA LYS A 31 10.38 3.37 -5.04
C LYS A 31 10.71 4.58 -4.18
N PHE A 32 9.68 5.18 -3.59
CA PHE A 32 9.85 6.35 -2.73
C PHE A 32 10.61 5.98 -1.47
N ASN A 33 10.79 6.96 -0.59
CA ASN A 33 11.49 6.74 0.67
C ASN A 33 10.51 6.47 1.80
N PRO A 34 10.91 5.59 2.72
CA PRO A 34 10.08 5.21 3.87
C PRO A 34 9.95 6.35 4.89
N ARG A 35 10.65 7.45 4.62
CA ARG A 35 10.61 8.61 5.50
C ARG A 35 9.32 9.41 5.30
N ALA A 36 8.85 9.44 4.06
CA ALA A 36 7.62 10.18 3.74
C ALA A 36 6.44 9.66 4.55
N THR A 37 5.38 10.45 4.61
CA THR A 37 4.18 10.07 5.36
C THR A 37 2.99 9.88 4.43
N PHE A 38 1.94 9.26 4.95
CA PHE A 38 0.74 9.00 4.17
C PHE A 38 0.17 10.31 3.61
N SER A 39 0.29 11.37 4.39
CA SER A 39 -0.21 12.68 3.97
C SER A 39 0.38 13.10 2.63
N GLU A 40 1.71 13.05 2.53
CA GLU A 40 2.40 13.42 1.30
C GLU A 40 2.15 12.37 0.21
N PHE A 41 2.47 11.13 0.51
CA PHE A 41 2.30 10.03 -0.43
C PHE A 41 0.93 10.12 -1.12
N ALA A 42 -0.10 10.40 -0.33
CA ALA A 42 -1.45 10.52 -0.85
C ALA A 42 -1.60 11.77 -1.72
N ALA A 43 -1.24 12.92 -1.15
CA ALA A 43 -1.33 14.18 -1.87
C ALA A 43 -0.63 14.10 -3.22
N LYS A 44 0.42 13.28 -3.28
CA LYS A 44 1.17 13.12 -4.52
C LYS A 44 0.51 12.09 -5.43
N HIS A 45 0.43 10.85 -4.96
CA HIS A 45 -0.18 9.78 -5.73
C HIS A 45 -1.64 10.11 -6.06
N ALA A 46 -2.19 11.07 -5.34
CA ALA A 46 -3.57 11.48 -5.57
C ALA A 46 -3.85 11.71 -7.04
N LYS A 47 -3.12 12.63 -7.66
CA LYS A 47 -3.28 12.94 -9.06
C LYS A 47 -3.30 11.66 -9.90
N ASP A 48 -2.68 10.60 -9.37
CA ASP A 48 -2.62 9.32 -10.07
C ASP A 48 -3.99 8.65 -10.08
N SER A 49 -4.66 8.71 -11.22
CA SER A 49 -5.98 8.11 -11.36
C SER A 49 -6.05 6.77 -10.63
N ARG A 50 -5.18 5.85 -11.03
CA ARG A 50 -5.14 4.52 -10.41
C ARG A 50 -5.31 4.63 -8.90
N PHE A 51 -4.52 5.48 -8.27
CA PHE A 51 -4.58 5.66 -6.82
C PHE A 51 -5.99 6.02 -6.39
N LYS A 52 -6.60 6.97 -7.08
CA LYS A 52 -7.96 7.41 -6.76
C LYS A 52 -8.87 6.22 -6.53
N ALA A 53 -8.61 5.13 -7.25
CA ALA A 53 -9.41 3.92 -7.12
C ALA A 53 -9.61 3.55 -5.66
N ILE A 54 -8.53 3.56 -4.89
CA ILE A 54 -8.59 3.22 -3.48
C ILE A 54 -9.17 4.38 -2.66
N GLU A 55 -10.48 4.35 -2.46
CA GLU A 55 -11.17 5.39 -1.71
C GLU A 55 -11.07 5.12 -0.20
N LYS A 56 -10.96 3.84 0.15
CA LYS A 56 -10.86 3.45 1.55
C LYS A 56 -9.57 3.97 2.17
N MET A 57 -9.67 5.12 2.84
CA MET A 57 -8.51 5.73 3.49
C MET A 57 -7.76 4.70 4.33
N LYS A 58 -8.50 3.88 5.05
CA LYS A 58 -7.90 2.85 5.89
C LYS A 58 -7.06 1.88 5.07
N ASP A 59 -7.63 1.43 3.95
CA ASP A 59 -6.93 0.49 3.07
C ASP A 59 -5.58 1.07 2.64
N ARG A 60 -5.57 2.33 2.23
CA ARG A 60 -4.35 2.99 1.79
C ARG A 60 -3.28 2.93 2.88
N GLU A 61 -3.64 3.39 4.08
CA GLU A 61 -2.71 3.38 5.20
C GLU A 61 -2.21 1.96 5.50
N ALA A 62 -3.06 0.98 5.21
CA ALA A 62 -2.70 -0.42 5.44
C ALA A 62 -1.69 -0.91 4.42
N LEU A 63 -2.02 -0.76 3.14
CA LEU A 63 -1.12 -1.18 2.06
C LEU A 63 0.18 -0.38 2.09
N PHE A 64 0.08 0.88 2.50
CA PHE A 64 1.24 1.76 2.56
C PHE A 64 2.09 1.44 3.78
N ASN A 65 1.42 1.11 4.89
CA ASN A 65 2.12 0.78 6.13
C ASN A 65 3.00 -0.45 5.95
N GLU A 66 2.43 -1.50 5.36
CA GLU A 66 3.16 -2.74 5.14
C GLU A 66 4.25 -2.55 4.09
N PHE A 67 3.89 -1.90 2.98
CA PHE A 67 4.83 -1.66 1.91
C PHE A 67 6.09 -0.96 2.43
N VAL A 68 5.89 0.18 3.09
CA VAL A 68 7.01 0.94 3.64
C VAL A 68 7.75 0.14 4.71
N ALA A 69 7.00 -0.57 5.54
CA ALA A 69 7.57 -1.38 6.60
C ALA A 69 8.61 -2.35 6.05
N ALA A 70 8.36 -2.85 4.84
CA ALA A 70 9.27 -3.79 4.20
C ALA A 70 10.38 -3.05 3.47
N ALA A 71 10.01 -1.99 2.75
CA ALA A 71 10.99 -1.21 2.00
C ALA A 71 12.20 -0.86 2.87
N ARG A 72 11.93 -0.52 4.13
CA ARG A 72 12.99 -0.17 5.06
C ARG A 72 13.72 -1.40 5.56
N LYS A 73 14.69 -1.88 4.78
CA LYS A 73 15.46 -3.06 5.13
C LYS A 73 16.90 -2.95 4.63
N LYS A 74 17.73 -3.92 4.99
CA LYS A 74 19.12 -3.93 4.57
C LYS A 74 19.45 -5.21 3.81
N GLU A 75 19.07 -6.34 4.37
CA GLU A 75 19.33 -7.64 3.74
C GLU A 75 18.23 -7.98 2.73
N LYS A 76 18.14 -7.17 1.67
CA LYS A 76 17.14 -7.38 0.63
C LYS A 76 17.41 -8.67 -0.13
N GLU A 77 16.62 -9.70 0.15
CA GLU A 77 16.78 -10.98 -0.52
C GLU A 77 15.62 -11.26 -1.46
N SER A 78 15.93 -11.75 -2.66
CA SER A 78 14.91 -12.04 -3.65
C SER A 78 15.29 -13.28 -4.47
N GLY A 79 14.28 -13.93 -5.05
CA GLY A 79 14.53 -15.12 -5.85
C GLY A 79 15.06 -14.80 -7.22
N PRO A 80 15.39 -15.84 -7.99
CA PRO A 80 15.93 -15.69 -9.35
C PRO A 80 14.88 -15.18 -10.33
N SER A 81 14.74 -13.86 -10.41
CA SER A 81 13.77 -13.24 -11.31
C SER A 81 14.39 -12.08 -12.07
N SER A 82 13.72 -11.63 -13.13
CA SER A 82 14.22 -10.53 -13.94
C SER A 82 13.34 -9.29 -13.75
N GLY A 83 13.99 -8.16 -13.51
CA GLY A 83 13.25 -6.92 -13.32
C GLY A 83 13.61 -5.87 -14.35
N GLY A 1 -19.50 4.12 9.24
CA GLY A 1 -18.38 4.41 10.11
C GLY A 1 -17.31 3.33 10.06
N SER A 2 -16.14 3.69 9.52
CA SER A 2 -15.04 2.75 9.41
C SER A 2 -14.60 2.24 10.78
N SER A 3 -14.95 3.01 11.82
CA SER A 3 -14.59 2.63 13.18
C SER A 3 -15.49 1.52 13.69
N GLY A 4 -15.18 1.01 14.88
CA GLY A 4 -15.96 -0.06 15.46
C GLY A 4 -15.60 -1.42 14.90
N SER A 5 -15.69 -2.45 15.74
CA SER A 5 -15.36 -3.81 15.32
C SER A 5 -16.33 -4.30 14.24
N SER A 6 -17.61 -4.01 14.44
CA SER A 6 -18.64 -4.42 13.48
C SER A 6 -18.29 -3.95 12.07
N GLY A 7 -18.32 -4.87 11.12
CA GLY A 7 -18.01 -4.54 9.74
C GLY A 7 -17.45 -5.71 8.97
N GLU A 8 -18.33 -6.62 8.56
CA GLU A 8 -17.92 -7.80 7.81
C GLU A 8 -18.65 -7.87 6.47
N ARG A 9 -18.74 -6.73 5.80
CA ARG A 9 -19.41 -6.66 4.50
C ARG A 9 -18.40 -6.74 3.36
N ARG A 10 -17.96 -7.96 3.06
CA ARG A 10 -16.99 -8.18 1.99
C ARG A 10 -17.64 -8.86 0.79
N GLU A 11 -16.99 -8.77 -0.36
CA GLU A 11 -17.51 -9.37 -1.58
C GLU A 11 -16.45 -10.26 -2.24
N LYS A 12 -16.87 -11.01 -3.26
CA LYS A 12 -15.96 -11.90 -3.97
C LYS A 12 -15.90 -11.54 -5.45
N LYS A 13 -16.00 -10.24 -5.75
CA LYS A 13 -15.95 -9.76 -7.12
C LYS A 13 -14.55 -9.27 -7.47
N ASN A 14 -14.26 -9.20 -8.77
CA ASN A 14 -12.96 -8.75 -9.23
C ASN A 14 -12.85 -7.23 -9.14
N LYS A 15 -13.03 -6.70 -7.93
CA LYS A 15 -12.95 -5.27 -7.70
C LYS A 15 -11.77 -4.92 -6.80
N ILE A 16 -11.68 -5.61 -5.65
CA ILE A 16 -10.59 -5.38 -4.71
C ILE A 16 -9.24 -5.72 -5.33
N MET A 17 -9.21 -6.80 -6.11
CA MET A 17 -7.97 -7.23 -6.76
C MET A 17 -7.48 -6.18 -7.75
N GLN A 18 -8.32 -5.87 -8.74
CA GLN A 18 -7.97 -4.88 -9.75
C GLN A 18 -7.41 -3.61 -9.10
N ALA A 19 -8.15 -3.07 -8.14
CA ALA A 19 -7.72 -1.87 -7.43
C ALA A 19 -6.41 -2.10 -6.68
N LYS A 20 -6.38 -3.15 -5.86
CA LYS A 20 -5.19 -3.47 -5.09
C LYS A 20 -3.98 -3.62 -5.99
N GLU A 21 -4.20 -4.10 -7.21
CA GLU A 21 -3.12 -4.28 -8.18
C GLU A 21 -2.53 -2.93 -8.59
N ASP A 22 -3.40 -2.05 -9.10
CA ASP A 22 -2.96 -0.73 -9.54
C ASP A 22 -2.22 0.01 -8.42
N PHE A 23 -2.60 -0.29 -7.18
CA PHE A 23 -1.98 0.34 -6.02
C PHE A 23 -0.63 -0.30 -5.71
N LYS A 24 -0.64 -1.59 -5.39
CA LYS A 24 0.58 -2.30 -5.08
C LYS A 24 1.64 -2.07 -6.15
N LYS A 25 1.21 -2.11 -7.41
CA LYS A 25 2.12 -1.91 -8.54
C LYS A 25 2.53 -0.44 -8.64
N MET A 26 1.57 0.46 -8.46
CA MET A 26 1.82 1.88 -8.53
C MET A 26 2.91 2.29 -7.53
N MET A 27 2.75 1.86 -6.29
CA MET A 27 3.71 2.18 -5.24
C MET A 27 5.06 1.54 -5.54
N GLU A 28 5.05 0.28 -5.97
CA GLU A 28 6.27 -0.43 -6.28
C GLU A 28 7.14 0.37 -7.24
N GLU A 29 6.51 1.00 -8.23
CA GLU A 29 7.24 1.80 -9.21
C GLU A 29 7.76 3.08 -8.58
N ALA A 30 6.91 3.75 -7.80
CA ALA A 30 7.30 4.99 -7.14
C ALA A 30 8.51 4.78 -6.24
N LYS A 31 8.62 3.59 -5.67
CA LYS A 31 9.74 3.26 -4.78
C LYS A 31 10.17 4.47 -3.99
N PHE A 32 9.20 5.29 -3.58
CA PHE A 32 9.49 6.49 -2.81
C PHE A 32 10.29 6.15 -1.55
N ASN A 33 10.57 7.17 -0.74
CA ASN A 33 11.32 6.98 0.48
C ASN A 33 10.39 6.79 1.68
N PRO A 34 10.80 5.92 2.63
CA PRO A 34 10.02 5.63 3.82
C PRO A 34 9.97 6.81 4.79
N ARG A 35 10.81 7.81 4.53
CA ARG A 35 10.87 8.99 5.38
C ARG A 35 9.58 9.80 5.27
N ALA A 36 8.96 9.76 4.09
CA ALA A 36 7.72 10.48 3.85
C ALA A 36 6.57 9.91 4.68
N THR A 37 5.48 10.65 4.76
CA THR A 37 4.31 10.20 5.51
C THR A 37 3.19 9.74 4.59
N PHE A 38 2.22 9.04 5.15
CA PHE A 38 1.09 8.54 4.37
C PHE A 38 0.38 9.68 3.64
N SER A 39 0.26 10.82 4.32
CA SER A 39 -0.40 11.98 3.73
C SER A 39 0.37 12.49 2.53
N GLU A 40 1.68 12.63 2.68
CA GLU A 40 2.53 13.11 1.60
C GLU A 40 2.45 12.19 0.38
N PHE A 41 2.51 10.89 0.64
CA PHE A 41 2.44 9.90 -0.44
C PHE A 41 1.10 9.99 -1.16
N ALA A 42 0.01 10.00 -0.40
CA ALA A 42 -1.32 10.08 -0.97
C ALA A 42 -1.44 11.27 -1.92
N ALA A 43 -1.23 12.47 -1.38
CA ALA A 43 -1.31 13.69 -2.18
C ALA A 43 -0.30 13.67 -3.31
N LYS A 44 0.96 13.48 -2.98
CA LYS A 44 2.02 13.44 -3.98
C LYS A 44 1.62 12.57 -5.16
N HIS A 45 1.07 11.40 -4.87
CA HIS A 45 0.63 10.48 -5.91
C HIS A 45 -0.88 10.31 -5.90
N ALA A 46 -1.59 11.40 -5.63
CA ALA A 46 -3.05 11.38 -5.58
C ALA A 46 -3.64 11.61 -6.97
N LYS A 47 -2.99 12.47 -7.75
CA LYS A 47 -3.45 12.78 -9.10
C LYS A 47 -3.45 11.52 -9.97
N ASP A 48 -2.58 10.58 -9.64
CA ASP A 48 -2.48 9.33 -10.40
C ASP A 48 -3.80 8.57 -10.35
N SER A 49 -4.55 8.65 -11.45
CA SER A 49 -5.83 7.96 -11.54
C SER A 49 -5.79 6.62 -10.80
N ARG A 50 -4.90 5.74 -11.23
CA ARG A 50 -4.75 4.43 -10.60
C ARG A 50 -4.77 4.55 -9.08
N PHE A 51 -3.90 5.40 -8.55
CA PHE A 51 -3.82 5.61 -7.11
C PHE A 51 -5.19 5.92 -6.52
N LYS A 52 -5.94 6.78 -7.20
CA LYS A 52 -7.28 7.16 -6.75
C LYS A 52 -8.16 5.93 -6.55
N ALA A 53 -7.93 4.92 -7.38
CA ALA A 53 -8.71 3.68 -7.30
C ALA A 53 -8.90 3.25 -5.85
N ILE A 54 -7.89 3.47 -5.03
CA ILE A 54 -7.96 3.11 -3.62
C ILE A 54 -8.35 4.31 -2.76
N GLU A 55 -9.64 4.39 -2.43
CA GLU A 55 -10.15 5.48 -1.61
C GLU A 55 -10.25 5.07 -0.15
N LYS A 56 -10.56 3.80 0.08
CA LYS A 56 -10.69 3.26 1.43
C LYS A 56 -9.51 3.68 2.30
N MET A 57 -9.70 4.71 3.11
CA MET A 57 -8.64 5.20 3.99
C MET A 57 -7.92 4.05 4.67
N LYS A 58 -8.70 3.10 5.18
CA LYS A 58 -8.14 1.93 5.86
C LYS A 58 -7.21 1.16 4.94
N ASP A 59 -7.67 0.88 3.72
CA ASP A 59 -6.87 0.16 2.74
C ASP A 59 -5.60 0.92 2.40
N ARG A 60 -5.73 2.23 2.21
CA ARG A 60 -4.59 3.07 1.88
C ARG A 60 -3.57 3.08 3.02
N GLU A 61 -4.05 3.25 4.24
CA GLU A 61 -3.18 3.28 5.41
C GLU A 61 -2.51 1.92 5.62
N ALA A 62 -3.28 0.86 5.48
CA ALA A 62 -2.77 -0.50 5.65
C ALA A 62 -1.76 -0.84 4.56
N LEU A 63 -2.25 -0.92 3.32
CA LEU A 63 -1.38 -1.25 2.19
C LEU A 63 -0.11 -0.42 2.22
N PHE A 64 -0.24 0.87 2.50
CA PHE A 64 0.90 1.77 2.57
C PHE A 64 1.79 1.42 3.75
N ASN A 65 1.20 1.38 4.94
CA ASN A 65 1.95 1.07 6.16
C ASN A 65 2.87 -0.13 5.93
N GLU A 66 2.29 -1.21 5.43
CA GLU A 66 3.06 -2.43 5.17
C GLU A 66 4.14 -2.18 4.11
N PHE A 67 3.78 -1.41 3.09
CA PHE A 67 4.73 -1.09 2.02
C PHE A 67 6.01 -0.48 2.57
N VAL A 68 5.87 0.63 3.28
CA VAL A 68 7.02 1.30 3.88
C VAL A 68 7.77 0.38 4.83
N ALA A 69 7.02 -0.45 5.56
CA ALA A 69 7.61 -1.38 6.51
C ALA A 69 8.65 -2.27 5.83
N ALA A 70 8.32 -2.76 4.64
CA ALA A 70 9.21 -3.62 3.88
C ALA A 70 10.22 -2.80 3.08
N ALA A 71 9.79 -1.63 2.63
CA ALA A 71 10.65 -0.75 1.85
C ALA A 71 11.96 -0.47 2.59
N ARG A 72 11.86 -0.25 3.89
CA ARG A 72 13.03 0.03 4.72
C ARG A 72 13.80 -1.25 5.02
N LYS A 73 14.62 -1.68 4.06
CA LYS A 73 15.41 -2.89 4.23
C LYS A 73 16.72 -2.78 3.45
N LYS A 74 17.60 -3.76 3.67
CA LYS A 74 18.89 -3.78 2.99
C LYS A 74 18.98 -4.96 2.03
N GLU A 75 18.64 -6.15 2.51
CA GLU A 75 18.68 -7.35 1.70
C GLU A 75 17.39 -7.52 0.91
N LYS A 76 17.01 -6.47 0.19
CA LYS A 76 15.80 -6.50 -0.62
C LYS A 76 16.03 -7.20 -1.95
N GLU A 77 15.08 -8.02 -2.37
CA GLU A 77 15.20 -8.75 -3.63
C GLU A 77 13.96 -8.53 -4.49
N SER A 78 14.09 -8.82 -5.79
CA SER A 78 12.99 -8.65 -6.72
C SER A 78 12.19 -9.95 -6.85
N GLY A 79 12.90 -11.07 -6.93
CA GLY A 79 12.25 -12.36 -7.07
C GLY A 79 13.07 -13.49 -6.47
N PRO A 80 12.95 -13.67 -5.15
CA PRO A 80 13.67 -14.72 -4.43
C PRO A 80 13.16 -16.12 -4.77
N SER A 81 13.94 -16.84 -5.56
CA SER A 81 13.56 -18.20 -5.97
C SER A 81 12.91 -18.96 -4.81
N SER A 82 11.73 -19.51 -5.07
CA SER A 82 11.01 -20.26 -4.05
C SER A 82 11.25 -21.76 -4.19
N GLY A 83 12.26 -22.25 -3.49
CA GLY A 83 12.59 -23.67 -3.56
C GLY A 83 11.46 -24.55 -3.03
N GLY A 1 -2.10 5.72 19.96
CA GLY A 1 -3.02 5.27 21.01
C GLY A 1 -4.46 5.61 20.70
N SER A 2 -5.30 4.58 20.58
CA SER A 2 -6.70 4.76 20.27
C SER A 2 -7.55 3.73 21.01
N SER A 3 -8.86 3.99 21.06
CA SER A 3 -9.78 3.07 21.73
C SER A 3 -10.64 2.31 20.72
N GLY A 4 -10.88 2.95 19.56
CA GLY A 4 -11.68 2.32 18.53
C GLY A 4 -10.86 1.41 17.64
N SER A 5 -11.02 0.11 17.81
CA SER A 5 -10.29 -0.87 17.02
C SER A 5 -11.04 -1.21 15.73
N SER A 6 -10.37 -1.05 14.60
CA SER A 6 -10.98 -1.33 13.31
C SER A 6 -11.04 -2.84 13.06
N GLY A 7 -12.24 -3.35 12.82
CA GLY A 7 -12.42 -4.76 12.57
C GLY A 7 -13.42 -5.04 11.48
N GLU A 8 -13.15 -4.52 10.28
CA GLU A 8 -14.04 -4.71 9.14
C GLU A 8 -13.32 -5.43 8.01
N ARG A 9 -13.94 -6.51 7.52
CA ARG A 9 -13.35 -7.29 6.43
C ARG A 9 -13.60 -6.61 5.09
N ARG A 10 -12.97 -7.14 4.04
CA ARG A 10 -13.13 -6.59 2.70
C ARG A 10 -14.18 -7.36 1.91
N GLU A 11 -14.52 -6.85 0.73
CA GLU A 11 -15.51 -7.49 -0.12
C GLU A 11 -14.85 -8.38 -1.16
N LYS A 12 -15.52 -9.47 -1.50
CA LYS A 12 -14.99 -10.42 -2.49
C LYS A 12 -15.28 -9.93 -3.90
N LYS A 13 -15.02 -8.66 -4.16
CA LYS A 13 -15.25 -8.08 -5.48
C LYS A 13 -13.92 -7.84 -6.20
N ASN A 14 -13.89 -8.18 -7.49
CA ASN A 14 -12.68 -8.00 -8.29
C ASN A 14 -12.16 -6.58 -8.17
N LYS A 15 -13.05 -5.61 -8.33
CA LYS A 15 -12.68 -4.21 -8.23
C LYS A 15 -11.57 -3.99 -7.21
N ILE A 16 -11.83 -4.42 -5.99
CA ILE A 16 -10.85 -4.28 -4.91
C ILE A 16 -9.51 -4.90 -5.31
N MET A 17 -9.56 -6.07 -5.94
CA MET A 17 -8.35 -6.75 -6.38
C MET A 17 -7.61 -5.93 -7.42
N GLN A 18 -8.24 -5.71 -8.56
CA GLN A 18 -7.63 -4.93 -9.64
C GLN A 18 -7.00 -3.65 -9.09
N ALA A 19 -7.67 -3.03 -8.13
CA ALA A 19 -7.18 -1.79 -7.53
C ALA A 19 -5.97 -2.06 -6.64
N LYS A 20 -6.04 -3.13 -5.85
CA LYS A 20 -4.95 -3.50 -4.95
C LYS A 20 -3.69 -3.81 -5.73
N GLU A 21 -3.86 -4.34 -6.94
CA GLU A 21 -2.73 -4.67 -7.79
C GLU A 21 -2.09 -3.42 -8.39
N ASP A 22 -2.93 -2.56 -8.95
CA ASP A 22 -2.45 -1.31 -9.55
C ASP A 22 -1.81 -0.41 -8.50
N PHE A 23 -2.20 -0.60 -7.25
CA PHE A 23 -1.67 0.20 -6.15
C PHE A 23 -0.28 -0.28 -5.77
N LYS A 24 -0.20 -1.49 -5.25
CA LYS A 24 1.07 -2.07 -4.83
C LYS A 24 2.12 -1.93 -5.94
N LYS A 25 1.70 -2.12 -7.18
CA LYS A 25 2.59 -2.01 -8.33
C LYS A 25 2.93 -0.55 -8.61
N MET A 26 1.93 0.30 -8.56
CA MET A 26 2.11 1.73 -8.81
C MET A 26 3.13 2.32 -7.84
N MET A 27 3.03 1.92 -6.58
CA MET A 27 3.95 2.42 -5.55
C MET A 27 5.36 1.88 -5.79
N GLU A 28 5.46 0.58 -6.02
CA GLU A 28 6.76 -0.06 -6.26
C GLU A 28 7.55 0.70 -7.32
N GLU A 29 6.86 1.12 -8.38
CA GLU A 29 7.50 1.85 -9.46
C GLU A 29 7.89 3.26 -9.01
N ALA A 30 6.96 3.93 -8.34
CA ALA A 30 7.20 5.29 -7.85
C ALA A 30 8.56 5.39 -7.16
N LYS A 31 8.98 4.29 -6.53
CA LYS A 31 10.26 4.26 -5.82
C LYS A 31 10.35 5.39 -4.80
N PHE A 32 9.32 5.52 -3.99
CA PHE A 32 9.28 6.55 -2.96
C PHE A 32 9.93 6.06 -1.67
N ASN A 33 10.29 7.01 -0.81
CA ASN A 33 10.92 6.68 0.47
C ASN A 33 9.88 6.52 1.57
N PRO A 34 10.14 5.57 2.48
CA PRO A 34 9.23 5.30 3.61
C PRO A 34 9.21 6.43 4.63
N ARG A 35 10.20 7.31 4.54
CA ARG A 35 10.30 8.44 5.46
C ARG A 35 9.09 9.35 5.32
N ALA A 36 8.65 9.57 4.08
CA ALA A 36 7.50 10.43 3.82
C ALA A 36 6.26 9.94 4.56
N THR A 37 5.45 10.88 5.01
CA THR A 37 4.22 10.55 5.75
C THR A 37 3.09 10.20 4.78
N PHE A 38 2.27 9.23 5.17
CA PHE A 38 1.15 8.81 4.34
C PHE A 38 0.48 10.01 3.67
N SER A 39 0.23 11.05 4.46
CA SER A 39 -0.40 12.26 3.94
C SER A 39 0.34 12.78 2.72
N GLU A 40 1.65 12.97 2.88
CA GLU A 40 2.48 13.47 1.78
C GLU A 40 2.41 12.55 0.57
N PHE A 41 2.55 11.25 0.82
CA PHE A 41 2.50 10.26 -0.25
C PHE A 41 1.18 10.34 -0.99
N ALA A 42 0.08 10.08 -0.29
CA ALA A 42 -1.25 10.12 -0.88
C ALA A 42 -1.39 11.31 -1.83
N ALA A 43 -1.09 12.49 -1.33
CA ALA A 43 -1.18 13.71 -2.12
C ALA A 43 -0.12 13.72 -3.23
N LYS A 44 0.99 13.06 -2.97
CA LYS A 44 2.08 12.99 -3.95
C LYS A 44 1.69 12.14 -5.15
N HIS A 45 0.95 11.07 -4.89
CA HIS A 45 0.49 10.18 -5.95
C HIS A 45 -1.03 10.18 -6.06
N ALA A 46 -1.64 11.32 -5.74
CA ALA A 46 -3.09 11.45 -5.81
C ALA A 46 -3.56 11.58 -7.25
N LYS A 47 -2.82 12.33 -8.05
CA LYS A 47 -3.17 12.53 -9.45
C LYS A 47 -3.21 11.20 -10.19
N ASP A 48 -2.41 10.25 -9.75
CA ASP A 48 -2.36 8.93 -10.37
C ASP A 48 -3.72 8.24 -10.29
N SER A 49 -4.45 8.26 -11.40
CA SER A 49 -5.77 7.64 -11.45
C SER A 49 -5.80 6.37 -10.61
N ARG A 50 -4.97 5.40 -10.96
CA ARG A 50 -4.91 4.13 -10.24
C ARG A 50 -4.97 4.37 -8.73
N PHE A 51 -4.08 5.22 -8.23
CA PHE A 51 -4.04 5.53 -6.81
C PHE A 51 -5.41 5.95 -6.30
N LYS A 52 -6.06 6.84 -7.04
CA LYS A 52 -7.39 7.32 -6.67
C LYS A 52 -8.33 6.16 -6.37
N ALA A 53 -8.20 5.09 -7.15
CA ALA A 53 -9.04 3.91 -6.96
C ALA A 53 -9.17 3.56 -5.49
N ILE A 54 -8.05 3.62 -4.76
CA ILE A 54 -8.04 3.31 -3.34
C ILE A 54 -8.46 4.52 -2.51
N GLU A 55 -9.73 4.57 -2.14
CA GLU A 55 -10.26 5.66 -1.34
C GLU A 55 -10.36 5.26 0.13
N LYS A 56 -10.73 4.01 0.38
CA LYS A 56 -10.86 3.50 1.73
C LYS A 56 -9.66 3.89 2.58
N MET A 57 -9.82 4.93 3.39
CA MET A 57 -8.75 5.40 4.26
C MET A 57 -8.01 4.23 4.91
N LYS A 58 -8.78 3.24 5.35
CA LYS A 58 -8.20 2.06 5.99
C LYS A 58 -7.29 1.31 5.02
N ASP A 59 -7.78 1.09 3.80
CA ASP A 59 -7.01 0.38 2.79
C ASP A 59 -5.72 1.14 2.46
N ARG A 60 -5.82 2.45 2.37
CA ARG A 60 -4.67 3.29 2.06
C ARG A 60 -3.63 3.22 3.19
N GLU A 61 -4.08 3.46 4.41
CA GLU A 61 -3.19 3.43 5.57
C GLU A 61 -2.58 2.05 5.74
N ALA A 62 -3.35 1.01 5.41
CA ALA A 62 -2.88 -0.36 5.53
C ALA A 62 -1.91 -0.70 4.41
N LEU A 63 -2.43 -0.78 3.19
CA LEU A 63 -1.61 -1.10 2.03
C LEU A 63 -0.28 -0.36 2.07
N PHE A 64 -0.33 0.91 2.46
CA PHE A 64 0.87 1.74 2.54
C PHE A 64 1.77 1.28 3.69
N ASN A 65 1.17 1.11 4.86
CA ASN A 65 1.91 0.66 6.04
C ASN A 65 2.74 -0.57 5.73
N GLU A 66 2.16 -1.50 4.97
CA GLU A 66 2.84 -2.73 4.60
C GLU A 66 4.01 -2.45 3.66
N PHE A 67 3.71 -1.78 2.54
CA PHE A 67 4.73 -1.45 1.56
C PHE A 67 5.94 -0.83 2.22
N VAL A 68 5.72 0.26 2.96
CA VAL A 68 6.80 0.95 3.67
C VAL A 68 7.47 0.03 4.68
N ALA A 69 6.66 -0.70 5.43
CA ALA A 69 7.17 -1.63 6.43
C ALA A 69 8.28 -2.50 5.87
N ALA A 70 8.08 -3.00 4.66
CA ALA A 70 9.06 -3.84 3.99
C ALA A 70 10.16 -3.01 3.35
N ALA A 71 9.76 -1.92 2.70
CA ALA A 71 10.71 -1.03 2.04
C ALA A 71 11.91 -0.74 2.93
N ARG A 72 11.63 -0.44 4.19
CA ARG A 72 12.70 -0.13 5.16
C ARG A 72 13.45 -1.40 5.55
N LYS A 73 14.48 -1.23 6.36
CA LYS A 73 15.29 -2.36 6.81
C LYS A 73 14.72 -2.96 8.10
N LYS A 74 15.08 -4.22 8.37
CA LYS A 74 14.59 -4.90 9.56
C LYS A 74 15.76 -5.47 10.37
N GLU A 75 16.29 -4.65 11.29
CA GLU A 75 17.40 -5.09 12.12
C GLU A 75 16.94 -6.03 13.21
N LYS A 76 16.17 -7.04 12.82
CA LYS A 76 15.65 -8.02 13.77
C LYS A 76 16.61 -9.20 13.91
N GLU A 77 16.91 -9.85 12.79
CA GLU A 77 17.82 -10.99 12.79
C GLU A 77 19.27 -10.53 12.66
N SER A 78 20.19 -11.39 13.10
CA SER A 78 21.62 -11.07 13.03
C SER A 78 22.30 -11.88 11.93
N GLY A 79 22.14 -13.20 11.99
CA GLY A 79 22.76 -14.05 10.99
C GLY A 79 22.22 -15.47 11.03
N PRO A 80 22.90 -16.34 11.79
CA PRO A 80 22.51 -17.75 11.94
C PRO A 80 21.22 -17.90 12.75
N SER A 81 20.21 -18.50 12.13
CA SER A 81 18.92 -18.72 12.78
C SER A 81 18.11 -19.78 12.06
N SER A 82 17.83 -20.88 12.76
CA SER A 82 17.06 -21.98 12.17
C SER A 82 15.62 -21.56 11.92
N GLY A 83 15.14 -21.83 10.71
CA GLY A 83 13.78 -21.47 10.35
C GLY A 83 13.68 -20.08 9.75
N GLY A 1 3.50 -7.10 15.86
CA GLY A 1 4.14 -8.38 16.12
C GLY A 1 4.24 -9.24 14.88
N SER A 2 3.64 -10.42 14.92
CA SER A 2 3.68 -11.34 13.78
C SER A 2 2.38 -11.29 12.99
N SER A 3 2.43 -10.73 11.79
CA SER A 3 1.25 -10.63 10.95
C SER A 3 1.60 -10.91 9.49
N GLY A 4 0.95 -11.92 8.92
CA GLY A 4 1.21 -12.27 7.53
C GLY A 4 0.25 -11.60 6.57
N SER A 5 -0.21 -12.34 5.58
CA SER A 5 -1.13 -11.81 4.58
C SER A 5 -2.51 -11.59 5.18
N SER A 6 -3.03 -10.36 5.06
CA SER A 6 -4.34 -10.02 5.59
C SER A 6 -5.07 -9.07 4.67
N GLY A 7 -6.39 -9.19 4.61
CA GLY A 7 -7.19 -8.32 3.77
C GLY A 7 -8.68 -8.59 3.90
N GLU A 8 -9.48 -7.52 3.82
CA GLU A 8 -10.93 -7.64 3.93
C GLU A 8 -11.62 -7.13 2.68
N ARG A 9 -12.19 -8.05 1.91
CA ARG A 9 -12.89 -7.69 0.67
C ARG A 9 -14.00 -6.69 0.95
N ARG A 10 -14.29 -5.84 -0.03
CA ARG A 10 -15.34 -4.84 0.11
C ARG A 10 -16.50 -5.13 -0.83
N GLU A 11 -16.17 -5.43 -2.08
CA GLU A 11 -17.20 -5.73 -3.08
C GLU A 11 -17.01 -7.14 -3.64
N LYS A 12 -18.10 -7.91 -3.69
CA LYS A 12 -18.06 -9.27 -4.20
C LYS A 12 -17.30 -9.33 -5.53
N LYS A 13 -17.60 -8.39 -6.42
CA LYS A 13 -16.95 -8.33 -7.72
C LYS A 13 -15.43 -8.45 -7.57
N ASN A 14 -14.78 -8.98 -8.60
CA ASN A 14 -13.33 -9.15 -8.59
C ASN A 14 -12.63 -7.84 -8.89
N LYS A 15 -13.08 -6.76 -8.25
CA LYS A 15 -12.50 -5.44 -8.45
C LYS A 15 -11.35 -5.20 -7.48
N ILE A 16 -11.61 -5.43 -6.19
CA ILE A 16 -10.61 -5.25 -5.16
C ILE A 16 -9.23 -5.69 -5.65
N MET A 17 -9.16 -6.89 -6.22
CA MET A 17 -7.91 -7.41 -6.73
C MET A 17 -7.29 -6.47 -7.76
N GLN A 18 -8.04 -6.19 -8.82
CA GLN A 18 -7.56 -5.30 -9.87
C GLN A 18 -6.97 -4.03 -9.28
N ALA A 19 -7.76 -3.33 -8.46
CA ALA A 19 -7.31 -2.10 -7.83
C ALA A 19 -6.05 -2.33 -7.02
N LYS A 20 -6.15 -3.19 -6.01
CA LYS A 20 -5.01 -3.51 -5.15
C LYS A 20 -3.74 -3.68 -5.97
N GLU A 21 -3.87 -4.33 -7.12
CA GLU A 21 -2.74 -4.57 -8.01
C GLU A 21 -2.15 -3.25 -8.51
N ASP A 22 -3.01 -2.39 -9.06
CA ASP A 22 -2.58 -1.11 -9.57
C ASP A 22 -1.90 -0.28 -8.49
N PHE A 23 -2.30 -0.51 -7.24
CA PHE A 23 -1.73 0.21 -6.11
C PHE A 23 -0.34 -0.31 -5.78
N LYS A 24 -0.28 -1.53 -5.26
CA LYS A 24 0.98 -2.16 -4.90
C LYS A 24 2.02 -1.97 -6.02
N LYS A 25 1.57 -2.10 -7.26
CA LYS A 25 2.45 -1.95 -8.41
C LYS A 25 2.82 -0.49 -8.62
N MET A 26 1.84 0.39 -8.46
CA MET A 26 2.06 1.83 -8.63
C MET A 26 3.17 2.32 -7.70
N MET A 27 3.14 1.86 -6.46
CA MET A 27 4.14 2.25 -5.48
C MET A 27 5.49 1.64 -5.80
N GLU A 28 5.50 0.36 -6.13
CA GLU A 28 6.74 -0.34 -6.47
C GLU A 28 7.55 0.45 -7.48
N GLU A 29 6.88 0.95 -8.52
CA GLU A 29 7.54 1.73 -9.56
C GLU A 29 8.00 3.09 -9.02
N ALA A 30 7.10 3.76 -8.29
CA ALA A 30 7.42 5.06 -7.72
C ALA A 30 8.79 5.07 -7.09
N LYS A 31 9.09 4.03 -6.31
CA LYS A 31 10.39 3.92 -5.65
C LYS A 31 10.59 5.06 -4.66
N PHE A 32 9.55 5.37 -3.90
CA PHE A 32 9.62 6.43 -2.91
C PHE A 32 10.36 5.97 -1.66
N ASN A 33 10.56 6.89 -0.72
CA ASN A 33 11.27 6.58 0.52
C ASN A 33 10.28 6.37 1.67
N PRO A 34 10.61 5.43 2.57
CA PRO A 34 9.77 5.10 3.71
C PRO A 34 9.75 6.22 4.75
N ARG A 35 10.58 7.24 4.53
CA ARG A 35 10.66 8.37 5.44
C ARG A 35 9.48 9.32 5.25
N ALA A 36 9.04 9.47 4.00
CA ALA A 36 7.92 10.34 3.69
C ALA A 36 6.74 10.07 4.61
N THR A 37 5.78 10.99 4.62
CA THR A 37 4.60 10.85 5.47
C THR A 37 3.36 10.51 4.62
N PHE A 38 2.51 9.66 5.16
CA PHE A 38 1.29 9.26 4.46
C PHE A 38 0.62 10.46 3.80
N SER A 39 0.44 11.52 4.58
CA SER A 39 -0.19 12.74 4.07
C SER A 39 0.43 13.16 2.75
N GLU A 40 1.75 13.09 2.67
CA GLU A 40 2.46 13.46 1.45
C GLU A 40 2.24 12.43 0.35
N PHE A 41 2.74 11.23 0.57
CA PHE A 41 2.61 10.14 -0.40
C PHE A 41 1.22 10.16 -1.03
N ALA A 42 0.20 10.39 -0.20
CA ALA A 42 -1.18 10.42 -0.68
C ALA A 42 -1.44 11.67 -1.53
N ALA A 43 -1.03 12.83 -1.00
CA ALA A 43 -1.21 14.09 -1.70
C ALA A 43 -0.65 14.02 -3.12
N LYS A 44 0.49 13.33 -3.26
CA LYS A 44 1.12 13.19 -4.57
C LYS A 44 0.45 12.10 -5.40
N HIS A 45 0.49 10.87 -4.88
CA HIS A 45 -0.12 9.74 -5.57
C HIS A 45 -1.59 10.01 -5.86
N ALA A 46 -2.18 10.94 -5.12
CA ALA A 46 -3.58 11.30 -5.29
C ALA A 46 -3.90 11.54 -6.76
N LYS A 47 -3.17 12.48 -7.37
CA LYS A 47 -3.38 12.83 -8.77
C LYS A 47 -3.29 11.58 -9.65
N ASP A 48 -2.50 10.60 -9.21
CA ASP A 48 -2.33 9.35 -9.95
C ASP A 48 -3.66 8.62 -10.08
N SER A 49 -4.28 8.72 -11.25
CA SER A 49 -5.56 8.06 -11.51
C SER A 49 -5.64 6.73 -10.76
N ARG A 50 -4.75 5.81 -11.12
CA ARG A 50 -4.73 4.50 -10.49
C ARG A 50 -4.98 4.61 -8.99
N PHE A 51 -4.19 5.44 -8.32
CA PHE A 51 -4.32 5.64 -6.87
C PHE A 51 -5.77 5.96 -6.51
N LYS A 52 -6.36 6.90 -7.24
CA LYS A 52 -7.74 7.30 -7.00
C LYS A 52 -8.66 6.09 -6.87
N ALA A 53 -8.22 4.97 -7.43
CA ALA A 53 -8.99 3.73 -7.39
C ALA A 53 -9.29 3.33 -5.95
N ILE A 54 -8.32 3.54 -5.07
CA ILE A 54 -8.48 3.20 -3.66
C ILE A 54 -9.12 4.34 -2.88
N GLU A 55 -10.27 4.08 -2.27
CA GLU A 55 -10.98 5.09 -1.49
C GLU A 55 -10.84 4.83 0.00
N LYS A 56 -11.27 3.65 0.43
CA LYS A 56 -11.19 3.28 1.84
C LYS A 56 -9.91 3.82 2.48
N MET A 57 -10.06 4.78 3.39
CA MET A 57 -8.92 5.37 4.06
C MET A 57 -8.06 4.30 4.72
N LYS A 58 -8.71 3.40 5.45
CA LYS A 58 -8.00 2.33 6.14
C LYS A 58 -7.13 1.53 5.16
N ASP A 59 -7.63 1.38 3.93
CA ASP A 59 -6.90 0.66 2.90
C ASP A 59 -5.63 1.40 2.49
N ARG A 60 -5.76 2.72 2.31
CA ARG A 60 -4.64 3.55 1.91
C ARG A 60 -3.52 3.49 2.95
N GLU A 61 -3.89 3.71 4.21
CA GLU A 61 -2.92 3.68 5.30
C GLU A 61 -2.41 2.28 5.54
N ALA A 62 -3.31 1.30 5.41
CA ALA A 62 -2.94 -0.10 5.61
C ALA A 62 -1.91 -0.56 4.58
N LEU A 63 -2.31 -0.61 3.32
CA LEU A 63 -1.42 -1.02 2.24
C LEU A 63 -0.09 -0.27 2.31
N PHE A 64 -0.18 1.05 2.46
CA PHE A 64 1.01 1.89 2.54
C PHE A 64 1.88 1.48 3.72
N ASN A 65 1.25 1.19 4.85
CA ASN A 65 1.96 0.79 6.05
C ASN A 65 2.76 -0.50 5.81
N GLU A 66 2.14 -1.45 5.12
CA GLU A 66 2.79 -2.72 4.83
C GLU A 66 3.98 -2.52 3.89
N PHE A 67 3.73 -1.88 2.75
CA PHE A 67 4.79 -1.62 1.77
C PHE A 67 6.02 -1.04 2.45
N VAL A 68 5.88 0.15 3.03
CA VAL A 68 6.98 0.81 3.70
C VAL A 68 7.57 -0.08 4.79
N ALA A 69 6.70 -0.71 5.56
CA ALA A 69 7.13 -1.60 6.64
C ALA A 69 8.21 -2.57 6.15
N ALA A 70 8.03 -3.08 4.94
CA ALA A 70 8.98 -4.01 4.36
C ALA A 70 10.09 -3.28 3.61
N ALA A 71 9.73 -2.18 2.97
CA ALA A 71 10.69 -1.38 2.22
C ALA A 71 11.90 -1.02 3.07
N ARG A 72 11.63 -0.51 4.28
CA ARG A 72 12.70 -0.12 5.20
C ARG A 72 13.59 -1.31 5.53
N LYS A 73 12.98 -2.47 5.71
CA LYS A 73 13.72 -3.68 6.02
C LYS A 73 14.51 -4.18 4.82
N LYS A 74 13.80 -4.61 3.78
CA LYS A 74 14.44 -5.09 2.56
C LYS A 74 15.72 -4.32 2.28
N GLU A 75 15.73 -3.04 2.63
CA GLU A 75 16.91 -2.19 2.41
C GLU A 75 17.92 -2.38 3.53
N LYS A 76 18.12 -3.63 3.94
CA LYS A 76 19.06 -3.95 5.00
C LYS A 76 20.28 -3.03 4.93
N GLU A 77 20.76 -2.78 3.72
CA GLU A 77 21.92 -1.92 3.54
C GLU A 77 21.54 -0.45 3.72
N SER A 78 22.12 0.18 4.75
CA SER A 78 21.83 1.58 5.05
C SER A 78 22.86 2.49 4.39
N GLY A 79 22.40 3.63 3.88
CA GLY A 79 23.30 4.57 3.23
C GLY A 79 22.93 6.01 3.52
N PRO A 80 23.95 6.88 3.60
CA PRO A 80 23.74 8.30 3.87
C PRO A 80 23.09 9.04 2.71
N SER A 81 21.77 9.15 2.76
CA SER A 81 21.02 9.83 1.70
C SER A 81 21.50 11.26 1.52
N SER A 82 21.82 11.62 0.28
CA SER A 82 22.32 12.96 -0.02
C SER A 82 21.45 13.62 -1.10
N GLY A 83 21.05 14.86 -0.85
CA GLY A 83 20.22 15.58 -1.80
C GLY A 83 19.73 16.91 -1.26
N GLY A 1 -3.34 -2.17 24.71
CA GLY A 1 -4.43 -1.96 23.78
C GLY A 1 -4.58 -3.09 22.79
N SER A 2 -5.81 -3.30 22.32
CA SER A 2 -6.08 -4.37 21.36
C SER A 2 -6.03 -3.84 19.93
N SER A 3 -5.03 -3.00 19.65
CA SER A 3 -4.87 -2.43 18.31
C SER A 3 -3.44 -2.59 17.82
N GLY A 4 -3.29 -3.16 16.63
CA GLY A 4 -1.97 -3.37 16.07
C GLY A 4 -2.00 -4.20 14.80
N SER A 5 -1.06 -5.14 14.69
CA SER A 5 -0.99 -6.00 13.52
C SER A 5 -2.35 -6.65 13.22
N SER A 6 -2.86 -6.37 12.03
CA SER A 6 -4.16 -6.92 11.63
C SER A 6 -4.41 -6.66 10.15
N GLY A 7 -5.24 -7.50 9.55
CA GLY A 7 -5.56 -7.35 8.13
C GLY A 7 -7.04 -7.52 7.84
N GLU A 8 -7.54 -6.79 6.85
CA GLU A 8 -8.94 -6.86 6.48
C GLU A 8 -9.26 -8.19 5.79
N ARG A 9 -10.47 -8.69 6.01
CA ARG A 9 -10.89 -9.95 5.40
C ARG A 9 -11.92 -9.71 4.30
N ARG A 10 -11.71 -8.64 3.53
CA ARG A 10 -12.62 -8.29 2.45
C ARG A 10 -12.37 -9.18 1.23
N GLU A 11 -13.05 -10.31 1.17
CA GLU A 11 -12.90 -11.24 0.06
C GLU A 11 -14.20 -11.37 -0.72
N LYS A 12 -14.90 -10.25 -0.87
CA LYS A 12 -16.17 -10.23 -1.61
C LYS A 12 -16.05 -9.42 -2.88
N LYS A 13 -15.64 -8.16 -2.75
CA LYS A 13 -15.47 -7.28 -3.90
C LYS A 13 -14.27 -7.70 -4.73
N ASN A 14 -14.54 -8.27 -5.91
CA ASN A 14 -13.47 -8.71 -6.80
C ASN A 14 -12.63 -7.52 -7.27
N LYS A 15 -13.30 -6.44 -7.63
CA LYS A 15 -12.61 -5.24 -8.10
C LYS A 15 -11.38 -4.95 -7.24
N ILE A 16 -11.49 -5.23 -5.94
CA ILE A 16 -10.39 -5.00 -5.02
C ILE A 16 -9.07 -5.48 -5.62
N MET A 17 -9.09 -6.65 -6.22
CA MET A 17 -7.89 -7.22 -6.84
C MET A 17 -7.30 -6.25 -7.86
N GLN A 18 -8.09 -5.92 -8.87
CA GLN A 18 -7.64 -5.01 -9.92
C GLN A 18 -7.00 -3.76 -9.32
N ALA A 19 -7.74 -3.06 -8.47
CA ALA A 19 -7.24 -1.85 -7.83
C ALA A 19 -5.96 -2.14 -7.05
N LYS A 20 -6.08 -2.99 -6.03
CA LYS A 20 -4.94 -3.35 -5.19
C LYS A 20 -3.71 -3.63 -6.04
N GLU A 21 -3.93 -4.28 -7.19
CA GLU A 21 -2.84 -4.61 -8.10
C GLU A 21 -2.14 -3.35 -8.60
N ASP A 22 -2.93 -2.40 -9.08
CA ASP A 22 -2.40 -1.14 -9.60
C ASP A 22 -1.70 -0.37 -8.49
N PHE A 23 -2.16 -0.54 -7.26
CA PHE A 23 -1.58 0.16 -6.11
C PHE A 23 -0.21 -0.42 -5.77
N LYS A 24 -0.19 -1.69 -5.37
CA LYS A 24 1.05 -2.37 -5.01
C LYS A 24 2.13 -2.13 -6.07
N LYS A 25 1.72 -2.18 -7.34
CA LYS A 25 2.63 -1.98 -8.45
C LYS A 25 2.98 -0.49 -8.61
N MET A 26 1.98 0.36 -8.39
CA MET A 26 2.16 1.80 -8.51
C MET A 26 3.21 2.29 -7.52
N MET A 27 3.26 1.66 -6.35
CA MET A 27 4.22 2.04 -5.32
C MET A 27 5.59 1.47 -5.62
N GLU A 28 5.63 0.17 -5.94
CA GLU A 28 6.89 -0.50 -6.26
C GLU A 28 7.70 0.31 -7.27
N GLU A 29 7.01 0.84 -8.28
CA GLU A 29 7.66 1.62 -9.32
C GLU A 29 8.01 3.03 -8.81
N ALA A 30 7.03 3.68 -8.19
CA ALA A 30 7.22 5.01 -7.66
C ALA A 30 8.61 5.17 -7.04
N LYS A 31 9.04 4.14 -6.30
CA LYS A 31 10.35 4.16 -5.66
C LYS A 31 10.44 5.29 -4.64
N PHE A 32 9.39 5.47 -3.86
CA PHE A 32 9.35 6.53 -2.85
C PHE A 32 10.14 6.12 -1.62
N ASN A 33 10.23 7.03 -0.65
CA ASN A 33 10.95 6.77 0.59
C ASN A 33 9.99 6.48 1.74
N PRO A 34 10.38 5.56 2.63
CA PRO A 34 9.56 5.18 3.78
C PRO A 34 9.48 6.29 4.82
N ARG A 35 10.26 7.35 4.62
CA ARG A 35 10.27 8.49 5.54
C ARG A 35 9.06 9.39 5.30
N ALA A 36 8.72 9.59 4.03
CA ALA A 36 7.59 10.43 3.67
C ALA A 36 6.35 10.06 4.47
N THR A 37 5.53 11.06 4.80
CA THR A 37 4.31 10.84 5.56
C THR A 37 3.15 10.47 4.65
N PHE A 38 2.39 9.46 5.05
CA PHE A 38 1.24 9.01 4.27
C PHE A 38 0.51 10.20 3.64
N SER A 39 0.33 11.25 4.43
CA SER A 39 -0.35 12.45 3.95
C SER A 39 0.26 12.95 2.65
N GLU A 40 1.59 12.99 2.60
CA GLU A 40 2.30 13.44 1.42
C GLU A 40 2.18 12.42 0.29
N PHE A 41 2.55 11.18 0.57
CA PHE A 41 2.48 10.12 -0.42
C PHE A 41 1.11 10.06 -1.08
N ALA A 42 0.07 10.25 -0.26
CA ALA A 42 -1.30 10.22 -0.76
C ALA A 42 -1.58 11.42 -1.66
N ALA A 43 -1.25 12.61 -1.17
CA ALA A 43 -1.46 13.84 -1.92
C ALA A 43 -0.75 13.78 -3.28
N LYS A 44 0.47 13.28 -3.28
CA LYS A 44 1.26 13.16 -4.50
C LYS A 44 0.67 12.10 -5.43
N HIS A 45 0.52 10.89 -4.90
CA HIS A 45 -0.04 9.78 -5.68
C HIS A 45 -1.52 10.04 -6.01
N ALA A 46 -2.08 11.10 -5.42
CA ALA A 46 -3.47 11.44 -5.65
C ALA A 46 -3.75 11.60 -7.15
N LYS A 47 -3.08 12.56 -7.77
CA LYS A 47 -3.26 12.83 -9.19
C LYS A 47 -3.26 11.53 -9.99
N ASP A 48 -2.54 10.53 -9.48
CA ASP A 48 -2.46 9.23 -10.14
C ASP A 48 -3.84 8.57 -10.22
N SER A 49 -4.46 8.64 -11.39
CA SER A 49 -5.78 8.07 -11.59
C SER A 49 -5.91 6.75 -10.84
N ARG A 50 -5.00 5.81 -11.12
CA ARG A 50 -5.03 4.51 -10.48
C ARG A 50 -5.22 4.65 -8.97
N PHE A 51 -4.43 5.52 -8.35
CA PHE A 51 -4.53 5.75 -6.91
C PHE A 51 -5.94 6.15 -6.51
N LYS A 52 -6.56 7.02 -7.31
CA LYS A 52 -7.91 7.48 -7.05
C LYS A 52 -8.86 6.30 -6.87
N ALA A 53 -8.43 5.13 -7.32
CA ALA A 53 -9.25 3.92 -7.22
C ALA A 53 -9.43 3.52 -5.76
N ILE A 54 -8.40 3.70 -4.95
CA ILE A 54 -8.46 3.36 -3.54
C ILE A 54 -8.94 4.54 -2.70
N GLU A 55 -10.12 4.40 -2.12
CA GLU A 55 -10.70 5.46 -1.29
C GLU A 55 -10.60 5.10 0.19
N LYS A 56 -11.00 3.88 0.52
CA LYS A 56 -10.96 3.41 1.90
C LYS A 56 -9.71 3.91 2.62
N MET A 57 -9.84 5.03 3.31
CA MET A 57 -8.71 5.61 4.05
C MET A 57 -7.92 4.52 4.77
N LYS A 58 -8.63 3.65 5.48
CA LYS A 58 -7.99 2.57 6.21
C LYS A 58 -7.08 1.75 5.30
N ASP A 59 -7.58 1.45 4.11
CA ASP A 59 -6.82 0.67 3.13
C ASP A 59 -5.55 1.41 2.73
N ARG A 60 -5.67 2.72 2.54
CA ARG A 60 -4.53 3.54 2.14
C ARG A 60 -3.37 3.39 3.14
N GLU A 61 -3.66 3.66 4.41
CA GLU A 61 -2.65 3.56 5.45
C GLU A 61 -2.18 2.11 5.61
N ALA A 62 -3.10 1.17 5.40
CA ALA A 62 -2.78 -0.25 5.52
C ALA A 62 -1.75 -0.67 4.47
N LEU A 63 -2.13 -0.55 3.20
CA LEU A 63 -1.23 -0.93 2.11
C LEU A 63 0.11 -0.21 2.23
N PHE A 64 0.05 1.09 2.47
CA PHE A 64 1.27 1.90 2.62
C PHE A 64 2.09 1.44 3.81
N ASN A 65 1.41 1.11 4.90
CA ASN A 65 2.09 0.65 6.11
C ASN A 65 2.89 -0.61 5.83
N GLU A 66 2.31 -1.53 5.08
CA GLU A 66 2.98 -2.78 4.74
C GLU A 66 4.18 -2.52 3.84
N PHE A 67 3.93 -1.99 2.65
CA PHE A 67 4.99 -1.70 1.69
C PHE A 67 6.22 -1.15 2.40
N VAL A 68 6.06 -0.01 3.07
CA VAL A 68 7.14 0.63 3.79
C VAL A 68 7.71 -0.30 4.87
N ALA A 69 6.82 -0.97 5.59
CA ALA A 69 7.23 -1.89 6.64
C ALA A 69 8.28 -2.87 6.13
N ALA A 70 8.09 -3.36 4.91
CA ALA A 70 9.02 -4.31 4.31
C ALA A 70 10.11 -3.59 3.52
N ALA A 71 9.79 -2.38 3.06
CA ALA A 71 10.74 -1.58 2.30
C ALA A 71 11.90 -1.11 3.17
N ARG A 72 11.59 -0.81 4.44
CA ARG A 72 12.61 -0.35 5.38
C ARG A 72 13.52 -1.50 5.81
N LYS A 73 12.90 -2.61 6.23
CA LYS A 73 13.64 -3.77 6.67
C LYS A 73 12.86 -5.05 6.40
N LYS A 74 13.53 -6.19 6.56
CA LYS A 74 12.89 -7.49 6.33
C LYS A 74 13.00 -8.38 7.56
N GLU A 75 13.00 -7.75 8.74
CA GLU A 75 13.10 -8.48 9.99
C GLU A 75 12.27 -9.77 9.94
N LYS A 76 11.23 -9.76 9.11
CA LYS A 76 10.36 -10.92 8.96
C LYS A 76 11.16 -12.22 9.04
N GLU A 77 11.18 -12.84 10.21
CA GLU A 77 11.91 -14.09 10.41
C GLU A 77 11.19 -15.24 9.72
N SER A 78 11.93 -16.33 9.48
CA SER A 78 11.37 -17.50 8.83
C SER A 78 10.84 -18.50 9.85
N GLY A 79 11.73 -18.96 10.73
CA GLY A 79 11.33 -19.91 11.75
C GLY A 79 10.88 -21.24 11.17
N PRO A 80 11.85 -22.11 10.85
CA PRO A 80 11.57 -23.42 10.28
C PRO A 80 10.93 -24.37 11.28
N SER A 81 9.73 -24.85 10.96
CA SER A 81 9.01 -25.76 11.83
C SER A 81 8.55 -27.00 11.08
N SER A 82 8.50 -28.13 11.77
CA SER A 82 8.08 -29.38 11.16
C SER A 82 6.85 -29.95 11.88
N GLY A 83 5.76 -30.11 11.13
CA GLY A 83 4.54 -30.63 11.71
C GLY A 83 3.37 -30.59 10.73
N GLY A 1 2.07 -6.73 14.79
CA GLY A 1 1.66 -8.10 14.54
C GLY A 1 0.26 -8.39 15.05
N SER A 2 -0.71 -7.57 14.62
CA SER A 2 -2.09 -7.74 15.04
C SER A 2 -3.05 -7.17 14.00
N SER A 3 -3.96 -8.00 13.53
CA SER A 3 -4.94 -7.59 12.51
C SER A 3 -6.16 -6.98 13.18
N GLY A 4 -6.34 -5.67 13.00
CA GLY A 4 -7.48 -4.99 13.58
C GLY A 4 -8.08 -3.95 12.66
N SER A 5 -7.26 -3.02 12.20
CA SER A 5 -7.71 -1.97 11.30
C SER A 5 -8.71 -2.50 10.29
N SER A 6 -8.27 -3.45 9.47
CA SER A 6 -9.13 -4.05 8.46
C SER A 6 -10.46 -4.47 9.06
N GLY A 7 -11.41 -4.84 8.19
CA GLY A 7 -12.72 -5.25 8.66
C GLY A 7 -13.32 -6.33 7.78
N GLU A 8 -14.56 -6.13 7.36
CA GLU A 8 -15.25 -7.09 6.51
C GLU A 8 -15.34 -6.60 5.08
N ARG A 9 -14.65 -7.28 4.18
CA ARG A 9 -14.64 -6.91 2.77
C ARG A 9 -15.35 -7.96 1.92
N ARG A 10 -16.64 -7.74 1.66
CA ARG A 10 -17.43 -8.68 0.87
C ARG A 10 -17.76 -8.08 -0.50
N GLU A 11 -17.05 -8.54 -1.52
CA GLU A 11 -17.27 -8.06 -2.88
C GLU A 11 -17.21 -9.20 -3.88
N LYS A 12 -18.33 -9.46 -4.56
CA LYS A 12 -18.41 -10.52 -5.55
C LYS A 12 -17.59 -10.18 -6.78
N LYS A 13 -17.89 -9.03 -7.38
CA LYS A 13 -17.17 -8.58 -8.57
C LYS A 13 -15.69 -8.37 -8.27
N ASN A 14 -14.86 -8.53 -9.29
CA ASN A 14 -13.41 -8.36 -9.14
C ASN A 14 -13.04 -6.88 -9.17
N LYS A 15 -13.04 -6.25 -8.00
CA LYS A 15 -12.70 -4.83 -7.90
C LYS A 15 -11.53 -4.63 -6.94
N ILE A 16 -11.61 -5.24 -5.76
CA ILE A 16 -10.56 -5.12 -4.76
C ILE A 16 -9.21 -5.51 -5.34
N MET A 17 -9.11 -6.74 -5.85
CA MET A 17 -7.87 -7.23 -6.44
C MET A 17 -7.36 -6.26 -7.51
N GLN A 18 -8.21 -5.96 -8.49
CA GLN A 18 -7.84 -5.06 -9.57
C GLN A 18 -7.23 -3.77 -9.02
N ALA A 19 -8.00 -3.06 -8.20
CA ALA A 19 -7.54 -1.82 -7.61
C ALA A 19 -6.24 -2.03 -6.83
N LYS A 20 -6.30 -2.88 -5.80
CA LYS A 20 -5.13 -3.17 -4.98
C LYS A 20 -3.91 -3.42 -5.85
N GLU A 21 -4.09 -4.14 -6.95
CA GLU A 21 -3.00 -4.46 -7.87
C GLU A 21 -2.36 -3.17 -8.39
N ASP A 22 -3.19 -2.28 -8.92
CA ASP A 22 -2.70 -1.01 -9.47
C ASP A 22 -1.96 -0.21 -8.40
N PHE A 23 -2.34 -0.42 -7.14
CA PHE A 23 -1.72 0.29 -6.03
C PHE A 23 -0.34 -0.32 -5.70
N LYS A 24 -0.35 -1.55 -5.22
CA LYS A 24 0.88 -2.24 -4.87
C LYS A 24 1.94 -2.05 -5.95
N LYS A 25 1.50 -2.10 -7.20
CA LYS A 25 2.41 -1.93 -8.33
C LYS A 25 2.78 -0.47 -8.52
N MET A 26 1.80 0.41 -8.41
CA MET A 26 2.02 1.84 -8.56
C MET A 26 3.07 2.34 -7.56
N MET A 27 2.97 1.86 -6.33
CA MET A 27 3.91 2.25 -5.29
C MET A 27 5.28 1.64 -5.53
N GLU A 28 5.30 0.35 -5.85
CA GLU A 28 6.56 -0.35 -6.12
C GLU A 28 7.43 0.44 -7.08
N GLU A 29 6.81 0.96 -8.13
CA GLU A 29 7.54 1.75 -9.14
C GLU A 29 7.91 3.12 -8.58
N ALA A 30 6.99 3.72 -7.85
CA ALA A 30 7.22 5.04 -7.26
C ALA A 30 8.63 5.13 -6.64
N LYS A 31 9.01 4.08 -5.93
CA LYS A 31 10.32 4.04 -5.28
C LYS A 31 10.50 5.23 -4.35
N PHE A 32 9.50 5.49 -3.52
CA PHE A 32 9.55 6.59 -2.57
C PHE A 32 10.35 6.21 -1.33
N ASN A 33 10.58 7.19 -0.46
CA ASN A 33 11.32 6.96 0.77
C ASN A 33 10.39 6.61 1.93
N PRO A 34 10.84 5.69 2.79
CA PRO A 34 10.06 5.26 3.95
C PRO A 34 9.94 6.35 5.02
N ARG A 35 10.74 7.40 4.86
CA ARG A 35 10.72 8.50 5.82
C ARG A 35 9.63 9.51 5.46
N ALA A 36 8.88 9.22 4.40
CA ALA A 36 7.81 10.09 3.96
C ALA A 36 6.55 9.88 4.79
N THR A 37 5.60 10.80 4.67
CA THR A 37 4.35 10.71 5.41
C THR A 37 3.19 10.35 4.49
N PHE A 38 2.39 9.37 4.91
CA PHE A 38 1.24 8.93 4.11
C PHE A 38 0.55 10.12 3.47
N SER A 39 0.64 11.28 4.11
CA SER A 39 0.00 12.49 3.60
C SER A 39 0.65 12.93 2.30
N GLU A 40 1.95 13.21 2.35
CA GLU A 40 2.70 13.63 1.17
C GLU A 40 2.55 12.63 0.03
N PHE A 41 2.66 11.35 0.37
CA PHE A 41 2.54 10.29 -0.62
C PHE A 41 1.17 10.32 -1.30
N ALA A 42 0.12 10.33 -0.48
CA ALA A 42 -1.24 10.37 -0.99
C ALA A 42 -1.43 11.50 -1.98
N ALA A 43 -1.24 12.73 -1.51
CA ALA A 43 -1.37 13.91 -2.36
C ALA A 43 -0.46 13.82 -3.57
N LYS A 44 0.83 13.63 -3.33
CA LYS A 44 1.81 13.53 -4.40
C LYS A 44 1.36 12.53 -5.46
N HIS A 45 0.74 11.45 -5.02
CA HIS A 45 0.26 10.41 -5.93
C HIS A 45 -1.27 10.36 -5.92
N ALA A 46 -1.90 11.47 -5.59
CA ALA A 46 -3.35 11.55 -5.54
C ALA A 46 -3.94 11.74 -6.93
N LYS A 47 -3.23 12.48 -7.77
CA LYS A 47 -3.67 12.75 -9.13
C LYS A 47 -3.60 11.48 -9.99
N ASP A 48 -2.77 10.54 -9.56
CA ASP A 48 -2.62 9.28 -10.28
C ASP A 48 -3.95 8.52 -10.33
N SER A 49 -4.58 8.51 -11.50
CA SER A 49 -5.85 7.83 -11.67
C SER A 49 -5.90 6.55 -10.84
N ARG A 50 -4.96 5.65 -11.09
CA ARG A 50 -4.90 4.38 -10.36
C ARG A 50 -5.06 4.62 -8.86
N PHE A 51 -4.22 5.51 -8.32
CA PHE A 51 -4.27 5.81 -6.89
C PHE A 51 -5.68 6.19 -6.45
N LYS A 52 -6.36 6.96 -7.29
CA LYS A 52 -7.73 7.40 -7.00
C LYS A 52 -8.66 6.20 -6.86
N ALA A 53 -8.41 5.17 -7.67
CA ALA A 53 -9.23 3.96 -7.63
C ALA A 53 -9.48 3.51 -6.19
N ILE A 54 -8.53 3.81 -5.31
CA ILE A 54 -8.65 3.44 -3.90
C ILE A 54 -9.38 4.52 -3.11
N GLU A 55 -10.30 4.09 -2.24
CA GLU A 55 -11.06 5.02 -1.42
C GLU A 55 -10.90 4.69 0.07
N LYS A 56 -11.30 3.48 0.44
CA LYS A 56 -11.21 3.05 1.83
C LYS A 56 -9.90 3.54 2.47
N MET A 57 -10.04 4.41 3.47
CA MET A 57 -8.88 4.95 4.15
C MET A 57 -8.00 3.83 4.71
N LYS A 58 -8.63 2.91 5.45
CA LYS A 58 -7.91 1.79 6.04
C LYS A 58 -7.02 1.11 5.00
N ASP A 59 -7.49 1.05 3.76
CA ASP A 59 -6.75 0.43 2.69
C ASP A 59 -5.51 1.25 2.33
N ARG A 60 -5.72 2.54 2.08
CA ARG A 60 -4.63 3.44 1.73
C ARG A 60 -3.50 3.34 2.75
N GLU A 61 -3.84 3.47 4.02
CA GLU A 61 -2.86 3.39 5.10
C GLU A 61 -2.33 1.97 5.25
N ALA A 62 -3.25 1.03 5.46
CA ALA A 62 -2.88 -0.37 5.62
C ALA A 62 -1.84 -0.79 4.58
N LEU A 63 -2.16 -0.54 3.31
CA LEU A 63 -1.26 -0.89 2.22
C LEU A 63 0.09 -0.20 2.37
N PHE A 64 0.06 1.13 2.42
CA PHE A 64 1.28 1.91 2.56
C PHE A 64 2.11 1.42 3.75
N ASN A 65 1.43 0.97 4.79
CA ASN A 65 2.10 0.47 5.98
C ASN A 65 2.96 -0.75 5.65
N GLU A 66 2.33 -1.78 5.09
CA GLU A 66 3.04 -3.00 4.74
C GLU A 66 4.15 -2.70 3.73
N PHE A 67 3.88 -1.77 2.81
CA PHE A 67 4.86 -1.40 1.81
C PHE A 67 6.13 -0.85 2.44
N VAL A 68 5.99 0.23 3.21
CA VAL A 68 7.12 0.84 3.88
C VAL A 68 7.74 -0.10 4.90
N ALA A 69 6.90 -0.81 5.63
CA ALA A 69 7.36 -1.76 6.64
C ALA A 69 8.38 -2.74 6.05
N ALA A 70 8.12 -3.18 4.83
CA ALA A 70 9.01 -4.13 4.16
C ALA A 70 10.18 -3.39 3.49
N ALA A 71 9.86 -2.31 2.79
CA ALA A 71 10.87 -1.52 2.11
C ALA A 71 12.08 -1.28 3.01
N ARG A 72 11.81 -0.96 4.28
CA ARG A 72 12.87 -0.70 5.24
C ARG A 72 13.50 -2.01 5.72
N LYS A 73 14.63 -2.38 5.12
CA LYS A 73 15.33 -3.60 5.49
C LYS A 73 16.84 -3.39 5.51
N LYS A 74 17.54 -4.20 6.29
CA LYS A 74 18.97 -4.10 6.40
C LYS A 74 19.66 -4.71 5.17
N GLU A 75 19.24 -5.91 4.81
CA GLU A 75 19.81 -6.60 3.64
C GLU A 75 20.14 -5.61 2.53
N LYS A 76 19.16 -4.77 2.19
CA LYS A 76 19.34 -3.78 1.14
C LYS A 76 20.65 -3.02 1.32
N GLU A 77 20.83 -2.43 2.50
CA GLU A 77 22.05 -1.67 2.79
C GLU A 77 22.63 -2.10 4.13
N SER A 78 23.93 -2.39 4.14
CA SER A 78 24.60 -2.81 5.36
C SER A 78 25.06 -1.60 6.17
N GLY A 79 24.44 -1.42 7.34
CA GLY A 79 24.78 -0.30 8.19
C GLY A 79 23.68 0.74 8.28
N PRO A 80 22.59 0.40 8.96
CA PRO A 80 21.44 1.29 9.13
C PRO A 80 21.75 2.48 10.03
N SER A 81 22.05 3.61 9.42
CA SER A 81 22.37 4.82 10.17
C SER A 81 23.54 4.59 11.12
N SER A 82 24.55 3.85 10.64
CA SER A 82 25.72 3.55 11.44
C SER A 82 25.32 3.26 12.89
N GLY A 83 24.23 2.51 13.06
CA GLY A 83 23.77 2.18 14.39
C GLY A 83 22.27 2.01 14.45
N GLY A 1 -11.80 2.53 18.68
CA GLY A 1 -12.46 1.38 19.29
C GLY A 1 -11.52 0.22 19.53
N SER A 2 -12.03 -0.81 20.19
CA SER A 2 -11.22 -1.99 20.49
C SER A 2 -11.09 -2.90 19.27
N SER A 3 -10.01 -3.65 19.21
CA SER A 3 -9.77 -4.57 18.09
C SER A 3 -10.98 -5.45 17.86
N GLY A 4 -11.13 -5.93 16.63
CA GLY A 4 -12.25 -6.79 16.28
C GLY A 4 -13.41 -6.02 15.70
N SER A 5 -13.18 -5.35 14.58
CA SER A 5 -14.22 -4.56 13.92
C SER A 5 -13.98 -4.48 12.42
N SER A 6 -14.95 -4.95 11.64
CA SER A 6 -14.84 -4.94 10.19
C SER A 6 -16.13 -4.42 9.55
N GLY A 7 -16.04 -3.26 8.91
CA GLY A 7 -17.20 -2.67 8.27
C GLY A 7 -16.91 -2.18 6.87
N GLU A 8 -16.24 -3.01 6.07
CA GLU A 8 -15.89 -2.65 4.71
C GLU A 8 -16.09 -3.82 3.76
N ARG A 9 -16.17 -3.53 2.47
CA ARG A 9 -16.37 -4.57 1.45
C ARG A 9 -15.14 -5.46 1.35
N ARG A 10 -15.22 -6.64 1.94
CA ARG A 10 -14.10 -7.59 1.92
C ARG A 10 -13.97 -8.24 0.54
N GLU A 11 -12.75 -8.61 0.19
CA GLU A 11 -12.49 -9.24 -1.11
C GLU A 11 -13.63 -10.17 -1.50
N LYS A 12 -14.40 -9.78 -2.51
CA LYS A 12 -15.52 -10.58 -2.98
C LYS A 12 -15.42 -10.83 -4.48
N LYS A 13 -15.23 -9.74 -5.23
CA LYS A 13 -15.12 -9.84 -6.68
C LYS A 13 -13.69 -9.55 -7.14
N ASN A 14 -13.43 -9.74 -8.43
CA ASN A 14 -12.12 -9.50 -8.99
C ASN A 14 -11.73 -8.03 -8.88
N LYS A 15 -12.69 -7.15 -9.10
CA LYS A 15 -12.46 -5.72 -9.02
C LYS A 15 -11.51 -5.38 -7.87
N ILE A 16 -11.84 -5.89 -6.69
CA ILE A 16 -11.02 -5.65 -5.50
C ILE A 16 -9.53 -5.76 -5.83
N MET A 17 -9.09 -6.99 -6.11
CA MET A 17 -7.70 -7.24 -6.45
C MET A 17 -7.20 -6.25 -7.50
N GLN A 18 -7.95 -6.15 -8.61
CA GLN A 18 -7.58 -5.25 -9.69
C GLN A 18 -7.03 -3.95 -9.14
N ALA A 19 -7.82 -3.28 -8.30
CA ALA A 19 -7.39 -2.01 -7.70
C ALA A 19 -6.10 -2.18 -6.90
N LYS A 20 -6.06 -3.23 -6.09
CA LYS A 20 -4.89 -3.50 -5.27
C LYS A 20 -3.65 -3.75 -6.14
N GLU A 21 -3.88 -4.27 -7.33
CA GLU A 21 -2.79 -4.55 -8.27
C GLU A 21 -2.16 -3.26 -8.76
N ASP A 22 -2.98 -2.38 -9.32
CA ASP A 22 -2.50 -1.10 -9.83
C ASP A 22 -1.86 -0.27 -8.73
N PHE A 23 -2.32 -0.48 -7.50
CA PHE A 23 -1.79 0.25 -6.35
C PHE A 23 -0.44 -0.32 -5.91
N LYS A 24 -0.45 -1.58 -5.50
CA LYS A 24 0.76 -2.26 -5.06
C LYS A 24 1.88 -2.10 -6.09
N LYS A 25 1.53 -2.26 -7.36
CA LYS A 25 2.50 -2.14 -8.44
C LYS A 25 2.91 -0.68 -8.64
N MET A 26 1.94 0.22 -8.51
CA MET A 26 2.20 1.65 -8.68
C MET A 26 3.22 2.13 -7.64
N MET A 27 3.02 1.73 -6.39
CA MET A 27 3.91 2.14 -5.31
C MET A 27 5.30 1.53 -5.51
N GLU A 28 5.34 0.26 -5.89
CA GLU A 28 6.62 -0.41 -6.11
C GLU A 28 7.47 0.34 -7.12
N GLU A 29 6.83 0.79 -8.20
CA GLU A 29 7.55 1.54 -9.24
C GLU A 29 8.09 2.86 -8.69
N ALA A 30 7.22 3.62 -8.04
CA ALA A 30 7.62 4.90 -7.46
C ALA A 30 8.74 4.72 -6.45
N LYS A 31 8.80 3.56 -5.83
CA LYS A 31 9.83 3.27 -4.84
C LYS A 31 10.19 4.51 -4.04
N PHE A 32 9.17 5.17 -3.49
CA PHE A 32 9.38 6.38 -2.71
C PHE A 32 10.20 6.09 -1.45
N ASN A 33 10.43 7.11 -0.64
CA ASN A 33 11.21 6.96 0.58
C ASN A 33 10.29 6.69 1.77
N PRO A 34 10.76 5.83 2.70
CA PRO A 34 9.99 5.48 3.90
C PRO A 34 9.87 6.64 4.88
N ARG A 35 10.67 7.68 4.66
CA ARG A 35 10.64 8.86 5.52
C ARG A 35 9.33 9.63 5.35
N ALA A 36 8.85 9.70 4.11
CA ALA A 36 7.60 10.40 3.82
C ALA A 36 6.43 9.79 4.57
N THR A 37 5.37 10.57 4.73
CA THR A 37 4.18 10.10 5.43
C THR A 37 3.05 9.79 4.46
N PHE A 38 2.22 8.82 4.82
CA PHE A 38 1.10 8.42 3.97
C PHE A 38 0.45 9.63 3.31
N SER A 39 0.32 10.71 4.08
CA SER A 39 -0.29 11.94 3.57
C SER A 39 0.45 12.43 2.33
N GLU A 40 1.75 12.69 2.48
CA GLU A 40 2.57 13.16 1.38
C GLU A 40 2.46 12.24 0.17
N PHE A 41 2.46 10.93 0.43
CA PHE A 41 2.36 9.95 -0.63
C PHE A 41 1.02 10.06 -1.35
N ALA A 42 -0.05 10.21 -0.58
CA ALA A 42 -1.39 10.34 -1.14
C ALA A 42 -1.50 11.57 -2.02
N ALA A 43 -1.22 12.73 -1.45
CA ALA A 43 -1.30 13.99 -2.17
C ALA A 43 -0.35 13.98 -3.36
N LYS A 44 0.86 13.48 -3.15
CA LYS A 44 1.87 13.41 -4.21
C LYS A 44 1.38 12.54 -5.36
N HIS A 45 0.78 11.39 -5.03
CA HIS A 45 0.27 10.47 -6.02
C HIS A 45 -1.25 10.48 -6.06
N ALA A 46 -1.84 11.61 -5.68
CA ALA A 46 -3.28 11.75 -5.67
C ALA A 46 -3.83 11.99 -7.08
N LYS A 47 -3.05 12.69 -7.90
CA LYS A 47 -3.45 12.99 -9.26
C LYS A 47 -3.54 11.72 -10.09
N ASP A 48 -2.77 10.71 -9.71
CA ASP A 48 -2.76 9.43 -10.42
C ASP A 48 -4.12 8.74 -10.30
N SER A 49 -4.92 8.85 -11.36
CA SER A 49 -6.25 8.24 -11.38
C SER A 49 -6.25 6.91 -10.61
N ARG A 50 -5.44 5.96 -11.08
CA ARG A 50 -5.36 4.65 -10.44
C ARG A 50 -5.32 4.80 -8.93
N PHE A 51 -4.38 5.60 -8.42
CA PHE A 51 -4.24 5.82 -6.99
C PHE A 51 -5.58 6.21 -6.37
N LYS A 52 -6.27 7.15 -7.02
CA LYS A 52 -7.56 7.62 -6.54
C LYS A 52 -8.51 6.46 -6.28
N ALA A 53 -8.37 5.40 -7.08
CA ALA A 53 -9.22 4.22 -6.95
C ALA A 53 -9.29 3.77 -5.50
N ILE A 54 -8.19 3.92 -4.77
CA ILE A 54 -8.14 3.52 -3.38
C ILE A 54 -8.58 4.66 -2.47
N GLU A 55 -9.86 4.69 -2.14
CA GLU A 55 -10.41 5.72 -1.27
C GLU A 55 -10.39 5.27 0.19
N LYS A 56 -10.78 4.03 0.42
CA LYS A 56 -10.82 3.48 1.78
C LYS A 56 -9.53 3.81 2.53
N MET A 57 -9.63 4.76 3.47
CA MET A 57 -8.47 5.16 4.26
C MET A 57 -7.78 3.95 4.87
N LYS A 58 -8.57 3.02 5.40
CA LYS A 58 -8.04 1.82 6.02
C LYS A 58 -7.16 1.05 5.04
N ASP A 59 -7.56 1.04 3.77
CA ASP A 59 -6.81 0.34 2.74
C ASP A 59 -5.54 1.10 2.38
N ARG A 60 -5.67 2.41 2.23
CA ARG A 60 -4.52 3.26 1.89
C ARG A 60 -3.45 3.18 2.97
N GLU A 61 -3.86 3.33 4.22
CA GLU A 61 -2.93 3.28 5.34
C GLU A 61 -2.40 1.87 5.55
N ALA A 62 -3.29 0.89 5.39
CA ALA A 62 -2.92 -0.52 5.56
C ALA A 62 -1.90 -0.94 4.50
N LEU A 63 -2.31 -0.86 3.23
CA LEU A 63 -1.44 -1.25 2.13
C LEU A 63 -0.13 -0.45 2.17
N PHE A 64 -0.24 0.85 2.38
CA PHE A 64 0.93 1.72 2.43
C PHE A 64 1.80 1.38 3.64
N ASN A 65 1.14 1.17 4.78
CA ASN A 65 1.85 0.84 6.02
C ASN A 65 2.79 -0.35 5.81
N GLU A 66 2.24 -1.46 5.35
CA GLU A 66 3.02 -2.66 5.10
C GLU A 66 4.12 -2.40 4.07
N PHE A 67 3.79 -1.58 3.07
CA PHE A 67 4.75 -1.25 2.01
C PHE A 67 6.02 -0.65 2.61
N VAL A 68 5.87 0.49 3.28
CA VAL A 68 7.01 1.16 3.89
C VAL A 68 7.66 0.29 4.95
N ALA A 69 6.85 -0.51 5.66
CA ALA A 69 7.35 -1.39 6.69
C ALA A 69 8.40 -2.34 6.14
N ALA A 70 8.20 -2.81 4.92
CA ALA A 70 9.13 -3.73 4.27
C ALA A 70 10.21 -2.96 3.53
N ALA A 71 9.82 -1.87 2.87
CA ALA A 71 10.76 -1.05 2.12
C ALA A 71 11.99 -0.72 2.95
N ARG A 72 11.78 -0.44 4.24
CA ARG A 72 12.87 -0.11 5.15
C ARG A 72 13.61 -1.36 5.60
N LYS A 73 14.69 -1.16 6.33
CA LYS A 73 15.49 -2.28 6.83
C LYS A 73 14.68 -3.14 7.80
N LYS A 74 15.05 -4.41 7.90
CA LYS A 74 14.36 -5.34 8.79
C LYS A 74 15.29 -5.83 9.90
N GLU A 75 16.54 -6.11 9.52
CA GLU A 75 17.53 -6.59 10.49
C GLU A 75 17.37 -5.88 11.82
N LYS A 76 17.13 -4.58 11.78
CA LYS A 76 16.96 -3.79 13.00
C LYS A 76 16.11 -4.54 14.02
N GLU A 77 16.64 -4.66 15.23
CA GLU A 77 15.93 -5.37 16.30
C GLU A 77 14.43 -5.12 16.20
N SER A 78 14.04 -3.86 16.07
CA SER A 78 12.63 -3.49 15.97
C SER A 78 11.86 -4.53 15.16
N GLY A 79 12.24 -4.69 13.90
CA GLY A 79 11.58 -5.65 13.03
C GLY A 79 10.09 -5.72 13.28
N PRO A 80 9.39 -4.59 13.05
CA PRO A 80 7.93 -4.50 13.25
C PRO A 80 7.16 -5.32 12.23
N SER A 81 7.52 -5.15 10.95
CA SER A 81 6.85 -5.87 9.87
C SER A 81 5.36 -6.04 10.17
N SER A 82 4.76 -4.99 10.74
CA SER A 82 3.35 -5.01 11.07
C SER A 82 2.85 -3.60 11.41
N GLY A 83 1.54 -3.43 11.37
CA GLY A 83 0.96 -2.14 11.68
C GLY A 83 -0.56 -2.13 11.55
N GLY A 1 -5.20 4.58 14.99
CA GLY A 1 -5.24 3.53 15.99
C GLY A 1 -4.57 2.26 15.53
N SER A 2 -5.05 1.12 16.02
CA SER A 2 -4.49 -0.18 15.66
C SER A 2 -4.45 -0.34 14.14
N SER A 3 -3.28 -0.73 13.63
CA SER A 3 -3.12 -0.91 12.19
C SER A 3 -4.31 -1.64 11.60
N GLY A 4 -4.87 -1.08 10.52
CA GLY A 4 -6.01 -1.70 9.87
C GLY A 4 -5.63 -2.90 9.03
N SER A 5 -6.63 -3.57 8.48
CA SER A 5 -6.38 -4.74 7.64
C SER A 5 -7.60 -5.04 6.76
N SER A 6 -7.33 -5.41 5.51
CA SER A 6 -8.41 -5.72 4.57
C SER A 6 -8.54 -7.22 4.38
N GLY A 7 -9.63 -7.64 3.73
CA GLY A 7 -9.86 -9.05 3.50
C GLY A 7 -10.63 -9.31 2.22
N GLU A 8 -11.07 -10.55 2.03
CA GLU A 8 -11.83 -10.92 0.84
C GLU A 8 -13.30 -10.59 1.00
N ARG A 9 -13.58 -9.40 1.52
CA ARG A 9 -14.96 -8.96 1.71
C ARG A 9 -15.82 -9.28 0.50
N ARG A 10 -15.24 -9.15 -0.68
CA ARG A 10 -15.95 -9.43 -1.92
C ARG A 10 -15.15 -10.39 -2.80
N GLU A 11 -15.32 -11.69 -2.55
CA GLU A 11 -14.62 -12.71 -3.33
C GLU A 11 -15.39 -13.06 -4.59
N LYS A 12 -16.38 -12.23 -4.92
CA LYS A 12 -17.19 -12.45 -6.11
C LYS A 12 -16.67 -11.61 -7.28
N LYS A 13 -16.49 -10.31 -7.04
CA LYS A 13 -16.00 -9.40 -8.06
C LYS A 13 -14.51 -9.17 -7.91
N ASN A 14 -13.83 -8.87 -9.01
CA ASN A 14 -12.40 -8.62 -9.00
C ASN A 14 -12.11 -7.12 -8.92
N LYS A 15 -12.89 -6.42 -8.11
CA LYS A 15 -12.72 -4.98 -7.94
C LYS A 15 -11.59 -4.68 -6.96
N ILE A 16 -11.55 -5.42 -5.87
CA ILE A 16 -10.52 -5.23 -4.85
C ILE A 16 -9.15 -5.66 -5.37
N MET A 17 -9.10 -6.85 -5.97
CA MET A 17 -7.86 -7.38 -6.52
C MET A 17 -7.27 -6.43 -7.55
N GLN A 18 -8.06 -6.09 -8.56
CA GLN A 18 -7.61 -5.19 -9.62
C GLN A 18 -7.05 -3.89 -9.02
N ALA A 19 -7.89 -3.20 -8.25
CA ALA A 19 -7.49 -1.95 -7.62
C ALA A 19 -6.22 -2.13 -6.81
N LYS A 20 -6.23 -3.07 -5.88
CA LYS A 20 -5.07 -3.35 -5.04
C LYS A 20 -3.83 -3.55 -5.88
N GLU A 21 -3.97 -4.21 -7.03
CA GLU A 21 -2.86 -4.46 -7.93
C GLU A 21 -2.25 -3.14 -8.42
N ASP A 22 -3.09 -2.31 -9.02
CA ASP A 22 -2.64 -1.01 -9.53
C ASP A 22 -1.92 -0.21 -8.44
N PHE A 23 -2.36 -0.41 -7.20
CA PHE A 23 -1.76 0.30 -6.07
C PHE A 23 -0.37 -0.25 -5.75
N LYS A 24 -0.33 -1.48 -5.23
CA LYS A 24 0.93 -2.11 -4.88
C LYS A 24 1.95 -1.95 -6.00
N LYS A 25 1.48 -2.05 -7.24
CA LYS A 25 2.35 -1.91 -8.40
C LYS A 25 2.75 -0.45 -8.62
N MET A 26 1.79 0.45 -8.43
CA MET A 26 2.05 1.88 -8.59
C MET A 26 3.14 2.35 -7.65
N MET A 27 3.10 1.87 -6.42
CA MET A 27 4.11 2.24 -5.42
C MET A 27 5.47 1.64 -5.75
N GLU A 28 5.47 0.35 -6.05
CA GLU A 28 6.71 -0.35 -6.38
C GLU A 28 7.50 0.42 -7.45
N GLU A 29 6.78 0.92 -8.45
CA GLU A 29 7.41 1.67 -9.53
C GLU A 29 7.93 3.01 -9.02
N ALA A 30 7.08 3.74 -8.30
CA ALA A 30 7.46 5.03 -7.75
C ALA A 30 8.78 4.95 -6.99
N LYS A 31 8.91 3.93 -6.16
CA LYS A 31 10.12 3.73 -5.37
C LYS A 31 10.34 4.90 -4.42
N PHE A 32 9.26 5.35 -3.77
CA PHE A 32 9.35 6.47 -2.83
C PHE A 32 10.13 6.08 -1.59
N ASN A 33 10.29 7.02 -0.67
CA ASN A 33 11.03 6.78 0.56
C ASN A 33 10.07 6.57 1.74
N PRO A 34 10.44 5.67 2.65
CA PRO A 34 9.65 5.36 3.84
C PRO A 34 9.61 6.52 4.83
N ARG A 35 10.58 7.41 4.73
CA ARG A 35 10.66 8.57 5.61
C ARG A 35 9.41 9.44 5.50
N ALA A 36 8.91 9.57 4.28
CA ALA A 36 7.71 10.37 4.03
C ALA A 36 6.52 9.83 4.79
N THR A 37 5.44 10.61 4.84
CA THR A 37 4.23 10.20 5.54
C THR A 37 3.12 9.87 4.56
N PHE A 38 2.18 9.02 4.99
CA PHE A 38 1.06 8.63 4.14
C PHE A 38 0.34 9.84 3.59
N SER A 39 0.18 10.87 4.42
CA SER A 39 -0.49 12.09 4.01
C SER A 39 0.17 12.70 2.78
N GLU A 40 1.46 12.99 2.89
CA GLU A 40 2.21 13.57 1.78
C GLU A 40 2.17 12.65 0.56
N PHE A 41 2.53 11.39 0.76
CA PHE A 41 2.53 10.41 -0.32
C PHE A 41 1.19 10.40 -1.06
N ALA A 42 0.11 10.25 -0.32
CA ALA A 42 -1.22 10.24 -0.89
C ALA A 42 -1.43 11.43 -1.83
N ALA A 43 -1.29 12.64 -1.29
CA ALA A 43 -1.45 13.85 -2.08
C ALA A 43 -0.52 13.85 -3.29
N LYS A 44 0.72 13.42 -3.08
CA LYS A 44 1.71 13.37 -4.15
C LYS A 44 1.23 12.48 -5.29
N HIS A 45 0.71 11.31 -4.93
CA HIS A 45 0.23 10.36 -5.93
C HIS A 45 -1.30 10.29 -5.89
N ALA A 46 -1.93 11.38 -5.49
CA ALA A 46 -3.38 11.45 -5.42
C ALA A 46 -3.99 11.71 -6.80
N LYS A 47 -3.22 12.38 -7.66
CA LYS A 47 -3.69 12.70 -9.00
C LYS A 47 -3.65 11.47 -9.90
N ASP A 48 -2.82 10.49 -9.52
CA ASP A 48 -2.71 9.26 -10.28
C ASP A 48 -4.04 8.52 -10.35
N SER A 49 -4.60 8.46 -11.55
CA SER A 49 -5.89 7.79 -11.74
C SER A 49 -5.96 6.49 -10.95
N ARG A 50 -5.00 5.60 -11.19
CA ARG A 50 -4.95 4.32 -10.49
C ARG A 50 -5.09 4.52 -8.99
N PHE A 51 -4.34 5.47 -8.45
CA PHE A 51 -4.38 5.77 -7.02
C PHE A 51 -5.80 6.13 -6.57
N LYS A 52 -6.49 6.88 -7.41
CA LYS A 52 -7.86 7.30 -7.10
C LYS A 52 -8.74 6.08 -6.80
N ALA A 53 -8.31 4.92 -7.28
CA ALA A 53 -9.06 3.69 -7.06
C ALA A 53 -9.16 3.36 -5.57
N ILE A 54 -8.08 3.62 -4.83
CA ILE A 54 -8.05 3.36 -3.41
C ILE A 54 -8.50 4.58 -2.61
N GLU A 55 -9.81 4.79 -2.53
CA GLU A 55 -10.36 5.92 -1.80
C GLU A 55 -10.45 5.62 -0.31
N LYS A 56 -10.63 4.35 0.02
CA LYS A 56 -10.73 3.92 1.42
C LYS A 56 -9.42 4.22 2.16
N MET A 57 -9.37 5.38 2.81
CA MET A 57 -8.18 5.78 3.57
C MET A 57 -7.62 4.60 4.35
N LYS A 58 -8.50 3.89 5.05
CA LYS A 58 -8.10 2.74 5.86
C LYS A 58 -7.25 1.77 5.03
N ASP A 59 -7.75 1.43 3.85
CA ASP A 59 -7.05 0.50 2.96
C ASP A 59 -5.70 1.08 2.54
N ARG A 60 -5.65 2.41 2.38
CA ARG A 60 -4.41 3.08 1.97
C ARG A 60 -3.36 2.96 3.07
N GLU A 61 -3.73 3.33 4.29
CA GLU A 61 -2.80 3.27 5.42
C GLU A 61 -2.30 1.84 5.63
N ALA A 62 -3.22 0.88 5.53
CA ALA A 62 -2.88 -0.52 5.71
C ALA A 62 -1.90 -0.99 4.64
N LEU A 63 -2.31 -0.91 3.39
CA LEU A 63 -1.47 -1.33 2.27
C LEU A 63 -0.13 -0.60 2.30
N PHE A 64 -0.18 0.72 2.42
CA PHE A 64 1.03 1.53 2.46
C PHE A 64 1.92 1.13 3.63
N ASN A 65 1.30 0.93 4.79
CA ASN A 65 2.03 0.53 5.99
C ASN A 65 2.93 -0.66 5.71
N GLU A 66 2.36 -1.71 5.13
CA GLU A 66 3.11 -2.91 4.81
C GLU A 66 4.27 -2.60 3.87
N PHE A 67 3.96 -1.96 2.74
CA PHE A 67 4.99 -1.61 1.77
C PHE A 67 6.19 -0.97 2.45
N VAL A 68 5.97 0.18 3.09
CA VAL A 68 7.05 0.88 3.78
C VAL A 68 7.64 0.02 4.89
N ALA A 69 6.79 -0.76 5.54
CA ALA A 69 7.23 -1.63 6.63
C ALA A 69 8.37 -2.54 6.18
N ALA A 70 8.31 -2.97 4.92
CA ALA A 70 9.34 -3.84 4.36
C ALA A 70 10.42 -3.03 3.66
N ALA A 71 10.00 -2.01 2.92
CA ALA A 71 10.94 -1.16 2.18
C ALA A 71 12.08 -0.71 3.09
N ARG A 72 11.78 -0.51 4.37
CA ARG A 72 12.78 -0.08 5.33
C ARG A 72 14.14 -0.69 5.01
N LYS A 73 14.20 -2.02 5.04
CA LYS A 73 15.45 -2.73 4.75
C LYS A 73 15.70 -2.79 3.25
N LYS A 74 16.97 -2.93 2.88
CA LYS A 74 17.36 -3.01 1.47
C LYS A 74 17.45 -4.46 1.02
N GLU A 75 18.10 -5.29 1.81
CA GLU A 75 18.25 -6.71 1.49
C GLU A 75 17.01 -7.25 0.79
N LYS A 76 15.84 -6.81 1.24
CA LYS A 76 14.58 -7.24 0.66
C LYS A 76 14.54 -6.94 -0.84
N GLU A 77 13.95 -7.86 -1.59
CA GLU A 77 13.85 -7.70 -3.04
C GLU A 77 12.59 -6.92 -3.41
N SER A 78 12.61 -6.28 -4.57
CA SER A 78 11.47 -5.50 -5.04
C SER A 78 11.23 -5.74 -6.54
N GLY A 79 10.01 -5.47 -6.98
CA GLY A 79 9.67 -5.65 -8.37
C GLY A 79 9.17 -7.04 -8.67
N PRO A 80 8.48 -7.21 -9.81
CA PRO A 80 7.93 -8.50 -10.23
C PRO A 80 9.02 -9.49 -10.63
N SER A 81 10.06 -8.99 -11.28
CA SER A 81 11.17 -9.82 -11.73
C SER A 81 12.34 -8.97 -12.20
N SER A 82 13.53 -9.55 -12.21
CA SER A 82 14.73 -8.85 -12.64
C SER A 82 15.90 -9.81 -12.82
N GLY A 83 16.78 -9.50 -13.76
CA GLY A 83 17.93 -10.35 -14.02
C GLY A 83 17.62 -11.44 -15.03
N GLY A 1 10.92 -14.19 5.90
CA GLY A 1 10.39 -13.45 4.77
C GLY A 1 8.87 -13.49 4.72
N SER A 2 8.23 -13.00 5.78
CA SER A 2 6.78 -12.98 5.85
C SER A 2 6.28 -11.73 6.59
N SER A 3 5.25 -11.11 6.04
CA SER A 3 4.68 -9.91 6.64
C SER A 3 3.49 -10.25 7.54
N GLY A 4 3.65 -11.31 8.32
CA GLY A 4 2.58 -11.73 9.22
C GLY A 4 1.33 -12.14 8.48
N SER A 5 0.35 -12.66 9.22
CA SER A 5 -0.91 -13.10 8.62
C SER A 5 -2.08 -12.34 9.21
N SER A 6 -2.69 -11.49 8.39
CA SER A 6 -3.84 -10.69 8.82
C SER A 6 -5.14 -11.47 8.68
N GLY A 7 -5.31 -12.11 7.52
CA GLY A 7 -6.51 -12.89 7.27
C GLY A 7 -7.44 -12.20 6.30
N GLU A 8 -7.36 -12.57 5.03
CA GLU A 8 -8.21 -11.99 4.00
C GLU A 8 -9.37 -12.90 3.68
N ARG A 9 -10.59 -12.43 3.98
CA ARG A 9 -11.80 -13.21 3.73
C ARG A 9 -12.76 -12.43 2.85
N ARG A 10 -12.21 -11.69 1.88
CA ARG A 10 -13.03 -10.90 0.97
C ARG A 10 -13.29 -11.66 -0.33
N GLU A 11 -13.68 -12.93 -0.19
CA GLU A 11 -13.96 -13.76 -1.35
C GLU A 11 -15.37 -13.53 -1.87
N LYS A 12 -15.75 -12.26 -1.99
CA LYS A 12 -17.07 -11.90 -2.48
C LYS A 12 -16.98 -11.06 -3.76
N LYS A 13 -16.21 -9.98 -3.69
CA LYS A 13 -16.03 -9.09 -4.84
C LYS A 13 -14.73 -9.41 -5.57
N ASN A 14 -14.60 -8.89 -6.79
CA ASN A 14 -13.40 -9.12 -7.59
C ASN A 14 -12.63 -7.82 -7.78
N LYS A 15 -13.36 -6.73 -7.98
CA LYS A 15 -12.74 -5.42 -8.16
C LYS A 15 -11.59 -5.21 -7.18
N ILE A 16 -11.82 -5.57 -5.92
CA ILE A 16 -10.81 -5.42 -4.89
C ILE A 16 -9.42 -5.73 -5.44
N MET A 17 -9.29 -6.87 -6.10
CA MET A 17 -8.01 -7.28 -6.67
C MET A 17 -7.51 -6.24 -7.67
N GLN A 18 -8.29 -6.00 -8.72
CA GLN A 18 -7.92 -5.04 -9.74
C GLN A 18 -7.31 -3.78 -9.12
N ALA A 19 -8.07 -3.13 -8.25
CA ALA A 19 -7.61 -1.92 -7.58
C ALA A 19 -6.29 -2.17 -6.85
N LYS A 20 -6.32 -3.07 -5.87
CA LYS A 20 -5.13 -3.40 -5.10
C LYS A 20 -3.92 -3.55 -6.01
N GLU A 21 -4.12 -4.18 -7.16
CA GLU A 21 -3.04 -4.37 -8.12
C GLU A 21 -2.45 -3.04 -8.57
N ASP A 22 -3.29 -2.19 -9.13
CA ASP A 22 -2.85 -0.88 -9.60
C ASP A 22 -2.13 -0.12 -8.50
N PHE A 23 -2.49 -0.40 -7.25
CA PHE A 23 -1.87 0.25 -6.11
C PHE A 23 -0.51 -0.36 -5.79
N LYS A 24 -0.52 -1.63 -5.38
CA LYS A 24 0.71 -2.33 -5.06
C LYS A 24 1.75 -2.16 -6.15
N LYS A 25 1.30 -2.19 -7.40
CA LYS A 25 2.18 -2.04 -8.55
C LYS A 25 2.63 -0.58 -8.70
N MET A 26 1.68 0.33 -8.55
CA MET A 26 1.98 1.76 -8.67
C MET A 26 3.07 2.16 -7.68
N MET A 27 2.90 1.77 -6.42
CA MET A 27 3.88 2.09 -5.39
C MET A 27 5.22 1.43 -5.66
N GLU A 28 5.17 0.16 -6.06
CA GLU A 28 6.39 -0.59 -6.36
C GLU A 28 7.28 0.19 -7.32
N GLU A 29 6.67 0.77 -8.35
CA GLU A 29 7.41 1.54 -9.34
C GLU A 29 7.96 2.82 -8.73
N ALA A 30 7.10 3.54 -7.99
CA ALA A 30 7.51 4.79 -7.35
C ALA A 30 8.65 4.56 -6.37
N LYS A 31 8.66 3.39 -5.74
CA LYS A 31 9.70 3.04 -4.77
C LYS A 31 10.16 4.29 -4.00
N PHE A 32 9.21 5.13 -3.63
CA PHE A 32 9.52 6.34 -2.89
C PHE A 32 10.31 6.03 -1.62
N ASN A 33 10.59 7.06 -0.84
CA ASN A 33 11.34 6.90 0.40
C ASN A 33 10.40 6.71 1.59
N PRO A 34 10.81 5.86 2.54
CA PRO A 34 10.01 5.58 3.74
C PRO A 34 9.97 6.77 4.69
N ARG A 35 10.78 7.77 4.42
CA ARG A 35 10.83 8.97 5.25
C ARG A 35 9.52 9.74 5.18
N ALA A 36 8.93 9.78 3.99
CA ALA A 36 7.67 10.48 3.77
C ALA A 36 6.55 9.85 4.59
N THR A 37 5.43 10.56 4.71
CA THR A 37 4.29 10.08 5.46
C THR A 37 3.14 9.69 4.54
N PHE A 38 2.17 8.96 5.07
CA PHE A 38 1.02 8.52 4.29
C PHE A 38 0.32 9.71 3.65
N SER A 39 0.08 10.75 4.44
CA SER A 39 -0.58 11.95 3.96
C SER A 39 0.11 12.49 2.71
N GLU A 40 1.39 12.83 2.84
CA GLU A 40 2.16 13.35 1.72
C GLU A 40 2.08 12.41 0.52
N PHE A 41 2.19 11.12 0.78
CA PHE A 41 2.13 10.11 -0.27
C PHE A 41 0.80 10.17 -1.01
N ALA A 42 -0.28 10.35 -0.25
CA ALA A 42 -1.62 10.41 -0.83
C ALA A 42 -1.74 11.59 -1.79
N ALA A 43 -1.46 12.79 -1.29
CA ALA A 43 -1.55 14.00 -2.10
C ALA A 43 -0.55 13.95 -3.25
N LYS A 44 0.70 13.62 -2.94
CA LYS A 44 1.74 13.53 -3.95
C LYS A 44 1.32 12.61 -5.10
N HIS A 45 0.71 11.49 -4.75
CA HIS A 45 0.25 10.53 -5.75
C HIS A 45 -1.27 10.50 -5.81
N ALA A 46 -1.90 11.60 -5.43
CA ALA A 46 -3.35 11.70 -5.44
C ALA A 46 -3.88 11.91 -6.86
N LYS A 47 -3.08 12.58 -7.68
CA LYS A 47 -3.46 12.86 -9.07
C LYS A 47 -3.37 11.59 -9.92
N ASP A 48 -2.52 10.67 -9.50
CA ASP A 48 -2.34 9.41 -10.21
C ASP A 48 -3.64 8.63 -10.27
N SER A 49 -4.32 8.69 -11.41
CA SER A 49 -5.59 8.00 -11.59
C SER A 49 -5.59 6.67 -10.84
N ARG A 50 -4.67 5.78 -11.21
CA ARG A 50 -4.56 4.48 -10.57
C ARG A 50 -4.66 4.60 -9.05
N PHE A 51 -3.82 5.47 -8.49
CA PHE A 51 -3.82 5.68 -7.04
C PHE A 51 -5.21 5.99 -6.53
N LYS A 52 -5.93 6.85 -7.26
CA LYS A 52 -7.28 7.22 -6.88
C LYS A 52 -8.17 5.99 -6.69
N ALA A 53 -7.91 4.96 -7.49
CA ALA A 53 -8.67 3.72 -7.40
C ALA A 53 -8.95 3.35 -5.95
N ILE A 54 -7.97 3.57 -5.09
CA ILE A 54 -8.10 3.25 -3.68
C ILE A 54 -8.62 4.45 -2.89
N GLU A 55 -9.89 4.41 -2.52
CA GLU A 55 -10.52 5.49 -1.76
C GLU A 55 -10.57 5.15 -0.28
N LYS A 56 -10.76 3.87 0.02
CA LYS A 56 -10.83 3.41 1.41
C LYS A 56 -9.57 3.80 2.18
N MET A 57 -9.63 4.97 2.84
CA MET A 57 -8.50 5.45 3.62
C MET A 57 -7.86 4.33 4.42
N LYS A 58 -8.70 3.49 5.03
CA LYS A 58 -8.22 2.37 5.83
C LYS A 58 -7.24 1.51 5.03
N ASP A 59 -7.63 1.14 3.83
CA ASP A 59 -6.79 0.32 2.96
C ASP A 59 -5.48 1.03 2.67
N ARG A 60 -5.55 2.33 2.45
CA ARG A 60 -4.36 3.13 2.15
C ARG A 60 -3.36 3.04 3.29
N GLU A 61 -3.81 3.36 4.50
CA GLU A 61 -2.93 3.32 5.67
C GLU A 61 -2.33 1.93 5.86
N ALA A 62 -3.15 0.90 5.65
CA ALA A 62 -2.71 -0.47 5.80
C ALA A 62 -1.73 -0.85 4.69
N LEU A 63 -2.21 -0.90 3.45
CA LEU A 63 -1.38 -1.24 2.31
C LEU A 63 -0.09 -0.43 2.32
N PHE A 64 -0.19 0.83 2.74
CA PHE A 64 0.97 1.71 2.80
C PHE A 64 1.88 1.34 3.96
N ASN A 65 1.30 1.21 5.14
CA ASN A 65 2.06 0.86 6.34
C ASN A 65 2.93 -0.36 6.09
N GLU A 66 2.35 -1.37 5.44
CA GLU A 66 3.09 -2.59 5.14
C GLU A 66 4.19 -2.34 4.13
N PHE A 67 3.82 -1.83 2.96
CA PHE A 67 4.79 -1.54 1.91
C PHE A 67 6.03 -0.85 2.48
N VAL A 68 5.83 0.34 3.03
CA VAL A 68 6.94 1.10 3.62
C VAL A 68 7.73 0.25 4.61
N ALA A 69 7.01 -0.44 5.49
CA ALA A 69 7.64 -1.29 6.48
C ALA A 69 8.70 -2.18 5.85
N ALA A 70 8.39 -2.72 4.68
CA ALA A 70 9.32 -3.59 3.96
C ALA A 70 10.34 -2.77 3.17
N ALA A 71 9.88 -1.70 2.55
CA ALA A 71 10.75 -0.83 1.77
C ALA A 71 12.02 -0.49 2.54
N ARG A 72 11.86 0.00 3.76
CA ARG A 72 13.00 0.36 4.59
C ARG A 72 13.84 -0.86 4.92
N LYS A 73 15.04 -0.62 5.43
CA LYS A 73 15.95 -1.70 5.79
C LYS A 73 15.24 -2.74 6.65
N LYS A 74 15.79 -3.95 6.68
CA LYS A 74 15.22 -5.04 7.47
C LYS A 74 15.91 -5.16 8.82
N GLU A 75 17.23 -4.93 8.83
CA GLU A 75 18.01 -5.01 10.06
C GLU A 75 17.30 -4.27 11.20
N LYS A 76 16.79 -3.08 10.90
CA LYS A 76 16.10 -2.27 11.90
C LYS A 76 14.88 -3.01 12.45
N GLU A 77 14.09 -3.58 11.55
CA GLU A 77 12.89 -4.31 11.96
C GLU A 77 13.00 -5.79 11.55
N SER A 78 13.63 -6.58 12.40
CA SER A 78 13.81 -8.00 12.14
C SER A 78 13.19 -8.85 13.26
N GLY A 79 12.87 -10.09 12.93
CA GLY A 79 12.29 -10.98 13.92
C GLY A 79 11.69 -12.23 13.30
N PRO A 80 11.77 -13.35 14.02
CA PRO A 80 11.24 -14.63 13.55
C PRO A 80 9.72 -14.66 13.50
N SER A 81 9.15 -15.83 13.18
CA SER A 81 7.71 -15.97 13.09
C SER A 81 7.12 -16.36 14.44
N SER A 82 6.09 -15.64 14.86
CA SER A 82 5.44 -15.91 16.14
C SER A 82 3.92 -15.83 16.01
N GLY A 83 3.21 -16.53 16.88
CA GLY A 83 1.76 -16.52 16.84
C GLY A 83 1.23 -16.79 15.45
N GLY A 1 9.48 -0.48 17.74
CA GLY A 1 9.11 -1.87 17.52
C GLY A 1 8.48 -2.09 16.15
N SER A 2 7.90 -3.27 15.95
CA SER A 2 7.27 -3.61 14.69
C SER A 2 5.76 -3.53 14.79
N SER A 3 5.10 -3.19 13.69
CA SER A 3 3.65 -3.07 13.66
C SER A 3 3.10 -3.37 12.26
N GLY A 4 2.36 -4.46 12.16
CA GLY A 4 1.79 -4.84 10.87
C GLY A 4 1.23 -6.25 10.88
N SER A 5 0.03 -6.41 10.31
CA SER A 5 -0.62 -7.71 10.26
C SER A 5 -1.63 -7.77 9.11
N SER A 6 -1.63 -8.89 8.40
CA SER A 6 -2.54 -9.08 7.27
C SER A 6 -3.53 -10.20 7.55
N GLY A 7 -4.82 -9.90 7.38
CA GLY A 7 -5.85 -10.89 7.62
C GLY A 7 -7.24 -10.36 7.32
N GLU A 8 -7.55 -10.21 6.04
CA GLU A 8 -8.85 -9.70 5.63
C GLU A 8 -9.45 -10.57 4.51
N ARG A 9 -10.77 -10.60 4.44
CA ARG A 9 -11.46 -11.39 3.43
C ARG A 9 -12.54 -10.57 2.74
N ARG A 10 -12.18 -9.93 1.63
CA ARG A 10 -13.12 -9.11 0.87
C ARG A 10 -13.05 -9.43 -0.62
N GLU A 11 -12.96 -10.72 -0.93
CA GLU A 11 -12.90 -11.16 -2.32
C GLU A 11 -14.29 -11.27 -2.93
N LYS A 12 -15.15 -10.32 -2.59
CA LYS A 12 -16.52 -10.30 -3.10
C LYS A 12 -16.57 -9.69 -4.51
N LYS A 13 -15.99 -8.50 -4.65
CA LYS A 13 -15.97 -7.82 -5.94
C LYS A 13 -14.66 -8.08 -6.67
N ASN A 14 -14.56 -7.59 -7.90
CA ASN A 14 -13.35 -7.77 -8.70
C ASN A 14 -12.50 -6.50 -8.70
N LYS A 15 -13.14 -5.37 -8.94
CA LYS A 15 -12.44 -4.09 -8.96
C LYS A 15 -11.40 -4.02 -7.86
N ILE A 16 -11.80 -4.38 -6.64
CA ILE A 16 -10.90 -4.37 -5.50
C ILE A 16 -9.52 -4.88 -5.88
N MET A 17 -9.47 -6.07 -6.46
CA MET A 17 -8.21 -6.67 -6.87
C MET A 17 -7.49 -5.78 -7.88
N GLN A 18 -8.15 -5.48 -9.00
CA GLN A 18 -7.56 -4.64 -10.03
C GLN A 18 -6.92 -3.40 -9.42
N ALA A 19 -7.70 -2.67 -8.62
CA ALA A 19 -7.20 -1.46 -7.98
C ALA A 19 -5.98 -1.75 -7.12
N LYS A 20 -6.15 -2.64 -6.15
CA LYS A 20 -5.06 -3.01 -5.24
C LYS A 20 -3.78 -3.26 -6.03
N GLU A 21 -3.90 -3.95 -7.16
CA GLU A 21 -2.75 -4.25 -8.00
C GLU A 21 -2.06 -2.97 -8.45
N ASP A 22 -2.82 -2.08 -9.09
CA ASP A 22 -2.27 -0.82 -9.57
C ASP A 22 -1.54 -0.07 -8.44
N PHE A 23 -2.09 -0.16 -7.24
CA PHE A 23 -1.49 0.51 -6.09
C PHE A 23 -0.19 -0.16 -5.68
N LYS A 24 -0.28 -1.43 -5.27
CA LYS A 24 0.89 -2.18 -4.86
C LYS A 24 1.99 -2.10 -5.92
N LYS A 25 1.59 -2.18 -7.18
CA LYS A 25 2.54 -2.11 -8.28
C LYS A 25 3.03 -0.69 -8.50
N MET A 26 2.10 0.27 -8.47
CA MET A 26 2.43 1.67 -8.65
C MET A 26 3.44 2.13 -7.61
N MET A 27 3.28 1.65 -6.39
CA MET A 27 4.18 2.02 -5.29
C MET A 27 5.55 1.37 -5.47
N GLU A 28 5.54 0.07 -5.74
CA GLU A 28 6.79 -0.67 -5.95
C GLU A 28 7.69 0.05 -6.95
N GLU A 29 7.09 0.59 -8.00
CA GLU A 29 7.85 1.30 -9.03
C GLU A 29 8.19 2.70 -8.57
N ALA A 30 7.22 3.39 -7.98
CA ALA A 30 7.43 4.74 -7.49
C ALA A 30 8.85 4.93 -6.96
N LYS A 31 9.34 3.92 -6.25
CA LYS A 31 10.69 3.98 -5.69
C LYS A 31 10.82 5.13 -4.70
N PHE A 32 9.80 5.33 -3.88
CA PHE A 32 9.80 6.40 -2.89
C PHE A 32 10.55 5.97 -1.63
N ASN A 33 10.75 6.92 -0.72
CA ASN A 33 11.45 6.64 0.53
C ASN A 33 10.46 6.36 1.66
N PRO A 34 10.82 5.43 2.54
CA PRO A 34 9.98 5.05 3.68
C PRO A 34 9.90 6.16 4.73
N ARG A 35 10.54 7.29 4.45
CA ARG A 35 10.53 8.42 5.36
C ARG A 35 9.34 9.34 5.09
N ALA A 36 9.02 9.52 3.81
CA ALA A 36 7.91 10.36 3.41
C ALA A 36 6.68 10.11 4.29
N THR A 37 5.87 11.15 4.48
CA THR A 37 4.67 11.03 5.30
C THR A 37 3.45 10.68 4.45
N PHE A 38 2.60 9.81 4.97
CA PHE A 38 1.41 9.38 4.26
C PHE A 38 0.71 10.57 3.61
N SER A 39 0.54 11.64 4.38
CA SER A 39 -0.12 12.85 3.88
C SER A 39 0.46 13.26 2.54
N GLU A 40 1.77 13.15 2.40
CA GLU A 40 2.45 13.51 1.16
C GLU A 40 2.21 12.45 0.08
N PHE A 41 2.71 11.25 0.33
CA PHE A 41 2.56 10.15 -0.63
C PHE A 41 1.13 10.11 -1.19
N ALA A 42 0.15 10.25 -0.30
CA ALA A 42 -1.25 10.24 -0.70
C ALA A 42 -1.59 11.48 -1.52
N ALA A 43 -1.26 12.65 -1.00
CA ALA A 43 -1.54 13.91 -1.67
C ALA A 43 -0.96 13.90 -3.09
N LYS A 44 0.19 13.27 -3.25
CA LYS A 44 0.85 13.19 -4.55
C LYS A 44 0.21 12.10 -5.42
N HIS A 45 0.31 10.85 -4.97
CA HIS A 45 -0.26 9.72 -5.71
C HIS A 45 -1.72 9.98 -6.04
N ALA A 46 -2.40 10.73 -5.17
CA ALA A 46 -3.80 11.04 -5.38
C ALA A 46 -4.10 11.36 -6.83
N LYS A 47 -3.55 12.47 -7.31
CA LYS A 47 -3.75 12.88 -8.70
C LYS A 47 -3.67 11.68 -9.64
N ASP A 48 -2.89 10.69 -9.25
CA ASP A 48 -2.73 9.48 -10.07
C ASP A 48 -4.00 8.64 -10.05
N SER A 49 -4.76 8.70 -11.13
CA SER A 49 -6.01 7.95 -11.23
C SER A 49 -5.90 6.61 -10.52
N ARG A 50 -4.97 5.77 -10.99
CA ARG A 50 -4.76 4.46 -10.40
C ARG A 50 -4.89 4.51 -8.87
N PHE A 51 -4.15 5.43 -8.26
CA PHE A 51 -4.17 5.59 -6.81
C PHE A 51 -5.60 5.79 -6.31
N LYS A 52 -6.32 6.70 -6.94
CA LYS A 52 -7.70 6.98 -6.56
C LYS A 52 -8.48 5.69 -6.33
N ALA A 53 -8.19 4.68 -7.14
CA ALA A 53 -8.86 3.39 -7.03
C ALA A 53 -9.11 3.04 -5.57
N ILE A 54 -8.10 3.28 -4.72
CA ILE A 54 -8.21 2.98 -3.30
C ILE A 54 -8.94 4.10 -2.56
N GLU A 55 -10.26 3.95 -2.41
CA GLU A 55 -11.06 4.95 -1.73
C GLU A 55 -11.00 4.75 -0.22
N LYS A 56 -11.33 3.54 0.22
CA LYS A 56 -11.31 3.22 1.64
C LYS A 56 -10.03 3.71 2.30
N MET A 57 -10.14 4.76 3.11
CA MET A 57 -9.00 5.32 3.79
C MET A 57 -8.21 4.24 4.53
N LYS A 58 -8.92 3.44 5.33
CA LYS A 58 -8.29 2.37 6.09
C LYS A 58 -7.35 1.55 5.20
N ASP A 59 -7.78 1.30 3.97
CA ASP A 59 -6.97 0.54 3.02
C ASP A 59 -5.70 1.31 2.64
N ARG A 60 -5.88 2.58 2.29
CA ARG A 60 -4.75 3.43 1.91
C ARG A 60 -3.62 3.32 2.92
N GLU A 61 -3.93 3.60 4.18
CA GLU A 61 -2.94 3.54 5.24
C GLU A 61 -2.40 2.12 5.41
N ALA A 62 -3.30 1.14 5.37
CA ALA A 62 -2.92 -0.26 5.52
C ALA A 62 -1.88 -0.65 4.46
N LEU A 63 -2.29 -0.64 3.21
CA LEU A 63 -1.40 -1.00 2.10
C LEU A 63 -0.04 -0.31 2.27
N PHE A 64 -0.07 1.02 2.31
CA PHE A 64 1.16 1.79 2.45
C PHE A 64 1.97 1.32 3.66
N ASN A 65 1.37 1.43 4.84
CA ASN A 65 2.03 1.02 6.07
C ASN A 65 2.81 -0.28 5.86
N GLU A 66 2.20 -1.22 5.16
CA GLU A 66 2.84 -2.51 4.89
C GLU A 66 4.01 -2.33 3.91
N PHE A 67 3.72 -1.79 2.75
CA PHE A 67 4.75 -1.57 1.73
C PHE A 67 6.01 -1.00 2.36
N VAL A 68 5.86 0.09 3.11
CA VAL A 68 6.99 0.74 3.76
C VAL A 68 7.57 -0.14 4.86
N ALA A 69 6.71 -0.92 5.51
CA ALA A 69 7.14 -1.81 6.57
C ALA A 69 8.22 -2.77 6.08
N ALA A 70 8.09 -3.22 4.85
CA ALA A 70 9.07 -4.13 4.26
C ALA A 70 10.21 -3.37 3.60
N ALA A 71 9.86 -2.30 2.88
CA ALA A 71 10.86 -1.48 2.20
C ALA A 71 11.89 -0.94 3.18
N ARG A 72 11.42 -0.30 4.24
CA ARG A 72 12.31 0.26 5.26
C ARG A 72 13.53 -0.63 5.46
N LYS A 73 13.29 -1.93 5.61
CA LYS A 73 14.38 -2.89 5.82
C LYS A 73 14.69 -3.63 4.52
N LYS A 74 15.93 -4.12 4.41
CA LYS A 74 16.35 -4.86 3.24
C LYS A 74 16.75 -6.28 3.59
N GLU A 75 16.23 -6.77 4.72
CA GLU A 75 16.54 -8.12 5.18
C GLU A 75 16.36 -9.13 4.05
N LYS A 76 15.54 -8.77 3.06
CA LYS A 76 15.29 -9.64 1.92
C LYS A 76 16.45 -9.60 0.93
N GLU A 77 16.78 -10.77 0.37
CA GLU A 77 17.87 -10.87 -0.60
C GLU A 77 17.36 -11.39 -1.94
N SER A 78 16.86 -10.48 -2.77
CA SER A 78 16.34 -10.85 -4.08
C SER A 78 17.47 -11.22 -5.02
N GLY A 79 17.21 -12.22 -5.88
CA GLY A 79 18.23 -12.66 -6.82
C GLY A 79 18.40 -11.69 -7.98
N PRO A 80 17.35 -11.55 -8.80
CA PRO A 80 17.37 -10.65 -9.96
C PRO A 80 17.38 -9.18 -9.56
N SER A 81 17.33 -8.93 -8.25
CA SER A 81 17.32 -7.57 -7.73
C SER A 81 18.44 -7.37 -6.72
N SER A 82 18.91 -6.13 -6.60
CA SER A 82 19.98 -5.80 -5.67
C SER A 82 19.51 -5.96 -4.22
N GLY A 83 20.25 -6.74 -3.44
CA GLY A 83 19.90 -6.95 -2.05
C GLY A 83 19.88 -8.42 -1.68
N GLY A 1 -0.58 5.74 19.49
CA GLY A 1 -2.00 5.58 19.73
C GLY A 1 -2.44 4.13 19.75
N SER A 2 -3.64 3.87 19.25
CA SER A 2 -4.17 2.51 19.21
C SER A 2 -4.07 1.92 17.81
N SER A 3 -3.10 1.03 17.61
CA SER A 3 -2.89 0.40 16.32
C SER A 3 -3.75 -0.86 16.19
N GLY A 4 -4.07 -1.22 14.94
CA GLY A 4 -4.87 -2.41 14.71
C GLY A 4 -6.36 -2.14 14.82
N SER A 5 -7.04 -2.91 15.67
CA SER A 5 -8.48 -2.75 15.86
C SER A 5 -9.19 -2.57 14.53
N SER A 6 -8.79 -3.36 13.53
CA SER A 6 -9.38 -3.28 12.20
C SER A 6 -9.81 -4.66 11.72
N GLY A 7 -10.58 -4.69 10.64
CA GLY A 7 -11.05 -5.95 10.10
C GLY A 7 -12.22 -5.78 9.15
N GLU A 8 -11.96 -5.17 7.99
CA GLU A 8 -13.01 -4.94 7.00
C GLU A 8 -13.54 -6.26 6.45
N ARG A 9 -14.86 -6.33 6.30
CA ARG A 9 -15.49 -7.54 5.79
C ARG A 9 -14.93 -7.92 4.43
N ARG A 10 -14.72 -9.22 4.21
CA ARG A 10 -14.19 -9.70 2.94
C ARG A 10 -15.27 -9.72 1.87
N GLU A 11 -15.23 -8.73 0.98
CA GLU A 11 -16.20 -8.63 -0.10
C GLU A 11 -15.82 -9.54 -1.26
N LYS A 12 -16.83 -10.00 -2.00
CA LYS A 12 -16.60 -10.88 -3.15
C LYS A 12 -16.56 -10.08 -4.44
N LYS A 13 -15.80 -8.99 -4.43
CA LYS A 13 -15.66 -8.14 -5.62
C LYS A 13 -14.25 -8.22 -6.18
N ASN A 14 -14.14 -8.63 -7.44
CA ASN A 14 -12.85 -8.74 -8.10
C ASN A 14 -12.13 -7.41 -8.13
N LYS A 15 -12.90 -6.34 -8.27
CA LYS A 15 -12.34 -4.99 -8.32
C LYS A 15 -11.24 -4.82 -7.27
N ILE A 16 -11.33 -5.59 -6.19
CA ILE A 16 -10.35 -5.53 -5.13
C ILE A 16 -8.96 -5.84 -5.64
N MET A 17 -8.82 -6.99 -6.31
CA MET A 17 -7.53 -7.40 -6.86
C MET A 17 -7.01 -6.36 -7.86
N GLN A 18 -7.75 -6.15 -8.93
CA GLN A 18 -7.36 -5.19 -9.96
C GLN A 18 -6.87 -3.89 -9.32
N ALA A 19 -7.70 -3.30 -8.47
CA ALA A 19 -7.36 -2.07 -7.79
C ALA A 19 -6.08 -2.22 -6.97
N LYS A 20 -6.04 -3.25 -6.13
CA LYS A 20 -4.87 -3.51 -5.29
C LYS A 20 -3.62 -3.65 -6.14
N GLU A 21 -3.78 -4.17 -7.35
CA GLU A 21 -2.66 -4.35 -8.27
C GLU A 21 -2.07 -3.02 -8.68
N ASP A 22 -2.92 -2.16 -9.25
CA ASP A 22 -2.48 -0.84 -9.69
C ASP A 22 -1.76 -0.09 -8.58
N PHE A 23 -2.25 -0.24 -7.35
CA PHE A 23 -1.65 0.41 -6.19
C PHE A 23 -0.30 -0.22 -5.86
N LYS A 24 -0.35 -1.43 -5.30
CA LYS A 24 0.86 -2.15 -4.93
C LYS A 24 1.93 -2.02 -6.01
N LYS A 25 1.49 -2.02 -7.26
CA LYS A 25 2.41 -1.91 -8.39
C LYS A 25 2.86 -0.47 -8.58
N MET A 26 1.90 0.46 -8.56
CA MET A 26 2.20 1.88 -8.72
C MET A 26 3.24 2.34 -7.70
N MET A 27 3.11 1.83 -6.47
CA MET A 27 4.03 2.19 -5.41
C MET A 27 5.40 1.54 -5.62
N GLU A 28 5.40 0.23 -5.84
CA GLU A 28 6.64 -0.51 -6.06
C GLU A 28 7.55 0.24 -7.04
N GLU A 29 6.95 0.78 -8.09
CA GLU A 29 7.71 1.53 -9.10
C GLU A 29 8.12 2.90 -8.57
N ALA A 30 7.20 3.58 -7.90
CA ALA A 30 7.47 4.89 -7.34
C ALA A 30 8.77 4.89 -6.55
N LYS A 31 9.18 3.72 -6.09
CA LYS A 31 10.41 3.58 -5.33
C LYS A 31 10.62 4.79 -4.41
N PHE A 32 9.57 5.14 -3.66
CA PHE A 32 9.64 6.27 -2.74
C PHE A 32 10.36 5.89 -1.45
N ASN A 33 10.78 6.90 -0.70
CA ASN A 33 11.49 6.67 0.56
C ASN A 33 10.50 6.43 1.69
N PRO A 34 10.85 5.51 2.61
CA PRO A 34 10.01 5.17 3.76
C PRO A 34 9.94 6.30 4.78
N ARG A 35 10.88 7.24 4.68
CA ARG A 35 10.93 8.37 5.59
C ARG A 35 9.72 9.29 5.40
N ALA A 36 9.26 9.39 4.15
CA ALA A 36 8.11 10.23 3.83
C ALA A 36 6.91 9.88 4.71
N THR A 37 5.89 10.72 4.65
CA THR A 37 4.68 10.50 5.45
C THR A 37 3.50 10.13 4.56
N PHE A 38 2.51 9.46 5.14
CA PHE A 38 1.32 9.05 4.40
C PHE A 38 0.68 10.24 3.71
N SER A 39 0.59 11.36 4.42
CA SER A 39 -0.02 12.56 3.87
C SER A 39 0.65 12.96 2.55
N GLU A 40 1.97 13.15 2.60
CA GLU A 40 2.72 13.52 1.41
C GLU A 40 2.40 12.59 0.24
N PHE A 41 2.64 11.30 0.45
CA PHE A 41 2.38 10.31 -0.59
C PHE A 41 0.96 10.44 -1.13
N ALA A 42 0.01 10.60 -0.22
CA ALA A 42 -1.39 10.74 -0.60
C ALA A 42 -1.58 11.89 -1.59
N ALA A 43 -0.88 13.00 -1.33
CA ALA A 43 -0.96 14.16 -2.19
C ALA A 43 -0.12 13.99 -3.45
N LYS A 44 0.88 13.12 -3.36
CA LYS A 44 1.77 12.87 -4.50
C LYS A 44 1.00 12.22 -5.65
N HIS A 45 0.29 11.15 -5.35
CA HIS A 45 -0.49 10.44 -6.36
C HIS A 45 -1.98 10.71 -6.19
N ALA A 46 -2.30 11.77 -5.46
CA ALA A 46 -3.69 12.15 -5.22
C ALA A 46 -4.44 12.32 -6.54
N LYS A 47 -3.76 12.88 -7.53
CA LYS A 47 -4.38 13.09 -8.84
C LYS A 47 -4.04 11.94 -9.80
N ASP A 48 -3.66 10.81 -9.23
CA ASP A 48 -3.31 9.63 -10.04
C ASP A 48 -4.46 8.65 -10.07
N SER A 49 -5.11 8.54 -11.23
CA SER A 49 -6.24 7.63 -11.39
C SER A 49 -6.01 6.34 -10.60
N ARG A 50 -4.93 5.64 -10.93
CA ARG A 50 -4.61 4.38 -10.26
C ARG A 50 -4.70 4.54 -8.74
N PHE A 51 -4.07 5.58 -8.21
CA PHE A 51 -4.08 5.84 -6.77
C PHE A 51 -5.50 5.92 -6.26
N LYS A 52 -6.38 6.56 -7.02
CA LYS A 52 -7.78 6.70 -6.65
C LYS A 52 -8.43 5.34 -6.45
N ALA A 53 -7.95 4.35 -7.18
CA ALA A 53 -8.49 2.99 -7.09
C ALA A 53 -8.75 2.61 -5.64
N ILE A 54 -7.92 3.13 -4.74
CA ILE A 54 -8.08 2.83 -3.32
C ILE A 54 -8.50 4.08 -2.54
N GLU A 55 -9.80 4.36 -2.54
CA GLU A 55 -10.33 5.51 -1.84
C GLU A 55 -10.43 5.24 -0.35
N LYS A 56 -10.81 4.02 0.01
CA LYS A 56 -10.94 3.63 1.40
C LYS A 56 -9.71 4.04 2.20
N MET A 57 -9.78 5.21 2.84
CA MET A 57 -8.68 5.72 3.64
C MET A 57 -8.05 4.60 4.46
N LYS A 58 -8.87 3.91 5.25
CA LYS A 58 -8.39 2.82 6.09
C LYS A 58 -7.55 1.83 5.26
N ASP A 59 -8.07 1.44 4.11
CA ASP A 59 -7.37 0.50 3.24
C ASP A 59 -6.04 1.09 2.78
N ARG A 60 -6.00 2.40 2.58
CA ARG A 60 -4.80 3.08 2.14
C ARG A 60 -3.71 3.00 3.21
N GLU A 61 -4.04 3.45 4.42
CA GLU A 61 -3.09 3.43 5.53
C GLU A 61 -2.54 2.03 5.74
N ALA A 62 -3.39 1.02 5.56
CA ALA A 62 -2.98 -0.36 5.74
C ALA A 62 -1.99 -0.79 4.65
N LEU A 63 -2.47 -0.84 3.41
CA LEU A 63 -1.64 -1.22 2.28
C LEU A 63 -0.32 -0.45 2.29
N PHE A 64 -0.39 0.82 2.63
CA PHE A 64 0.80 1.68 2.67
C PHE A 64 1.70 1.28 3.84
N ASN A 65 1.11 1.10 5.01
CA ASN A 65 1.86 0.73 6.20
C ASN A 65 2.70 -0.52 5.93
N GLU A 66 2.10 -1.50 5.25
CA GLU A 66 2.80 -2.74 4.93
C GLU A 66 3.92 -2.50 3.93
N PHE A 67 3.57 -1.96 2.76
CA PHE A 67 4.54 -1.68 1.72
C PHE A 67 5.79 -1.02 2.31
N VAL A 68 5.61 0.15 2.90
CA VAL A 68 6.73 0.89 3.49
C VAL A 68 7.45 0.03 4.53
N ALA A 69 6.68 -0.64 5.37
CA ALA A 69 7.24 -1.50 6.41
C ALA A 69 8.26 -2.47 5.82
N ALA A 70 8.03 -2.88 4.58
CA ALA A 70 8.93 -3.81 3.90
C ALA A 70 10.06 -3.06 3.21
N ALA A 71 9.74 -1.91 2.62
CA ALA A 71 10.73 -1.10 1.92
C ALA A 71 11.84 -0.67 2.87
N ARG A 72 11.46 -0.15 4.03
CA ARG A 72 12.42 0.32 5.02
C ARG A 72 13.45 -0.77 5.33
N LYS A 73 14.45 -0.42 6.14
CA LYS A 73 15.49 -1.36 6.51
C LYS A 73 14.89 -2.65 7.06
N LYS A 74 15.75 -3.60 7.41
CA LYS A 74 15.31 -4.88 7.95
C LYS A 74 15.89 -5.12 9.34
N GLU A 75 16.86 -4.28 9.72
CA GLU A 75 17.51 -4.41 11.02
C GLU A 75 17.02 -3.31 11.97
N LYS A 76 15.74 -2.99 11.89
CA LYS A 76 15.15 -1.97 12.73
C LYS A 76 14.07 -2.56 13.64
N GLU A 77 13.46 -1.70 14.45
CA GLU A 77 12.42 -2.16 15.38
C GLU A 77 11.06 -1.59 14.96
N SER A 78 10.00 -2.12 15.57
CA SER A 78 8.64 -1.68 15.28
C SER A 78 7.94 -1.19 16.53
N GLY A 79 7.97 -2.00 17.58
CA GLY A 79 7.34 -1.63 18.83
C GLY A 79 6.39 -2.70 19.34
N PRO A 80 5.09 -2.55 19.02
CA PRO A 80 4.06 -3.50 19.44
C PRO A 80 4.18 -4.84 18.73
N SER A 81 4.97 -5.74 19.32
CA SER A 81 5.18 -7.07 18.75
C SER A 81 4.16 -8.06 19.30
N SER A 82 3.49 -8.77 18.40
CA SER A 82 2.48 -9.75 18.79
C SER A 82 1.99 -10.53 17.58
N GLY A 83 1.85 -11.84 17.75
CA GLY A 83 1.39 -12.69 16.66
C GLY A 83 2.27 -13.91 16.46
N GLY A 1 -21.11 -0.47 -0.72
CA GLY A 1 -21.86 0.26 0.28
C GLY A 1 -21.11 1.47 0.80
N SER A 2 -19.90 1.24 1.31
CA SER A 2 -19.08 2.32 1.84
C SER A 2 -19.79 3.01 3.01
N SER A 3 -20.41 2.21 3.87
CA SER A 3 -21.12 2.74 5.02
C SER A 3 -20.57 2.16 6.33
N GLY A 4 -20.19 3.05 7.25
CA GLY A 4 -19.65 2.61 8.52
C GLY A 4 -18.26 2.03 8.39
N SER A 5 -17.58 1.85 9.52
CA SER A 5 -16.23 1.31 9.52
C SER A 5 -16.20 -0.08 10.16
N SER A 6 -16.12 -1.11 9.33
CA SER A 6 -16.09 -2.48 9.82
C SER A 6 -15.64 -3.44 8.72
N GLY A 7 -15.09 -4.58 9.12
CA GLY A 7 -14.62 -5.56 8.16
C GLY A 7 -15.72 -6.51 7.73
N GLU A 8 -16.19 -6.35 6.50
CA GLU A 8 -17.25 -7.20 5.96
C GLU A 8 -16.81 -7.86 4.66
N ARG A 9 -17.43 -9.01 4.34
CA ARG A 9 -17.09 -9.73 3.13
C ARG A 9 -17.19 -8.83 1.90
N ARG A 10 -16.84 -9.37 0.74
CA ARG A 10 -16.89 -8.62 -0.50
C ARG A 10 -17.63 -9.40 -1.59
N GLU A 11 -18.37 -8.67 -2.43
CA GLU A 11 -19.13 -9.30 -3.51
C GLU A 11 -18.29 -10.35 -4.23
N LYS A 12 -18.94 -11.17 -5.04
CA LYS A 12 -18.26 -12.22 -5.79
C LYS A 12 -17.81 -11.71 -7.15
N LYS A 13 -17.30 -10.47 -7.18
CA LYS A 13 -16.84 -9.87 -8.43
C LYS A 13 -15.37 -9.48 -8.33
N ASN A 14 -14.58 -9.91 -9.30
CA ASN A 14 -13.14 -9.61 -9.32
C ASN A 14 -12.92 -8.13 -9.62
N LYS A 15 -12.97 -7.31 -8.59
CA LYS A 15 -12.77 -5.87 -8.73
C LYS A 15 -11.67 -5.38 -7.79
N ILE A 16 -11.78 -5.76 -6.52
CA ILE A 16 -10.81 -5.36 -5.52
C ILE A 16 -9.38 -5.68 -5.98
N MET A 17 -9.14 -6.94 -6.31
CA MET A 17 -7.82 -7.36 -6.77
C MET A 17 -7.27 -6.40 -7.81
N GLN A 18 -7.97 -6.29 -8.94
CA GLN A 18 -7.54 -5.41 -10.03
C GLN A 18 -7.06 -4.07 -9.46
N ALA A 19 -7.91 -3.42 -8.68
CA ALA A 19 -7.57 -2.13 -8.09
C ALA A 19 -6.30 -2.23 -7.26
N LYS A 20 -6.33 -3.09 -6.26
CA LYS A 20 -5.17 -3.29 -5.38
C LYS A 20 -3.89 -3.45 -6.19
N GLU A 21 -3.99 -4.15 -7.31
CA GLU A 21 -2.84 -4.38 -8.18
C GLU A 21 -2.28 -3.04 -8.70
N ASP A 22 -3.16 -2.24 -9.28
CA ASP A 22 -2.76 -0.95 -9.82
C ASP A 22 -2.08 -0.10 -8.75
N PHE A 23 -2.50 -0.27 -7.50
CA PHE A 23 -1.92 0.48 -6.39
C PHE A 23 -0.59 -0.12 -5.97
N LYS A 24 -0.62 -1.34 -5.46
CA LYS A 24 0.59 -2.03 -5.02
C LYS A 24 1.68 -1.95 -6.09
N LYS A 25 1.27 -2.05 -7.36
CA LYS A 25 2.21 -1.99 -8.46
C LYS A 25 2.68 -0.56 -8.70
N MET A 26 1.74 0.39 -8.64
CA MET A 26 2.05 1.80 -8.84
C MET A 26 3.14 2.26 -7.87
N MET A 27 3.07 1.78 -6.64
CA MET A 27 4.05 2.13 -5.61
C MET A 27 5.39 1.45 -5.88
N GLU A 28 5.35 0.13 -6.06
CA GLU A 28 6.55 -0.64 -6.32
C GLU A 28 7.44 0.06 -7.35
N GLU A 29 6.80 0.59 -8.39
CA GLU A 29 7.53 1.29 -9.45
C GLU A 29 7.96 2.67 -9.00
N ALA A 30 7.08 3.36 -8.28
CA ALA A 30 7.37 4.69 -7.78
C ALA A 30 8.72 4.74 -7.05
N LYS A 31 9.02 3.67 -6.33
CA LYS A 31 10.27 3.57 -5.59
C LYS A 31 10.47 4.80 -4.69
N PHE A 32 9.41 5.17 -3.97
CA PHE A 32 9.46 6.31 -3.08
C PHE A 32 10.24 5.98 -1.80
N ASN A 33 10.35 6.96 -0.92
CA ASN A 33 11.08 6.77 0.34
C ASN A 33 10.10 6.61 1.50
N PRO A 34 10.45 5.72 2.44
CA PRO A 34 9.63 5.46 3.63
C PRO A 34 9.61 6.63 4.60
N ARG A 35 10.52 7.58 4.39
CA ARG A 35 10.62 8.75 5.24
C ARG A 35 9.37 9.62 5.12
N ALA A 36 8.86 9.75 3.90
CA ALA A 36 7.67 10.55 3.64
C ALA A 36 6.47 10.01 4.41
N THR A 37 5.60 10.90 4.87
CA THR A 37 4.42 10.50 5.62
C THR A 37 3.29 10.11 4.68
N PHE A 38 2.29 9.42 5.22
CA PHE A 38 1.14 8.98 4.44
C PHE A 38 0.45 10.16 3.76
N SER A 39 0.30 11.25 4.51
CA SER A 39 -0.35 12.45 3.99
C SER A 39 0.35 12.94 2.74
N GLU A 40 1.66 13.18 2.85
CA GLU A 40 2.45 13.66 1.72
C GLU A 40 2.36 12.69 0.54
N PHE A 41 2.54 11.41 0.83
CA PHE A 41 2.49 10.38 -0.21
C PHE A 41 1.10 10.36 -0.88
N ALA A 42 0.06 10.54 -0.07
CA ALA A 42 -1.31 10.54 -0.58
C ALA A 42 -1.51 11.64 -1.62
N ALA A 43 -1.26 12.88 -1.21
CA ALA A 43 -1.42 14.02 -2.10
C ALA A 43 -0.41 13.96 -3.25
N LYS A 44 0.85 13.77 -2.90
CA LYS A 44 1.92 13.69 -3.90
C LYS A 44 1.55 12.71 -5.00
N HIS A 45 0.99 11.57 -4.62
CA HIS A 45 0.59 10.56 -5.58
C HIS A 45 -0.92 10.34 -5.56
N ALA A 46 -1.67 11.43 -5.42
CA ALA A 46 -3.12 11.36 -5.38
C ALA A 46 -3.72 11.57 -6.77
N LYS A 47 -3.03 12.35 -7.59
CA LYS A 47 -3.50 12.63 -8.95
C LYS A 47 -3.37 11.39 -9.83
N ASP A 48 -2.57 10.44 -9.39
CA ASP A 48 -2.37 9.19 -10.13
C ASP A 48 -3.66 8.38 -10.18
N SER A 49 -4.29 8.34 -11.35
CA SER A 49 -5.53 7.61 -11.53
C SER A 49 -5.53 6.33 -10.69
N ARG A 50 -4.57 5.45 -10.96
CA ARG A 50 -4.46 4.19 -10.23
C ARG A 50 -4.62 4.42 -8.73
N PHE A 51 -3.82 5.34 -8.19
CA PHE A 51 -3.88 5.65 -6.77
C PHE A 51 -5.30 5.95 -6.32
N LYS A 52 -6.02 6.71 -7.15
CA LYS A 52 -7.39 7.08 -6.84
C LYS A 52 -8.24 5.83 -6.58
N ALA A 53 -7.89 4.73 -7.23
CA ALA A 53 -8.61 3.48 -7.08
C ALA A 53 -8.93 3.21 -5.61
N ILE A 54 -7.94 3.44 -4.75
CA ILE A 54 -8.11 3.22 -3.31
C ILE A 54 -8.85 4.39 -2.67
N GLU A 55 -10.03 4.12 -2.14
CA GLU A 55 -10.84 5.15 -1.49
C GLU A 55 -10.81 4.99 0.03
N LYS A 56 -11.29 3.84 0.50
CA LYS A 56 -11.32 3.56 1.93
C LYS A 56 -9.99 3.93 2.59
N MET A 57 -10.05 4.82 3.57
CA MET A 57 -8.85 5.26 4.27
C MET A 57 -8.11 4.08 4.87
N LYS A 58 -8.81 3.28 5.68
CA LYS A 58 -8.20 2.11 6.32
C LYS A 58 -7.30 1.38 5.34
N ASP A 59 -7.77 1.23 4.10
CA ASP A 59 -6.99 0.54 3.07
C ASP A 59 -5.73 1.32 2.72
N ARG A 60 -5.90 2.61 2.45
CA ARG A 60 -4.78 3.48 2.09
C ARG A 60 -3.65 3.34 3.12
N GLU A 61 -3.98 3.56 4.39
CA GLU A 61 -3.00 3.47 5.46
C GLU A 61 -2.46 2.04 5.59
N ALA A 62 -3.36 1.07 5.45
CA ALA A 62 -2.99 -0.34 5.55
C ALA A 62 -1.91 -0.69 4.54
N LEU A 63 -2.29 -0.68 3.26
CA LEU A 63 -1.35 -1.00 2.19
C LEU A 63 -0.04 -0.23 2.35
N PHE A 64 -0.15 1.09 2.43
CA PHE A 64 1.02 1.94 2.58
C PHE A 64 1.87 1.48 3.77
N ASN A 65 1.21 1.14 4.86
CA ASN A 65 1.90 0.67 6.06
C ASN A 65 2.74 -0.56 5.77
N GLU A 66 2.16 -1.49 5.01
CA GLU A 66 2.85 -2.72 4.66
C GLU A 66 4.07 -2.44 3.77
N PHE A 67 3.83 -1.76 2.65
CA PHE A 67 4.90 -1.42 1.72
C PHE A 67 6.08 -0.79 2.46
N VAL A 68 5.83 0.34 3.11
CA VAL A 68 6.87 1.04 3.85
C VAL A 68 7.48 0.14 4.92
N ALA A 69 6.65 -0.68 5.55
CA ALA A 69 7.11 -1.59 6.59
C ALA A 69 8.26 -2.45 6.09
N ALA A 70 8.15 -2.91 4.85
CA ALA A 70 9.18 -3.75 4.25
C ALA A 70 10.30 -2.90 3.63
N ALA A 71 9.90 -1.92 2.83
CA ALA A 71 10.87 -1.04 2.18
C ALA A 71 11.92 -0.55 3.17
N ARG A 72 11.47 -0.04 4.30
CA ARG A 72 12.37 0.46 5.33
C ARG A 72 13.38 -0.61 5.74
N LYS A 73 14.54 -0.17 6.21
CA LYS A 73 15.59 -1.10 6.63
C LYS A 73 15.10 -1.99 7.77
N LYS A 74 15.52 -3.25 7.75
CA LYS A 74 15.12 -4.21 8.78
C LYS A 74 16.33 -4.70 9.55
N GLU A 75 17.32 -3.83 9.72
CA GLU A 75 18.54 -4.17 10.45
C GLU A 75 18.22 -4.58 11.88
N LYS A 76 16.98 -4.31 12.30
CA LYS A 76 16.54 -4.65 13.65
C LYS A 76 17.04 -6.03 14.06
N GLU A 77 17.27 -6.22 15.35
CA GLU A 77 17.74 -7.50 15.86
C GLU A 77 16.74 -8.10 16.84
N SER A 78 16.37 -7.34 17.86
CA SER A 78 15.41 -7.79 18.86
C SER A 78 14.09 -8.17 18.21
N GLY A 79 13.49 -9.25 18.70
CA GLY A 79 12.23 -9.71 18.16
C GLY A 79 11.19 -9.94 19.23
N PRO A 80 10.51 -8.86 19.66
CA PRO A 80 9.47 -8.94 20.69
C PRO A 80 8.22 -9.66 20.21
N SER A 81 7.45 -10.21 21.15
CA SER A 81 6.23 -10.92 20.82
C SER A 81 5.33 -11.06 22.05
N SER A 82 4.08 -11.43 21.82
CA SER A 82 3.11 -11.59 22.91
C SER A 82 2.87 -13.06 23.20
N GLY A 83 2.17 -13.33 24.30
CA GLY A 83 1.88 -14.70 24.68
C GLY A 83 2.71 -15.17 25.85
N GLY A 1 10.36 -16.84 -0.99
CA GLY A 1 9.18 -16.73 -1.84
C GLY A 1 8.21 -17.88 -1.61
N SER A 2 6.96 -17.67 -1.98
CA SER A 2 5.93 -18.69 -1.81
C SER A 2 5.92 -19.21 -0.38
N SER A 3 6.05 -18.31 0.58
CA SER A 3 6.07 -18.69 1.99
C SER A 3 4.65 -18.73 2.55
N GLY A 4 4.43 -19.64 3.50
CA GLY A 4 3.11 -19.76 4.10
C GLY A 4 2.84 -18.67 5.12
N SER A 5 1.85 -17.85 4.84
CA SER A 5 1.48 -16.76 5.74
C SER A 5 0.07 -16.95 6.27
N SER A 6 -0.16 -16.50 7.51
CA SER A 6 -1.46 -16.61 8.14
C SER A 6 -2.19 -15.28 8.14
N GLY A 7 -3.07 -15.08 7.16
CA GLY A 7 -3.82 -13.84 7.07
C GLY A 7 -4.57 -13.72 5.77
N GLU A 8 -5.77 -14.27 5.73
CA GLU A 8 -6.61 -14.22 4.53
C GLU A 8 -6.95 -12.78 4.17
N ARG A 9 -7.23 -12.54 2.89
CA ARG A 9 -7.57 -11.21 2.42
C ARG A 9 -9.03 -11.15 1.96
N ARG A 10 -9.57 -9.93 1.87
CA ARG A 10 -10.95 -9.75 1.46
C ARG A 10 -11.12 -10.07 -0.03
N GLU A 11 -11.56 -11.29 -0.31
CA GLU A 11 -11.76 -11.73 -1.69
C GLU A 11 -13.25 -11.81 -2.02
N LYS A 12 -13.71 -10.89 -2.86
CA LYS A 12 -15.12 -10.85 -3.25
C LYS A 12 -15.24 -10.81 -4.77
N LYS A 13 -14.76 -9.74 -5.39
CA LYS A 13 -14.82 -9.59 -6.83
C LYS A 13 -13.47 -9.14 -7.39
N ASN A 14 -13.13 -9.63 -8.57
CA ASN A 14 -11.87 -9.29 -9.22
C ASN A 14 -11.50 -7.84 -8.92
N LYS A 15 -12.48 -6.95 -8.97
CA LYS A 15 -12.25 -5.53 -8.71
C LYS A 15 -11.19 -5.35 -7.63
N ILE A 16 -11.50 -5.76 -6.41
CA ILE A 16 -10.57 -5.64 -5.30
C ILE A 16 -9.14 -5.88 -5.76
N MET A 17 -8.88 -7.05 -6.33
CA MET A 17 -7.55 -7.40 -6.81
C MET A 17 -7.07 -6.39 -7.86
N GLN A 18 -7.91 -6.14 -8.86
CA GLN A 18 -7.57 -5.20 -9.92
C GLN A 18 -6.99 -3.91 -9.34
N ALA A 19 -7.80 -3.22 -8.53
CA ALA A 19 -7.37 -1.97 -7.92
C ALA A 19 -6.11 -2.18 -7.08
N LYS A 20 -6.22 -3.01 -6.04
CA LYS A 20 -5.09 -3.30 -5.17
C LYS A 20 -3.81 -3.51 -5.99
N GLU A 21 -3.95 -4.17 -7.13
CA GLU A 21 -2.81 -4.44 -7.99
C GLU A 21 -2.19 -3.14 -8.49
N ASP A 22 -3.01 -2.29 -9.08
CA ASP A 22 -2.55 -1.00 -9.61
C ASP A 22 -1.82 -0.21 -8.53
N PHE A 23 -2.35 -0.24 -7.31
CA PHE A 23 -1.76 0.48 -6.19
C PHE A 23 -0.44 -0.17 -5.77
N LYS A 24 -0.52 -1.40 -5.29
CA LYS A 24 0.66 -2.13 -4.86
C LYS A 24 1.77 -2.05 -5.90
N LYS A 25 1.41 -2.27 -7.16
CA LYS A 25 2.38 -2.20 -8.25
C LYS A 25 2.81 -0.76 -8.52
N MET A 26 1.87 0.16 -8.44
CA MET A 26 2.15 1.57 -8.67
C MET A 26 3.21 2.08 -7.69
N MET A 27 3.05 1.72 -6.42
CA MET A 27 3.98 2.14 -5.39
C MET A 27 5.35 1.47 -5.58
N GLU A 28 5.33 0.18 -5.90
CA GLU A 28 6.56 -0.57 -6.11
C GLU A 28 7.43 0.11 -7.17
N GLU A 29 6.78 0.65 -8.20
CA GLU A 29 7.50 1.33 -9.28
C GLU A 29 8.08 2.67 -8.80
N ALA A 30 7.23 3.46 -8.14
CA ALA A 30 7.65 4.76 -7.63
C ALA A 30 8.92 4.64 -6.81
N LYS A 31 9.00 3.58 -6.01
CA LYS A 31 10.17 3.35 -5.16
C LYS A 31 10.47 4.58 -4.30
N PHE A 32 9.41 5.17 -3.73
CA PHE A 32 9.56 6.35 -2.89
C PHE A 32 10.35 6.01 -1.62
N ASN A 33 10.56 7.01 -0.78
CA ASN A 33 11.30 6.82 0.45
C ASN A 33 10.36 6.51 1.62
N PRO A 34 10.81 5.65 2.53
CA PRO A 34 10.02 5.24 3.70
C PRO A 34 9.88 6.38 4.72
N ARG A 35 10.57 7.48 4.46
CA ARG A 35 10.50 8.64 5.35
C ARG A 35 9.21 9.42 5.14
N ALA A 36 8.81 9.55 3.88
CA ALA A 36 7.58 10.27 3.55
C ALA A 36 6.39 9.72 4.31
N THR A 37 5.49 10.59 4.72
CA THR A 37 4.30 10.18 5.46
C THR A 37 3.16 9.81 4.52
N PHE A 38 2.22 9.02 5.01
CA PHE A 38 1.08 8.58 4.21
C PHE A 38 0.37 9.78 3.59
N SER A 39 0.11 10.79 4.41
CA SER A 39 -0.58 11.99 3.95
C SER A 39 0.09 12.55 2.69
N GLU A 40 1.40 12.74 2.77
CA GLU A 40 2.16 13.27 1.64
C GLU A 40 2.06 12.34 0.43
N PHE A 41 2.28 11.04 0.66
CA PHE A 41 2.22 10.06 -0.41
C PHE A 41 0.87 10.14 -1.14
N ALA A 42 -0.21 9.96 -0.39
CA ALA A 42 -1.55 10.01 -0.95
C ALA A 42 -1.75 11.28 -1.78
N ALA A 43 -1.63 12.43 -1.12
CA ALA A 43 -1.79 13.72 -1.79
C ALA A 43 -0.88 13.82 -3.02
N LYS A 44 0.42 13.76 -2.80
CA LYS A 44 1.39 13.84 -3.88
C LYS A 44 1.02 12.88 -5.01
N HIS A 45 0.50 11.72 -4.65
CA HIS A 45 0.10 10.72 -5.63
C HIS A 45 -1.42 10.58 -5.69
N ALA A 46 -2.11 11.67 -5.39
CA ALA A 46 -3.57 11.66 -5.41
C ALA A 46 -4.11 11.89 -6.82
N LYS A 47 -3.35 12.62 -7.63
CA LYS A 47 -3.75 12.90 -8.99
C LYS A 47 -3.69 11.64 -9.86
N ASP A 48 -2.82 10.71 -9.47
CA ASP A 48 -2.66 9.46 -10.21
C ASP A 48 -3.97 8.67 -10.22
N SER A 49 -4.64 8.64 -11.37
CA SER A 49 -5.89 7.93 -11.52
C SER A 49 -5.84 6.59 -10.80
N ARG A 50 -4.92 5.73 -11.22
CA ARG A 50 -4.76 4.41 -10.62
C ARG A 50 -4.79 4.50 -9.10
N PHE A 51 -4.06 5.47 -8.54
CA PHE A 51 -4.00 5.66 -7.10
C PHE A 51 -5.39 5.97 -6.54
N LYS A 52 -6.12 6.84 -7.24
CA LYS A 52 -7.46 7.22 -6.82
C LYS A 52 -8.33 5.99 -6.58
N ALA A 53 -7.95 4.88 -7.18
CA ALA A 53 -8.70 3.63 -7.03
C ALA A 53 -8.95 3.32 -5.55
N ILE A 54 -7.94 3.56 -4.73
CA ILE A 54 -8.05 3.30 -3.30
C ILE A 54 -8.60 4.53 -2.56
N GLU A 55 -9.91 4.55 -2.34
CA GLU A 55 -10.56 5.65 -1.65
C GLU A 55 -10.54 5.43 -0.15
N LYS A 56 -10.90 4.22 0.27
CA LYS A 56 -10.93 3.88 1.69
C LYS A 56 -9.60 4.21 2.36
N MET A 57 -9.56 5.33 3.08
CA MET A 57 -8.36 5.74 3.77
C MET A 57 -7.70 4.58 4.50
N LYS A 58 -8.51 3.83 5.25
CA LYS A 58 -8.01 2.68 5.99
C LYS A 58 -7.16 1.78 5.11
N ASP A 59 -7.66 1.49 3.91
CA ASP A 59 -6.94 0.64 2.96
C ASP A 59 -5.65 1.31 2.51
N ARG A 60 -5.69 2.63 2.38
CA ARG A 60 -4.52 3.40 1.95
C ARG A 60 -3.38 3.28 2.98
N GLU A 61 -3.71 3.57 4.24
CA GLU A 61 -2.72 3.50 5.31
C GLU A 61 -2.26 2.08 5.53
N ALA A 62 -3.20 1.14 5.48
CA ALA A 62 -2.90 -0.27 5.68
C ALA A 62 -1.89 -0.77 4.65
N LEU A 63 -2.26 -0.66 3.37
CA LEU A 63 -1.39 -1.09 2.28
C LEU A 63 -0.07 -0.33 2.31
N PHE A 64 -0.16 0.98 2.47
CA PHE A 64 1.03 1.83 2.51
C PHE A 64 1.90 1.50 3.72
N ASN A 65 1.26 1.05 4.79
CA ASN A 65 1.97 0.69 6.01
C ASN A 65 2.89 -0.50 5.77
N GLU A 66 2.32 -1.59 5.27
CA GLU A 66 3.10 -2.79 5.00
C GLU A 66 4.18 -2.53 3.96
N PHE A 67 3.84 -1.74 2.94
CA PHE A 67 4.78 -1.40 1.88
C PHE A 67 6.05 -0.80 2.46
N VAL A 68 5.91 0.33 3.14
CA VAL A 68 7.04 1.02 3.74
C VAL A 68 7.71 0.14 4.79
N ALA A 69 6.90 -0.61 5.53
CA ALA A 69 7.42 -1.48 6.57
C ALA A 69 8.47 -2.44 6.02
N ALA A 70 8.25 -2.90 4.79
CA ALA A 70 9.18 -3.81 4.14
C ALA A 70 10.24 -3.06 3.34
N ALA A 71 9.82 -1.97 2.70
CA ALA A 71 10.73 -1.15 1.91
C ALA A 71 11.96 -0.74 2.72
N ARG A 72 11.76 -0.54 4.02
CA ARG A 72 12.85 -0.15 4.91
C ARG A 72 14.14 -0.85 4.53
N LYS A 73 14.10 -2.18 4.51
CA LYS A 73 15.28 -2.97 4.16
C LYS A 73 14.87 -4.34 3.62
N LYS A 74 15.69 -4.89 2.73
CA LYS A 74 15.42 -6.19 2.13
C LYS A 74 15.59 -7.30 3.16
N GLU A 75 16.79 -7.39 3.74
CA GLU A 75 17.09 -8.40 4.74
C GLU A 75 15.86 -8.68 5.60
N LYS A 76 15.15 -7.62 5.99
CA LYS A 76 13.97 -7.76 6.82
C LYS A 76 12.90 -8.59 6.12
N GLU A 77 12.66 -9.79 6.62
CA GLU A 77 11.66 -10.68 6.02
C GLU A 77 10.72 -11.22 7.11
N SER A 78 9.47 -11.45 6.73
CA SER A 78 8.48 -11.97 7.65
C SER A 78 9.08 -13.03 8.58
N GLY A 79 9.00 -12.77 9.88
CA GLY A 79 9.54 -13.71 10.84
C GLY A 79 9.52 -13.16 12.26
N PRO A 80 10.42 -12.21 12.55
CA PRO A 80 10.51 -11.58 13.87
C PRO A 80 9.32 -10.69 14.18
N SER A 81 8.65 -10.22 13.12
CA SER A 81 7.49 -9.35 13.28
C SER A 81 6.21 -10.16 13.34
N SER A 82 5.84 -10.58 14.55
CA SER A 82 4.63 -11.37 14.77
C SER A 82 3.76 -10.76 15.87
N GLY A 83 2.64 -10.19 15.47
CA GLY A 83 1.74 -9.58 16.44
C GLY A 83 0.41 -10.32 16.54
N GLY A 1 1.79 10.40 15.15
CA GLY A 1 0.50 9.75 15.25
C GLY A 1 0.55 8.46 16.06
N SER A 2 -0.62 7.89 16.31
CA SER A 2 -0.71 6.66 17.10
C SER A 2 -1.14 5.49 16.21
N SER A 3 -0.45 4.36 16.37
CA SER A 3 -0.75 3.17 15.59
C SER A 3 -1.89 2.38 16.22
N GLY A 4 -2.52 1.52 15.43
CA GLY A 4 -3.62 0.71 15.93
C GLY A 4 -4.12 -0.29 14.90
N SER A 5 -3.36 -1.36 14.71
CA SER A 5 -3.73 -2.39 13.75
C SER A 5 -5.24 -2.57 13.70
N SER A 6 -5.77 -2.75 12.49
CA SER A 6 -7.20 -2.93 12.30
C SER A 6 -7.50 -4.24 11.58
N GLY A 7 -8.77 -4.58 11.48
CA GLY A 7 -9.16 -5.82 10.82
C GLY A 7 -9.42 -5.62 9.34
N GLU A 8 -8.57 -6.22 8.51
CA GLU A 8 -8.70 -6.11 7.07
C GLU A 8 -9.84 -7.00 6.55
N ARG A 9 -10.76 -6.40 5.81
CA ARG A 9 -11.89 -7.13 5.26
C ARG A 9 -11.92 -7.04 3.75
N ARG A 10 -11.82 -8.18 3.07
CA ARG A 10 -11.83 -8.22 1.62
C ARG A 10 -12.91 -9.18 1.11
N GLU A 11 -13.12 -9.18 -0.21
CA GLU A 11 -14.12 -10.04 -0.81
C GLU A 11 -13.58 -10.69 -2.08
N LYS A 12 -14.32 -11.65 -2.61
CA LYS A 12 -13.92 -12.36 -3.82
C LYS A 12 -14.36 -11.59 -5.06
N LYS A 13 -14.15 -10.28 -5.06
CA LYS A 13 -14.51 -9.43 -6.18
C LYS A 13 -13.27 -9.00 -6.96
N ASN A 14 -13.43 -8.84 -8.27
CA ASN A 14 -12.32 -8.42 -9.12
C ASN A 14 -11.89 -7.00 -8.80
N LYS A 15 -12.86 -6.09 -8.78
CA LYS A 15 -12.58 -4.69 -8.48
C LYS A 15 -11.45 -4.56 -7.46
N ILE A 16 -11.66 -5.14 -6.28
CA ILE A 16 -10.67 -5.09 -5.21
C ILE A 16 -9.29 -5.49 -5.74
N MET A 17 -9.24 -6.59 -6.48
CA MET A 17 -7.99 -7.08 -7.03
C MET A 17 -7.40 -6.07 -8.02
N GLN A 18 -8.12 -5.83 -9.12
CA GLN A 18 -7.67 -4.89 -10.14
C GLN A 18 -7.04 -3.66 -9.49
N ALA A 19 -7.79 -2.98 -8.64
CA ALA A 19 -7.31 -1.79 -7.96
C ALA A 19 -6.06 -2.10 -7.15
N LYS A 20 -6.17 -3.06 -6.24
CA LYS A 20 -5.06 -3.46 -5.39
C LYS A 20 -3.80 -3.70 -6.22
N GLU A 21 -3.99 -4.22 -7.43
CA GLU A 21 -2.87 -4.50 -8.33
C GLU A 21 -2.22 -3.19 -8.80
N ASP A 22 -3.01 -2.34 -9.44
CA ASP A 22 -2.51 -1.07 -9.94
C ASP A 22 -1.91 -0.23 -8.82
N PHE A 23 -2.40 -0.45 -7.60
CA PHE A 23 -1.91 0.27 -6.43
C PHE A 23 -0.55 -0.26 -5.98
N LYS A 24 -0.54 -1.51 -5.52
CA LYS A 24 0.69 -2.14 -5.05
C LYS A 24 1.80 -1.99 -6.08
N LYS A 25 1.44 -2.08 -7.36
CA LYS A 25 2.40 -1.95 -8.45
C LYS A 25 2.81 -0.49 -8.63
N MET A 26 1.83 0.41 -8.54
CA MET A 26 2.09 1.83 -8.70
C MET A 26 3.11 2.32 -7.66
N MET A 27 3.04 1.74 -6.47
CA MET A 27 3.95 2.12 -5.39
C MET A 27 5.34 1.53 -5.62
N GLU A 28 5.39 0.23 -5.87
CA GLU A 28 6.65 -0.47 -6.10
C GLU A 28 7.50 0.29 -7.12
N GLU A 29 6.86 0.78 -8.17
CA GLU A 29 7.55 1.53 -9.21
C GLU A 29 7.89 2.94 -8.74
N ALA A 30 6.94 3.56 -8.03
CA ALA A 30 7.14 4.91 -7.52
C ALA A 30 8.52 5.08 -6.91
N LYS A 31 9.05 3.99 -6.35
CA LYS A 31 10.38 4.02 -5.73
C LYS A 31 10.49 5.20 -4.76
N PHE A 32 9.49 5.36 -3.91
CA PHE A 32 9.47 6.44 -2.93
C PHE A 32 10.21 6.02 -1.67
N ASN A 33 10.39 6.98 -0.75
CA ASN A 33 11.08 6.71 0.51
C ASN A 33 10.07 6.51 1.64
N PRO A 34 10.40 5.60 2.57
CA PRO A 34 9.54 5.30 3.71
C PRO A 34 9.48 6.45 4.72
N ARG A 35 10.54 7.25 4.75
CA ARG A 35 10.62 8.37 5.67
C ARG A 35 9.40 9.28 5.52
N ALA A 36 8.92 9.41 4.29
CA ALA A 36 7.75 10.25 4.01
C ALA A 36 6.56 9.81 4.87
N THR A 37 5.47 10.57 4.77
CA THR A 37 4.26 10.27 5.54
C THR A 37 3.08 9.96 4.62
N PHE A 38 2.08 9.28 5.15
CA PHE A 38 0.90 8.92 4.39
C PHE A 38 0.33 10.13 3.66
N SER A 39 0.34 11.27 4.34
CA SER A 39 -0.19 12.51 3.77
C SER A 39 0.57 12.88 2.49
N GLU A 40 1.89 13.05 2.62
CA GLU A 40 2.72 13.40 1.49
C GLU A 40 2.53 12.41 0.34
N PHE A 41 2.56 11.12 0.66
CA PHE A 41 2.39 10.08 -0.34
C PHE A 41 1.06 10.25 -1.08
N ALA A 42 -0.02 10.37 -0.33
CA ALA A 42 -1.35 10.55 -0.91
C ALA A 42 -1.37 11.72 -1.89
N ALA A 43 -0.77 12.83 -1.47
CA ALA A 43 -0.72 14.02 -2.31
C ALA A 43 0.16 13.81 -3.54
N LYS A 44 1.23 13.05 -3.36
CA LYS A 44 2.15 12.76 -4.45
C LYS A 44 1.42 12.12 -5.62
N HIS A 45 0.67 11.05 -5.34
CA HIS A 45 -0.09 10.35 -6.38
C HIS A 45 -1.58 10.63 -6.25
N ALA A 46 -1.91 11.79 -5.68
CA ALA A 46 -3.30 12.18 -5.49
C ALA A 46 -3.98 12.44 -6.83
N LYS A 47 -3.17 12.60 -7.88
CA LYS A 47 -3.70 12.85 -9.21
C LYS A 47 -3.47 11.66 -10.13
N ASP A 48 -3.22 10.50 -9.52
CA ASP A 48 -2.98 9.28 -10.28
C ASP A 48 -4.19 8.34 -10.18
N SER A 49 -4.86 8.14 -11.30
CA SER A 49 -6.04 7.28 -11.35
C SER A 49 -5.86 6.08 -10.43
N ARG A 50 -4.80 5.31 -10.67
CA ARG A 50 -4.50 4.13 -9.87
C ARG A 50 -4.60 4.44 -8.38
N PHE A 51 -3.94 5.51 -7.96
CA PHE A 51 -3.95 5.93 -6.56
C PHE A 51 -5.37 6.09 -6.05
N LYS A 52 -6.24 6.64 -6.90
CA LYS A 52 -7.64 6.86 -6.54
C LYS A 52 -8.33 5.52 -6.24
N ALA A 53 -7.94 4.49 -6.95
CA ALA A 53 -8.52 3.16 -6.76
C ALA A 53 -8.60 2.82 -5.28
N ILE A 54 -7.74 3.43 -4.49
CA ILE A 54 -7.71 3.19 -3.05
C ILE A 54 -8.19 4.41 -2.27
N GLU A 55 -9.51 4.48 -2.04
CA GLU A 55 -10.09 5.59 -1.31
C GLU A 55 -10.30 5.23 0.16
N LYS A 56 -10.67 3.97 0.41
CA LYS A 56 -10.90 3.50 1.77
C LYS A 56 -9.69 3.79 2.65
N MET A 57 -9.80 4.83 3.47
CA MET A 57 -8.71 5.20 4.38
C MET A 57 -7.98 3.96 4.88
N LYS A 58 -8.66 3.18 5.71
CA LYS A 58 -8.05 1.97 6.26
C LYS A 58 -7.21 1.25 5.21
N ASP A 59 -7.74 1.15 4.00
CA ASP A 59 -7.03 0.49 2.91
C ASP A 59 -5.75 1.26 2.54
N ARG A 60 -5.88 2.56 2.38
CA ARG A 60 -4.75 3.40 2.03
C ARG A 60 -3.66 3.31 3.10
N GLU A 61 -4.03 3.58 4.35
CA GLU A 61 -3.10 3.53 5.45
C GLU A 61 -2.56 2.12 5.66
N ALA A 62 -3.37 1.13 5.29
CA ALA A 62 -2.98 -0.26 5.42
C ALA A 62 -1.96 -0.66 4.37
N LEU A 63 -2.39 -0.70 3.11
CA LEU A 63 -1.51 -1.07 2.00
C LEU A 63 -0.19 -0.31 2.09
N PHE A 64 -0.27 0.97 2.46
CA PHE A 64 0.91 1.81 2.57
C PHE A 64 1.77 1.37 3.77
N ASN A 65 1.14 1.25 4.92
CA ASN A 65 1.84 0.84 6.14
C ASN A 65 2.73 -0.37 5.87
N GLU A 66 2.15 -1.40 5.25
CA GLU A 66 2.88 -2.61 4.95
C GLU A 66 4.02 -2.33 3.97
N PHE A 67 3.66 -1.84 2.78
CA PHE A 67 4.65 -1.52 1.76
C PHE A 67 5.89 -0.87 2.38
N VAL A 68 5.70 0.27 3.02
CA VAL A 68 6.79 0.98 3.66
C VAL A 68 7.43 0.15 4.77
N ALA A 69 6.60 -0.52 5.55
CA ALA A 69 7.07 -1.36 6.64
C ALA A 69 8.21 -2.27 6.18
N ALA A 70 8.14 -2.70 4.93
CA ALA A 70 9.16 -3.57 4.36
C ALA A 70 10.25 -2.76 3.67
N ALA A 71 9.83 -1.76 2.89
CA ALA A 71 10.78 -0.91 2.18
C ALA A 71 11.94 -0.49 3.08
N ARG A 72 11.67 -0.35 4.36
CA ARG A 72 12.68 0.04 5.33
C ARG A 72 14.02 -0.60 5.00
N LYS A 73 14.06 -1.93 5.06
CA LYS A 73 15.28 -2.68 4.76
C LYS A 73 15.58 -2.66 3.26
N LYS A 74 16.85 -2.86 2.91
CA LYS A 74 17.27 -2.87 1.52
C LYS A 74 17.52 -4.30 1.04
N GLU A 75 18.12 -5.11 1.90
CA GLU A 75 18.41 -6.50 1.56
C GLU A 75 17.24 -7.41 1.92
N LYS A 76 16.10 -7.19 1.27
CA LYS A 76 14.91 -7.99 1.53
C LYS A 76 14.35 -8.55 0.23
N GLU A 77 13.59 -9.63 0.33
CA GLU A 77 12.99 -10.27 -0.83
C GLU A 77 11.51 -10.56 -0.60
N SER A 78 10.66 -10.08 -1.51
CA SER A 78 9.22 -10.28 -1.40
C SER A 78 8.59 -10.42 -2.78
N GLY A 79 7.71 -11.40 -2.92
CA GLY A 79 7.04 -11.63 -4.19
C GLY A 79 7.16 -13.06 -4.66
N PRO A 80 6.15 -13.51 -5.43
CA PRO A 80 6.13 -14.88 -5.96
C PRO A 80 7.18 -15.11 -7.05
N SER A 81 7.97 -14.07 -7.31
CA SER A 81 9.01 -14.15 -8.32
C SER A 81 8.53 -14.93 -9.55
N SER A 82 7.28 -14.68 -9.95
CA SER A 82 6.70 -15.36 -11.09
C SER A 82 6.47 -14.39 -12.24
N GLY A 83 5.92 -13.21 -11.93
CA GLY A 83 5.66 -12.22 -12.95
C GLY A 83 6.91 -11.86 -13.73
N GLY A 1 -8.04 -3.98 9.32
CA GLY A 1 -8.52 -4.08 10.69
C GLY A 1 -9.79 -4.90 10.79
N SER A 2 -10.02 -5.48 11.96
CA SER A 2 -11.20 -6.30 12.19
C SER A 2 -12.15 -5.62 13.17
N SER A 3 -12.33 -4.31 13.00
CA SER A 3 -13.21 -3.54 13.87
C SER A 3 -14.68 -3.88 13.59
N GLY A 4 -15.22 -4.81 14.36
CA GLY A 4 -16.61 -5.21 14.19
C GLY A 4 -16.80 -6.10 12.98
N SER A 5 -16.47 -5.58 11.80
CA SER A 5 -16.62 -6.34 10.57
C SER A 5 -15.98 -7.71 10.69
N SER A 6 -16.82 -8.74 10.83
CA SER A 6 -16.33 -10.11 10.97
C SER A 6 -16.56 -10.90 9.68
N GLY A 7 -15.49 -11.14 8.94
CA GLY A 7 -15.59 -11.88 7.70
C GLY A 7 -15.28 -11.03 6.48
N GLU A 8 -14.74 -11.65 5.44
CA GLU A 8 -14.39 -10.94 4.22
C GLU A 8 -15.27 -11.41 3.06
N ARG A 9 -16.31 -10.63 2.76
CA ARG A 9 -17.23 -10.96 1.67
C ARG A 9 -16.68 -10.47 0.34
N ARG A 10 -15.37 -10.64 0.13
CA ARG A 10 -14.73 -10.22 -1.10
C ARG A 10 -14.71 -11.35 -2.12
N GLU A 11 -14.35 -11.02 -3.36
CA GLU A 11 -14.30 -12.00 -4.43
C GLU A 11 -12.86 -12.19 -4.92
N LYS A 12 -12.64 -13.24 -5.70
CA LYS A 12 -11.32 -13.54 -6.24
C LYS A 12 -10.79 -12.36 -7.07
N LYS A 13 -11.60 -11.94 -8.04
CA LYS A 13 -11.22 -10.84 -8.91
C LYS A 13 -12.33 -9.79 -8.97
N ASN A 14 -12.22 -8.76 -8.14
CA ASN A 14 -13.22 -7.70 -8.10
C ASN A 14 -12.56 -6.33 -8.08
N LYS A 15 -13.36 -5.28 -8.20
CA LYS A 15 -12.85 -3.92 -8.19
C LYS A 15 -11.75 -3.75 -7.14
N ILE A 16 -11.99 -4.27 -5.95
CA ILE A 16 -11.02 -4.18 -4.87
C ILE A 16 -9.70 -4.82 -5.26
N MET A 17 -9.77 -5.95 -5.96
CA MET A 17 -8.57 -6.65 -6.40
C MET A 17 -7.83 -5.85 -7.46
N GLN A 18 -8.43 -5.70 -8.63
CA GLN A 18 -7.82 -4.95 -9.72
C GLN A 18 -7.17 -3.67 -9.20
N ALA A 19 -7.92 -2.90 -8.42
CA ALA A 19 -7.42 -1.66 -7.86
C ALA A 19 -6.20 -1.91 -6.97
N LYS A 20 -6.35 -2.83 -6.03
CA LYS A 20 -5.26 -3.17 -5.12
C LYS A 20 -4.00 -3.52 -5.89
N GLU A 21 -4.17 -4.14 -7.05
CA GLU A 21 -3.03 -4.53 -7.87
C GLU A 21 -2.30 -3.30 -8.42
N ASP A 22 -3.06 -2.38 -9.02
CA ASP A 22 -2.49 -1.16 -9.58
C ASP A 22 -1.83 -0.33 -8.48
N PHE A 23 -2.29 -0.48 -7.25
CA PHE A 23 -1.75 0.25 -6.12
C PHE A 23 -0.38 -0.29 -5.72
N LYS A 24 -0.37 -1.50 -5.15
CA LYS A 24 0.87 -2.13 -4.73
C LYS A 24 1.96 -1.96 -5.79
N LYS A 25 1.59 -2.18 -7.04
CA LYS A 25 2.53 -2.05 -8.15
C LYS A 25 2.91 -0.59 -8.39
N MET A 26 1.93 0.30 -8.19
CA MET A 26 2.15 1.73 -8.38
C MET A 26 3.16 2.26 -7.37
N MET A 27 3.10 1.73 -6.15
CA MET A 27 4.01 2.16 -5.09
C MET A 27 5.40 1.59 -5.32
N GLU A 28 5.47 0.34 -5.77
CA GLU A 28 6.75 -0.32 -6.01
C GLU A 28 7.51 0.39 -7.13
N GLU A 29 6.78 0.89 -8.12
CA GLU A 29 7.39 1.58 -9.25
C GLU A 29 7.87 2.98 -8.83
N ALA A 30 7.03 3.69 -8.08
CA ALA A 30 7.37 5.02 -7.62
C ALA A 30 8.70 5.03 -6.90
N LYS A 31 8.96 3.99 -6.10
CA LYS A 31 10.20 3.88 -5.36
C LYS A 31 10.37 5.05 -4.40
N PHE A 32 9.27 5.48 -3.78
CA PHE A 32 9.30 6.59 -2.85
C PHE A 32 10.09 6.22 -1.59
N ASN A 33 10.27 7.20 -0.70
CA ASN A 33 11.01 6.98 0.53
C ASN A 33 10.07 6.57 1.66
N PRO A 34 10.54 5.68 2.53
CA PRO A 34 9.76 5.19 3.67
C PRO A 34 9.55 6.26 4.74
N ARG A 35 10.50 7.19 4.84
CA ARG A 35 10.41 8.27 5.81
C ARG A 35 9.16 9.10 5.60
N ALA A 36 8.81 9.34 4.33
CA ALA A 36 7.64 10.12 3.98
C ALA A 36 6.42 9.65 4.78
N THR A 37 5.37 10.47 4.78
CA THR A 37 4.15 10.15 5.51
C THR A 37 2.99 9.88 4.55
N PHE A 38 2.13 8.93 4.91
CA PHE A 38 0.98 8.59 4.08
C PHE A 38 0.36 9.85 3.47
N SER A 39 0.10 10.83 4.31
CA SER A 39 -0.50 12.09 3.85
C SER A 39 0.22 12.61 2.62
N GLU A 40 1.53 12.84 2.75
CA GLU A 40 2.33 13.34 1.65
C GLU A 40 2.14 12.49 0.40
N PHE A 41 2.38 11.18 0.53
CA PHE A 41 2.23 10.26 -0.59
C PHE A 41 0.88 10.44 -1.27
N ALA A 42 -0.17 10.53 -0.45
CA ALA A 42 -1.53 10.70 -0.98
C ALA A 42 -1.62 11.93 -1.88
N ALA A 43 -1.07 13.04 -1.40
CA ALA A 43 -1.08 14.28 -2.17
C ALA A 43 -0.33 14.13 -3.49
N LYS A 44 0.78 13.39 -3.44
CA LYS A 44 1.60 13.17 -4.63
C LYS A 44 0.80 12.45 -5.71
N HIS A 45 0.31 11.26 -5.39
CA HIS A 45 -0.47 10.46 -6.33
C HIS A 45 -1.96 10.69 -6.13
N ALA A 46 -2.30 11.76 -5.42
CA ALA A 46 -3.69 12.10 -5.15
C ALA A 46 -4.50 12.17 -6.45
N LYS A 47 -3.87 12.67 -7.51
CA LYS A 47 -4.51 12.80 -8.80
C LYS A 47 -4.10 11.67 -9.73
N ASP A 48 -3.38 10.69 -9.18
CA ASP A 48 -2.92 9.54 -9.96
C ASP A 48 -4.03 8.51 -10.12
N SER A 49 -4.51 8.33 -11.34
CA SER A 49 -5.57 7.38 -11.62
C SER A 49 -5.45 6.16 -10.73
N ARG A 50 -4.36 5.41 -10.89
CA ARG A 50 -4.13 4.22 -10.10
C ARG A 50 -4.43 4.48 -8.62
N PHE A 51 -3.84 5.53 -8.08
CA PHE A 51 -4.03 5.89 -6.68
C PHE A 51 -5.52 6.02 -6.36
N LYS A 52 -6.26 6.66 -7.26
CA LYS A 52 -7.69 6.85 -7.08
C LYS A 52 -8.40 5.52 -6.88
N ALA A 53 -7.89 4.47 -7.51
CA ALA A 53 -8.47 3.15 -7.40
C ALA A 53 -8.75 2.79 -5.95
N ILE A 54 -7.89 3.26 -5.05
CA ILE A 54 -8.05 3.00 -3.63
C ILE A 54 -8.39 4.28 -2.86
N GLU A 55 -9.69 4.46 -2.59
CA GLU A 55 -10.14 5.65 -1.87
C GLU A 55 -10.22 5.37 -0.37
N LYS A 56 -10.63 4.15 -0.03
CA LYS A 56 -10.76 3.75 1.37
C LYS A 56 -9.49 4.09 2.15
N MET A 57 -9.43 5.32 2.67
CA MET A 57 -8.27 5.76 3.43
C MET A 57 -7.70 4.62 4.27
N LYS A 58 -8.57 3.93 5.00
CA LYS A 58 -8.15 2.82 5.84
C LYS A 58 -7.27 1.85 5.06
N ASP A 59 -7.73 1.45 3.88
CA ASP A 59 -6.99 0.52 3.04
C ASP A 59 -5.64 1.12 2.64
N ARG A 60 -5.64 2.41 2.31
CA ARG A 60 -4.41 3.09 1.93
C ARG A 60 -3.35 2.99 3.01
N GLU A 61 -3.71 3.42 4.21
CA GLU A 61 -2.79 3.38 5.35
C GLU A 61 -2.21 1.97 5.53
N ALA A 62 -3.09 0.97 5.43
CA ALA A 62 -2.67 -0.42 5.59
C ALA A 62 -1.69 -0.82 4.50
N LEU A 63 -2.12 -0.70 3.25
CA LEU A 63 -1.28 -1.06 2.11
C LEU A 63 0.06 -0.33 2.19
N PHE A 64 0.02 0.98 2.39
CA PHE A 64 1.23 1.78 2.48
C PHE A 64 2.12 1.29 3.63
N ASN A 65 1.54 1.16 4.82
CA ASN A 65 2.28 0.71 5.99
C ASN A 65 3.11 -0.53 5.66
N GLU A 66 2.44 -1.56 5.15
CA GLU A 66 3.12 -2.80 4.79
C GLU A 66 4.27 -2.53 3.82
N PHE A 67 4.01 -1.69 2.83
CA PHE A 67 5.02 -1.35 1.82
C PHE A 67 6.28 -0.82 2.49
N VAL A 68 6.13 0.23 3.29
CA VAL A 68 7.27 0.83 3.99
C VAL A 68 7.86 -0.14 5.02
N ALA A 69 6.99 -0.95 5.62
CA ALA A 69 7.43 -1.91 6.63
C ALA A 69 8.51 -2.84 6.06
N ALA A 70 8.32 -3.28 4.83
CA ALA A 70 9.27 -4.17 4.18
C ALA A 70 10.37 -3.37 3.47
N ALA A 71 9.96 -2.33 2.74
CA ALA A 71 10.90 -1.49 2.02
C ALA A 71 12.13 -1.17 2.87
N ARG A 72 11.89 -0.92 4.16
CA ARG A 72 12.97 -0.60 5.09
C ARG A 72 13.79 -1.85 5.42
N LYS A 73 13.12 -3.00 5.45
CA LYS A 73 13.78 -4.26 5.75
C LYS A 73 15.01 -4.46 4.88
N LYS A 74 14.80 -4.57 3.58
CA LYS A 74 15.89 -4.75 2.63
C LYS A 74 16.09 -3.50 1.77
N GLU A 75 15.78 -2.34 2.35
CA GLU A 75 15.94 -1.07 1.64
C GLU A 75 17.24 -1.04 0.86
N LYS A 76 18.21 -1.85 1.29
CA LYS A 76 19.50 -1.91 0.63
C LYS A 76 19.40 -2.62 -0.72
N GLU A 77 18.90 -3.86 -0.68
CA GLU A 77 18.74 -4.65 -1.91
C GLU A 77 17.54 -4.18 -2.71
N SER A 78 17.73 -3.14 -3.51
CA SER A 78 16.66 -2.59 -4.33
C SER A 78 16.10 -3.65 -5.27
N GLY A 79 17.00 -4.35 -5.97
CA GLY A 79 16.57 -5.38 -6.89
C GLY A 79 17.68 -5.80 -7.84
N PRO A 80 17.69 -7.08 -8.21
CA PRO A 80 18.70 -7.64 -9.13
C PRO A 80 18.53 -7.13 -10.54
N SER A 81 17.29 -7.06 -11.01
CA SER A 81 17.00 -6.59 -12.36
C SER A 81 17.79 -5.33 -12.68
N SER A 82 18.92 -5.52 -13.35
CA SER A 82 19.78 -4.40 -13.73
C SER A 82 20.79 -4.82 -14.80
N GLY A 83 21.43 -3.83 -15.43
CA GLY A 83 22.40 -4.12 -16.47
C GLY A 83 23.76 -3.52 -16.16
N GLY A 1 8.20 -5.47 0.10
CA GLY A 1 7.58 -6.69 -0.39
C GLY A 1 6.24 -6.95 0.25
N SER A 2 5.48 -7.88 -0.31
CA SER A 2 4.16 -8.22 0.20
C SER A 2 4.25 -9.39 1.17
N SER A 3 3.57 -9.26 2.32
CA SER A 3 3.58 -10.31 3.33
C SER A 3 2.33 -11.18 3.21
N GLY A 4 2.52 -12.42 2.76
CA GLY A 4 1.41 -13.34 2.61
C GLY A 4 0.16 -12.64 2.12
N SER A 5 -0.99 -13.25 2.40
CA SER A 5 -2.28 -12.69 1.99
C SER A 5 -3.06 -12.16 3.19
N SER A 6 -3.79 -11.07 2.99
CA SER A 6 -4.58 -10.46 4.05
C SER A 6 -6.07 -10.67 3.81
N GLY A 7 -6.83 -10.74 4.89
CA GLY A 7 -8.27 -10.94 4.79
C GLY A 7 -8.97 -9.75 4.16
N GLU A 8 -9.93 -10.03 3.29
CA GLU A 8 -10.68 -8.97 2.62
C GLU A 8 -12.13 -8.95 3.10
N ARG A 9 -12.90 -7.98 2.61
CA ARG A 9 -14.30 -7.84 2.98
C ARG A 9 -15.18 -8.77 2.16
N ARG A 10 -15.10 -8.62 0.84
CA ARG A 10 -15.90 -9.44 -0.07
C ARG A 10 -15.02 -10.04 -1.17
N GLU A 11 -15.09 -11.36 -1.32
CA GLU A 11 -14.30 -12.06 -2.33
C GLU A 11 -14.91 -11.88 -3.71
N LYS A 12 -16.23 -11.95 -3.78
CA LYS A 12 -16.95 -11.80 -5.05
C LYS A 12 -16.46 -10.56 -5.79
N LYS A 13 -16.49 -9.41 -5.12
CA LYS A 13 -16.06 -8.16 -5.71
C LYS A 13 -14.64 -8.28 -6.26
N ASN A 14 -14.51 -8.23 -7.58
CA ASN A 14 -13.22 -8.33 -8.23
C ASN A 14 -12.46 -7.01 -8.14
N LYS A 15 -13.19 -5.91 -8.16
CA LYS A 15 -12.59 -4.58 -8.08
C LYS A 15 -11.44 -4.57 -7.09
N ILE A 16 -11.71 -4.96 -5.85
CA ILE A 16 -10.70 -5.00 -4.81
C ILE A 16 -9.34 -5.41 -5.38
N MET A 17 -9.33 -6.51 -6.12
CA MET A 17 -8.10 -7.01 -6.73
C MET A 17 -7.56 -6.01 -7.76
N GLN A 18 -8.38 -5.68 -8.75
CA GLN A 18 -7.98 -4.74 -9.79
C GLN A 18 -7.29 -3.52 -9.19
N ALA A 19 -8.00 -2.83 -8.29
CA ALA A 19 -7.45 -1.65 -7.64
C ALA A 19 -6.13 -1.96 -6.94
N LYS A 20 -6.20 -2.79 -5.90
CA LYS A 20 -5.02 -3.18 -5.16
C LYS A 20 -3.84 -3.47 -6.09
N GLU A 21 -4.14 -4.13 -7.20
CA GLU A 21 -3.11 -4.48 -8.18
C GLU A 21 -2.39 -3.22 -8.66
N ASP A 22 -3.16 -2.28 -9.21
CA ASP A 22 -2.60 -1.03 -9.71
C ASP A 22 -1.86 -0.28 -8.60
N PHE A 23 -2.43 -0.28 -7.41
CA PHE A 23 -1.83 0.40 -6.27
C PHE A 23 -0.51 -0.27 -5.88
N LYS A 24 -0.60 -1.48 -5.35
CA LYS A 24 0.57 -2.23 -4.93
C LYS A 24 1.69 -2.13 -5.97
N LYS A 25 1.34 -2.35 -7.23
CA LYS A 25 2.31 -2.27 -8.32
C LYS A 25 2.74 -0.82 -8.56
N MET A 26 1.79 0.09 -8.46
CA MET A 26 2.07 1.51 -8.66
C MET A 26 3.13 2.00 -7.67
N MET A 27 2.97 1.62 -6.41
CA MET A 27 3.90 2.03 -5.37
C MET A 27 5.25 1.33 -5.55
N GLU A 28 5.22 0.02 -5.79
CA GLU A 28 6.44 -0.76 -5.98
C GLU A 28 7.37 -0.06 -6.98
N GLU A 29 6.79 0.41 -8.08
CA GLU A 29 7.58 1.09 -9.11
C GLU A 29 8.09 2.43 -8.61
N ALA A 30 7.17 3.25 -8.10
CA ALA A 30 7.54 4.57 -7.58
C ALA A 30 8.87 4.52 -6.84
N LYS A 31 9.03 3.50 -6.00
CA LYS A 31 10.26 3.33 -5.22
C LYS A 31 10.54 4.58 -4.38
N PHE A 32 9.49 5.13 -3.78
CA PHE A 32 9.64 6.32 -2.96
C PHE A 32 10.40 6.00 -1.68
N ASN A 33 10.66 7.04 -0.88
CA ASN A 33 11.37 6.87 0.38
C ASN A 33 10.41 6.64 1.54
N PRO A 34 10.82 5.78 2.49
CA PRO A 34 10.00 5.46 3.66
C PRO A 34 9.88 6.63 4.63
N ARG A 35 10.88 7.51 4.61
CA ARG A 35 10.88 8.67 5.49
C ARG A 35 9.60 9.49 5.32
N ALA A 36 9.14 9.60 4.07
CA ALA A 36 7.93 10.35 3.77
C ALA A 36 6.73 9.80 4.56
N THR A 37 5.75 10.67 4.82
CA THR A 37 4.56 10.27 5.56
C THR A 37 3.43 9.87 4.62
N PHE A 38 2.42 9.22 5.17
CA PHE A 38 1.27 8.78 4.38
C PHE A 38 0.57 9.97 3.73
N SER A 39 0.40 11.05 4.49
CA SER A 39 -0.25 12.24 3.99
C SER A 39 0.44 12.76 2.73
N GLU A 40 1.75 12.98 2.83
CA GLU A 40 2.53 13.48 1.71
C GLU A 40 2.37 12.56 0.50
N PHE A 41 2.45 11.27 0.73
CA PHE A 41 2.32 10.28 -0.34
C PHE A 41 0.93 10.32 -0.95
N ALA A 42 -0.08 10.55 -0.12
CA ALA A 42 -1.46 10.63 -0.57
C ALA A 42 -1.64 11.75 -1.59
N ALA A 43 -1.30 12.97 -1.18
CA ALA A 43 -1.43 14.13 -2.05
C ALA A 43 -0.38 14.10 -3.16
N LYS A 44 0.75 13.47 -2.88
CA LYS A 44 1.83 13.36 -3.86
C LYS A 44 1.44 12.44 -5.01
N HIS A 45 0.77 11.34 -4.67
CA HIS A 45 0.34 10.39 -5.69
C HIS A 45 -1.19 10.35 -5.79
N ALA A 46 -1.80 11.50 -5.53
CA ALA A 46 -3.26 11.60 -5.60
C ALA A 46 -3.74 11.66 -7.04
N LYS A 47 -3.17 12.58 -7.82
CA LYS A 47 -3.54 12.75 -9.22
C LYS A 47 -3.40 11.43 -9.97
N ASP A 48 -2.55 10.54 -9.46
CA ASP A 48 -2.33 9.25 -10.09
C ASP A 48 -3.63 8.44 -10.15
N SER A 49 -4.23 8.40 -11.33
CA SER A 49 -5.48 7.67 -11.53
C SER A 49 -5.52 6.42 -10.65
N ARG A 50 -4.57 5.52 -10.87
CA ARG A 50 -4.50 4.27 -10.11
C ARG A 50 -4.73 4.54 -8.61
N PHE A 51 -3.96 5.49 -8.07
CA PHE A 51 -4.08 5.83 -6.66
C PHE A 51 -5.52 6.18 -6.30
N LYS A 52 -6.17 6.96 -7.16
CA LYS A 52 -7.55 7.36 -6.95
C LYS A 52 -8.47 6.14 -6.83
N ALA A 53 -8.12 5.08 -7.54
CA ALA A 53 -8.90 3.85 -7.51
C ALA A 53 -9.19 3.41 -6.09
N ILE A 54 -8.29 3.78 -5.17
CA ILE A 54 -8.44 3.42 -3.77
C ILE A 54 -9.32 4.43 -3.04
N GLU A 55 -10.26 3.94 -2.25
CA GLU A 55 -11.17 4.80 -1.49
C GLU A 55 -11.08 4.50 0.01
N LYS A 56 -11.43 3.26 0.38
CA LYS A 56 -11.40 2.84 1.76
C LYS A 56 -10.11 3.30 2.44
N MET A 57 -10.24 4.24 3.38
CA MET A 57 -9.08 4.75 4.10
C MET A 57 -8.23 3.62 4.65
N LYS A 58 -8.86 2.72 5.39
CA LYS A 58 -8.16 1.58 5.97
C LYS A 58 -7.19 0.96 4.96
N ASP A 59 -7.64 0.84 3.73
CA ASP A 59 -6.82 0.27 2.67
C ASP A 59 -5.63 1.17 2.35
N ARG A 60 -5.90 2.47 2.19
CA ARG A 60 -4.86 3.44 1.88
C ARG A 60 -3.73 3.37 2.90
N GLU A 61 -4.10 3.37 4.18
CA GLU A 61 -3.12 3.30 5.25
C GLU A 61 -2.47 1.93 5.32
N ALA A 62 -3.29 0.90 5.55
CA ALA A 62 -2.79 -0.47 5.63
C ALA A 62 -1.84 -0.78 4.48
N LEU A 63 -2.28 -0.49 3.27
CA LEU A 63 -1.46 -0.74 2.08
C LEU A 63 -0.12 -0.02 2.19
N PHE A 64 -0.17 1.29 2.33
CA PHE A 64 1.04 2.10 2.44
C PHE A 64 1.92 1.60 3.58
N ASN A 65 1.40 1.70 4.81
CA ASN A 65 2.14 1.26 5.98
C ASN A 65 2.99 0.03 5.67
N GLU A 66 2.33 -1.08 5.36
CA GLU A 66 3.02 -2.31 5.03
C GLU A 66 4.16 -2.06 4.04
N PHE A 67 3.83 -1.38 2.95
CA PHE A 67 4.82 -1.07 1.92
C PHE A 67 6.08 -0.47 2.53
N VAL A 68 5.93 0.70 3.16
CA VAL A 68 7.05 1.38 3.79
C VAL A 68 7.73 0.49 4.82
N ALA A 69 6.95 -0.42 5.41
CA ALA A 69 7.48 -1.34 6.42
C ALA A 69 8.55 -2.24 5.82
N ALA A 70 8.31 -2.73 4.61
CA ALA A 70 9.26 -3.59 3.94
C ALA A 70 10.28 -2.79 3.15
N ALA A 71 9.84 -1.66 2.60
CA ALA A 71 10.72 -0.80 1.82
C ALA A 71 11.91 -0.34 2.64
N ARG A 72 11.65 0.10 3.87
CA ARG A 72 12.70 0.57 4.76
C ARG A 72 13.74 -0.52 4.99
N LYS A 73 14.86 -0.14 5.60
CA LYS A 73 15.93 -1.09 5.88
C LYS A 73 15.88 -1.56 7.34
N LYS A 74 15.53 -0.64 8.24
CA LYS A 74 15.44 -0.97 9.65
C LYS A 74 14.08 -1.58 9.99
N GLU A 75 13.48 -2.25 9.00
CA GLU A 75 12.19 -2.88 9.19
C GLU A 75 12.29 -4.05 10.17
N LYS A 76 13.51 -4.34 10.63
CA LYS A 76 13.74 -5.42 11.57
C LYS A 76 12.57 -5.57 12.53
N GLU A 77 12.05 -6.80 12.63
CA GLU A 77 10.92 -7.07 13.52
C GLU A 77 11.28 -8.18 14.50
N SER A 78 11.08 -7.90 15.79
CA SER A 78 11.38 -8.86 16.84
C SER A 78 10.14 -9.66 17.22
N GLY A 79 10.34 -10.90 17.63
CA GLY A 79 9.23 -11.75 18.01
C GLY A 79 8.28 -12.02 16.86
N PRO A 80 7.54 -13.13 16.95
CA PRO A 80 6.57 -13.52 15.91
C PRO A 80 5.36 -12.60 15.86
N SER A 81 5.13 -11.99 14.70
CA SER A 81 4.00 -11.08 14.52
C SER A 81 2.68 -11.84 14.59
N SER A 82 2.57 -12.91 13.82
CA SER A 82 1.37 -13.72 13.79
C SER A 82 0.15 -12.85 13.46
N GLY A 83 0.31 -11.94 12.51
CA GLY A 83 -0.78 -11.06 12.13
C GLY A 83 -1.09 -11.15 10.65
N GLY A 1 5.20 -10.83 -6.49
CA GLY A 1 4.13 -11.34 -5.65
C GLY A 1 4.40 -11.12 -4.18
N SER A 2 3.47 -10.43 -3.51
CA SER A 2 3.61 -10.14 -2.09
C SER A 2 2.37 -10.56 -1.32
N SER A 3 2.56 -11.43 -0.32
CA SER A 3 1.45 -11.92 0.49
C SER A 3 0.43 -10.80 0.74
N GLY A 4 0.92 -9.60 1.01
CA GLY A 4 0.05 -8.47 1.26
C GLY A 4 -0.98 -8.78 2.34
N SER A 5 -2.25 -8.79 1.95
CA SER A 5 -3.33 -9.06 2.89
C SER A 5 -4.29 -10.12 2.33
N SER A 6 -5.00 -10.79 3.23
CA SER A 6 -5.95 -11.82 2.82
C SER A 6 -7.37 -11.45 3.23
N GLY A 7 -8.35 -12.02 2.54
CA GLY A 7 -9.74 -11.73 2.83
C GLY A 7 -10.52 -11.33 1.59
N GLU A 8 -10.67 -12.27 0.67
CA GLU A 8 -11.40 -12.01 -0.57
C GLU A 8 -12.91 -11.95 -0.31
N ARG A 9 -13.53 -10.84 -0.69
CA ARG A 9 -14.96 -10.67 -0.50
C ARG A 9 -15.73 -10.95 -1.79
N ARG A 10 -15.37 -10.25 -2.86
CA ARG A 10 -16.02 -10.43 -4.15
C ARG A 10 -15.23 -11.40 -5.02
N GLU A 11 -15.91 -12.43 -5.52
CA GLU A 11 -15.27 -13.43 -6.36
C GLU A 11 -15.62 -13.20 -7.83
N LYS A 12 -16.92 -13.02 -8.10
CA LYS A 12 -17.39 -12.79 -9.46
C LYS A 12 -16.90 -11.45 -9.99
N LYS A 13 -17.30 -10.37 -9.32
CA LYS A 13 -16.90 -9.03 -9.72
C LYS A 13 -15.50 -8.70 -9.20
N ASN A 14 -14.51 -8.83 -10.08
CA ASN A 14 -13.13 -8.55 -9.71
C ASN A 14 -12.84 -7.05 -9.79
N LYS A 15 -13.12 -6.34 -8.70
CA LYS A 15 -12.89 -4.90 -8.64
C LYS A 15 -11.88 -4.56 -7.57
N ILE A 16 -12.27 -4.75 -6.30
CA ILE A 16 -11.39 -4.45 -5.18
C ILE A 16 -9.94 -4.81 -5.51
N MET A 17 -9.68 -6.09 -5.71
CA MET A 17 -8.34 -6.56 -6.03
C MET A 17 -7.71 -5.71 -7.13
N GLN A 18 -8.42 -5.58 -8.25
CA GLN A 18 -7.92 -4.78 -9.37
C GLN A 18 -7.24 -3.51 -8.88
N ALA A 19 -7.99 -2.69 -8.15
CA ALA A 19 -7.45 -1.44 -7.62
C ALA A 19 -6.18 -1.69 -6.80
N LYS A 20 -6.20 -2.75 -6.00
CA LYS A 20 -5.05 -3.10 -5.18
C LYS A 20 -3.84 -3.43 -6.04
N GLU A 21 -4.08 -4.08 -7.17
CA GLU A 21 -3.00 -4.44 -8.08
C GLU A 21 -2.29 -3.20 -8.62
N ASP A 22 -3.06 -2.33 -9.26
CA ASP A 22 -2.51 -1.10 -9.82
C ASP A 22 -1.90 -0.22 -8.73
N PHE A 23 -2.38 -0.40 -7.50
CA PHE A 23 -1.89 0.37 -6.37
C PHE A 23 -0.54 -0.16 -5.90
N LYS A 24 -0.54 -1.39 -5.40
CA LYS A 24 0.69 -2.02 -4.92
C LYS A 24 1.79 -1.93 -5.96
N LYS A 25 1.44 -2.18 -7.22
CA LYS A 25 2.40 -2.13 -8.30
C LYS A 25 2.85 -0.69 -8.57
N MET A 26 1.90 0.24 -8.50
CA MET A 26 2.20 1.65 -8.73
C MET A 26 3.26 2.15 -7.75
N MET A 27 3.07 1.85 -6.47
CA MET A 27 4.01 2.27 -5.44
C MET A 27 5.37 1.62 -5.66
N GLU A 28 5.37 0.33 -5.96
CA GLU A 28 6.61 -0.40 -6.19
C GLU A 28 7.48 0.32 -7.21
N GLU A 29 6.88 0.77 -8.30
CA GLU A 29 7.60 1.47 -9.35
C GLU A 29 8.14 2.80 -8.84
N ALA A 30 7.30 3.54 -8.12
CA ALA A 30 7.69 4.83 -7.58
C ALA A 30 8.87 4.70 -6.63
N LYS A 31 8.94 3.58 -5.92
CA LYS A 31 10.03 3.32 -4.99
C LYS A 31 10.29 4.53 -4.11
N PHE A 32 9.21 5.18 -3.67
CA PHE A 32 9.33 6.36 -2.81
C PHE A 32 10.14 6.05 -1.56
N ASN A 33 10.38 7.07 -0.75
CA ASN A 33 11.15 6.91 0.48
C ASN A 33 10.23 6.62 1.66
N PRO A 34 10.68 5.74 2.56
CA PRO A 34 9.91 5.36 3.75
C PRO A 34 9.80 6.50 4.76
N ARG A 35 10.52 7.59 4.50
CA ARG A 35 10.50 8.75 5.38
C ARG A 35 9.22 9.56 5.19
N ALA A 36 8.73 9.60 3.95
CA ALA A 36 7.52 10.33 3.63
C ALA A 36 6.33 9.84 4.47
N THR A 37 5.36 10.72 4.69
CA THR A 37 4.18 10.37 5.47
C THR A 37 3.03 9.96 4.56
N PHE A 38 2.19 9.05 5.07
CA PHE A 38 1.05 8.56 4.30
C PHE A 38 0.32 9.71 3.63
N SER A 39 0.27 10.86 4.29
CA SER A 39 -0.39 12.03 3.75
C SER A 39 0.33 12.56 2.52
N GLU A 40 1.62 12.83 2.68
CA GLU A 40 2.42 13.35 1.57
C GLU A 40 2.30 12.45 0.35
N PHE A 41 2.19 11.14 0.58
CA PHE A 41 2.06 10.18 -0.50
C PHE A 41 0.68 10.23 -1.12
N ALA A 42 -0.34 10.41 -0.28
CA ALA A 42 -1.72 10.49 -0.76
C ALA A 42 -1.92 11.66 -1.69
N ALA A 43 -1.45 12.83 -1.27
CA ALA A 43 -1.58 14.04 -2.07
C ALA A 43 -0.63 14.00 -3.26
N LYS A 44 0.63 13.65 -3.00
CA LYS A 44 1.64 13.58 -4.05
C LYS A 44 1.15 12.76 -5.23
N HIS A 45 0.45 11.66 -4.93
CA HIS A 45 -0.09 10.79 -5.97
C HIS A 45 -1.62 10.88 -6.03
N ALA A 46 -2.16 11.95 -5.44
CA ALA A 46 -3.60 12.15 -5.43
C ALA A 46 -4.15 12.34 -6.84
N LYS A 47 -3.23 12.46 -7.80
CA LYS A 47 -3.62 12.64 -9.20
C LYS A 47 -3.42 11.36 -10.00
N ASP A 48 -2.73 10.40 -9.39
CA ASP A 48 -2.46 9.11 -10.03
C ASP A 48 -3.74 8.28 -10.13
N SER A 49 -4.27 8.15 -11.33
CA SER A 49 -5.49 7.38 -11.54
C SER A 49 -5.54 6.15 -10.63
N ARG A 50 -4.54 5.28 -10.77
CA ARG A 50 -4.46 4.07 -9.97
C ARG A 50 -4.71 4.38 -8.49
N PHE A 51 -4.00 5.39 -7.99
CA PHE A 51 -4.14 5.80 -6.59
C PHE A 51 -5.60 6.11 -6.26
N LYS A 52 -6.27 6.80 -7.17
CA LYS A 52 -7.67 7.17 -6.99
C LYS A 52 -8.54 5.93 -6.75
N ALA A 53 -8.07 4.79 -7.26
CA ALA A 53 -8.80 3.54 -7.10
C ALA A 53 -8.95 3.17 -5.63
N ILE A 54 -7.90 3.43 -4.85
CA ILE A 54 -7.92 3.13 -3.43
C ILE A 54 -8.42 4.32 -2.61
N GLU A 55 -9.73 4.53 -2.62
CA GLU A 55 -10.33 5.63 -1.88
C GLU A 55 -10.44 5.30 -0.40
N LYS A 56 -10.63 4.02 -0.10
CA LYS A 56 -10.75 3.56 1.28
C LYS A 56 -9.49 3.90 2.08
N MET A 57 -9.50 5.08 2.69
CA MET A 57 -8.36 5.53 3.49
C MET A 57 -7.78 4.37 4.29
N LYS A 58 -8.65 3.53 4.82
CA LYS A 58 -8.23 2.38 5.62
C LYS A 58 -7.23 1.52 4.85
N ASP A 59 -7.64 1.09 3.66
CA ASP A 59 -6.79 0.26 2.81
C ASP A 59 -5.49 1.00 2.45
N ARG A 60 -5.59 2.32 2.33
CA ARG A 60 -4.43 3.14 1.98
C ARG A 60 -3.37 3.05 3.08
N GLU A 61 -3.78 3.28 4.32
CA GLU A 61 -2.86 3.24 5.45
C GLU A 61 -2.33 1.82 5.66
N ALA A 62 -3.18 0.83 5.40
CA ALA A 62 -2.80 -0.56 5.57
C ALA A 62 -1.81 -0.99 4.48
N LEU A 63 -2.26 -0.94 3.23
CA LEU A 63 -1.41 -1.32 2.10
C LEU A 63 -0.08 -0.59 2.14
N PHE A 64 -0.13 0.69 2.50
CA PHE A 64 1.07 1.51 2.58
C PHE A 64 1.92 1.11 3.78
N ASN A 65 1.29 1.03 4.94
CA ASN A 65 1.98 0.65 6.18
C ASN A 65 2.89 -0.56 5.94
N GLU A 66 2.38 -1.54 5.22
CA GLU A 66 3.14 -2.75 4.93
C GLU A 66 4.25 -2.47 3.92
N PHE A 67 3.89 -1.78 2.83
CA PHE A 67 4.86 -1.44 1.80
C PHE A 67 6.13 -0.87 2.41
N VAL A 68 5.97 0.20 3.18
CA VAL A 68 7.11 0.86 3.83
C VAL A 68 7.80 -0.08 4.81
N ALA A 69 7.01 -0.69 5.69
CA ALA A 69 7.54 -1.61 6.69
C ALA A 69 8.64 -2.49 6.09
N ALA A 70 8.41 -2.97 4.87
CA ALA A 70 9.39 -3.82 4.19
C ALA A 70 10.41 -2.98 3.43
N ALA A 71 9.93 -1.93 2.76
CA ALA A 71 10.80 -1.05 2.00
C ALA A 71 11.99 -0.59 2.84
N ARG A 72 11.80 -0.54 4.16
CA ARG A 72 12.85 -0.12 5.06
C ARG A 72 13.62 -1.32 5.60
N LYS A 73 13.80 -2.32 4.75
CA LYS A 73 14.52 -3.53 5.14
C LYS A 73 15.02 -4.28 3.91
N LYS A 74 16.02 -5.14 4.11
CA LYS A 74 16.59 -5.91 3.02
C LYS A 74 16.60 -7.40 3.36
N GLU A 75 16.73 -7.71 4.64
CA GLU A 75 16.75 -9.10 5.10
C GLU A 75 15.49 -9.42 5.92
N LYS A 76 14.37 -8.86 5.50
CA LYS A 76 13.10 -9.08 6.19
C LYS A 76 12.52 -10.44 5.82
N GLU A 77 13.32 -11.49 6.00
CA GLU A 77 12.87 -12.85 5.69
C GLU A 77 11.71 -13.26 6.59
N SER A 78 11.79 -12.91 7.86
CA SER A 78 10.74 -13.24 8.82
C SER A 78 9.37 -12.93 8.25
N GLY A 79 9.19 -11.70 7.77
CA GLY A 79 7.93 -11.30 7.21
C GLY A 79 7.12 -10.42 8.15
N PRO A 80 5.82 -10.28 7.86
CA PRO A 80 4.91 -9.46 8.68
C PRO A 80 4.64 -10.10 10.05
N SER A 81 4.68 -11.43 10.09
CA SER A 81 4.43 -12.16 11.33
C SER A 81 5.57 -13.12 11.63
N SER A 82 5.83 -13.34 12.92
CA SER A 82 6.90 -14.24 13.34
C SER A 82 6.35 -15.63 13.64
N GLY A 83 5.29 -15.69 14.44
CA GLY A 83 4.69 -16.96 14.79
C GLY A 83 3.22 -17.02 14.42
#